data_9H70
# 
_entry.id   9H70 
# 
_audit_conform.dict_name       mmcif_pdbx.dic 
_audit_conform.dict_version    5.406 
_audit_conform.dict_location   http://mmcif.pdb.org/dictionaries/ascii/mmcif_pdbx.dic 
# 
loop_
_database_2.database_id 
_database_2.database_code 
_database_2.pdbx_database_accession 
_database_2.pdbx_DOI 
PDB   9H70         pdb_00009h70 10.2210/pdb9h70/pdb 
WWPDB D_1292142423 ?            ?                   
# 
_pdbx_audit_revision_history.ordinal             1 
_pdbx_audit_revision_history.data_content_type   'Structure model' 
_pdbx_audit_revision_history.major_revision      1 
_pdbx_audit_revision_history.minor_revision      0 
_pdbx_audit_revision_history.revision_date       2025-11-05 
_pdbx_audit_revision_history.part_number         ? 
# 
_pdbx_audit_revision_details.ordinal             1 
_pdbx_audit_revision_details.revision_ordinal    1 
_pdbx_audit_revision_details.data_content_type   'Structure model' 
_pdbx_audit_revision_details.provider            repository 
_pdbx_audit_revision_details.type                'Initial release' 
_pdbx_audit_revision_details.description         ? 
_pdbx_audit_revision_details.details             ? 
# 
_pdbx_database_status.status_code                     REL 
_pdbx_database_status.status_code_sf                  REL 
_pdbx_database_status.status_code_mr                  ? 
_pdbx_database_status.entry_id                        9H70 
_pdbx_database_status.recvd_initial_deposition_date   2024-10-25 
_pdbx_database_status.SG_entry                        N 
_pdbx_database_status.deposit_site                    PDBE 
_pdbx_database_status.process_site                    PDBE 
_pdbx_database_status.status_code_cs                  ? 
_pdbx_database_status.status_code_nmr_data            ? 
_pdbx_database_status.methods_development_category    ? 
_pdbx_database_status.pdb_format_compatible           Y 
# 
_pdbx_contact_author.id                 2 
_pdbx_contact_author.email              xenie.johnson@cea.fr 
_pdbx_contact_author.name_first         Xenie 
_pdbx_contact_author.name_last          Johnson 
_pdbx_contact_author.name_mi            ? 
_pdbx_contact_author.role               'principal investigator/group leader' 
_pdbx_contact_author.identifier_ORCID   0000-0003-3424-7047 
# 
loop_
_audit_author.name 
_audit_author.pdbx_ordinal 
_audit_author.identifier_ORCID 
'Siponen, M.I.'      1 ? 
'Vidal Meireles, A.' 2 ? 
'Malesinski, S.'     3 ? 
'Johnson, X.'        4 ? 
# 
_citation.abstract                  ? 
_citation.abstract_id_CAS           ? 
_citation.book_id_ISBN              ? 
_citation.book_publisher            ? 
_citation.book_publisher_city       ? 
_citation.book_title                ? 
_citation.coordinate_linkage        ? 
_citation.country                   ? 
_citation.database_id_Medline       ? 
_citation.details                   ? 
_citation.id                        primary 
_citation.journal_abbrev            'To Be Published' 
_citation.journal_id_ASTM           ? 
_citation.journal_id_CSD            0353 
_citation.journal_id_ISSN           ? 
_citation.journal_full              ? 
_citation.journal_issue             ? 
_citation.journal_volume            ? 
_citation.language                  ? 
_citation.page_first                ? 
_citation.page_last                 ? 
_citation.title                     'Crystal structure of LMTP1' 
_citation.year                      ? 
_citation.database_id_CSD           ? 
_citation.pdbx_database_id_DOI      ? 
_citation.pdbx_database_id_PubMed   ? 
_citation.pdbx_database_id_patent   ? 
_citation.unpublished_flag          ? 
# 
loop_
_citation_author.citation_id 
_citation_author.name 
_citation_author.ordinal 
_citation_author.identifier_ORCID 
primary 'Siponen, M.I.'      1 ? 
primary 'Vidal Meireles, A.' 2 ? 
primary 'Malesinski, S.'     3 ? 
primary 'Johnson, X.'        4 ? 
# 
loop_
_entity.id 
_entity.type 
_entity.src_method 
_entity.pdbx_description 
_entity.formula_weight 
_entity.pdbx_number_of_molecules 
_entity.pdbx_ec 
_entity.pdbx_mutation 
_entity.pdbx_fragment 
_entity.details 
1 polymer     man 'TPM domain-containing protein' 21315.779 1  ? ? ? ? 
2 non-polymer syn 'CALCIUM ION'                   40.078    1  ? ? ? ? 
3 water       nat water                           18.015    95 ? ? ? ? 
# 
_entity_poly.entity_id                      1 
_entity_poly.type                           'polypeptide(L)' 
_entity_poly.nstd_linkage                   no 
_entity_poly.nstd_monomer                   no 
_entity_poly.pdbx_seq_one_letter_code       
;MHHHHHHSSGVDLGTENLYFQSMRPEGVNRPNLLPKGEVTSVIDVAGFLTPSEEKRIITEVSDLEKDTGFKLRVLAQNYP
ETPGLAIREYWGVDDNTVVFVADPTFGDILNFNVGAGIDLEVPRSFWGRLAGKYGNKFYWQENGEAASILNAVSAIDTCL
REEPGRFKCSTVQGDFGEKATSGPFGKAFGLDK
;
_entity_poly.pdbx_seq_one_letter_code_can   
;MHHHHHHSSGVDLGTENLYFQSMRPEGVNRPNLLPKGEVTSVIDVAGFLTPSEEKRIITEVSDLEKDTGFKLRVLAQNYP
ETPGLAIREYWGVDDNTVVFVADPTFGDILNFNVGAGIDLEVPRSFWGRLAGKYGNKFYWQENGEAASILNAVSAIDTCL
REEPGRFKCSTVQGDFGEKATSGPFGKAFGLDK
;
_entity_poly.pdbx_strand_id                 A 
_entity_poly.pdbx_target_identifier         ? 
# 
loop_
_pdbx_entity_nonpoly.entity_id 
_pdbx_entity_nonpoly.name 
_pdbx_entity_nonpoly.comp_id 
2 'CALCIUM ION' CA  
3 water         HOH 
# 
loop_
_entity_poly_seq.entity_id 
_entity_poly_seq.num 
_entity_poly_seq.mon_id 
_entity_poly_seq.hetero 
1 1   MET n 
1 2   HIS n 
1 3   HIS n 
1 4   HIS n 
1 5   HIS n 
1 6   HIS n 
1 7   HIS n 
1 8   SER n 
1 9   SER n 
1 10  GLY n 
1 11  VAL n 
1 12  ASP n 
1 13  LEU n 
1 14  GLY n 
1 15  THR n 
1 16  GLU n 
1 17  ASN n 
1 18  LEU n 
1 19  TYR n 
1 20  PHE n 
1 21  GLN n 
1 22  SER n 
1 23  MET n 
1 24  ARG n 
1 25  PRO n 
1 26  GLU n 
1 27  GLY n 
1 28  VAL n 
1 29  ASN n 
1 30  ARG n 
1 31  PRO n 
1 32  ASN n 
1 33  LEU n 
1 34  LEU n 
1 35  PRO n 
1 36  LYS n 
1 37  GLY n 
1 38  GLU n 
1 39  VAL n 
1 40  THR n 
1 41  SER n 
1 42  VAL n 
1 43  ILE n 
1 44  ASP n 
1 45  VAL n 
1 46  ALA n 
1 47  GLY n 
1 48  PHE n 
1 49  LEU n 
1 50  THR n 
1 51  PRO n 
1 52  SER n 
1 53  GLU n 
1 54  GLU n 
1 55  LYS n 
1 56  ARG n 
1 57  ILE n 
1 58  ILE n 
1 59  THR n 
1 60  GLU n 
1 61  VAL n 
1 62  SER n 
1 63  ASP n 
1 64  LEU n 
1 65  GLU n 
1 66  LYS n 
1 67  ASP n 
1 68  THR n 
1 69  GLY n 
1 70  PHE n 
1 71  LYS n 
1 72  LEU n 
1 73  ARG n 
1 74  VAL n 
1 75  LEU n 
1 76  ALA n 
1 77  GLN n 
1 78  ASN n 
1 79  TYR n 
1 80  PRO n 
1 81  GLU n 
1 82  THR n 
1 83  PRO n 
1 84  GLY n 
1 85  LEU n 
1 86  ALA n 
1 87  ILE n 
1 88  ARG n 
1 89  GLU n 
1 90  TYR n 
1 91  TRP n 
1 92  GLY n 
1 93  VAL n 
1 94  ASP n 
1 95  ASP n 
1 96  ASN n 
1 97  THR n 
1 98  VAL n 
1 99  VAL n 
1 100 PHE n 
1 101 VAL n 
1 102 ALA n 
1 103 ASP n 
1 104 PRO n 
1 105 THR n 
1 106 PHE n 
1 107 GLY n 
1 108 ASP n 
1 109 ILE n 
1 110 LEU n 
1 111 ASN n 
1 112 PHE n 
1 113 ASN n 
1 114 VAL n 
1 115 GLY n 
1 116 ALA n 
1 117 GLY n 
1 118 ILE n 
1 119 ASP n 
1 120 LEU n 
1 121 GLU n 
1 122 VAL n 
1 123 PRO n 
1 124 ARG n 
1 125 SER n 
1 126 PHE n 
1 127 TRP n 
1 128 GLY n 
1 129 ARG n 
1 130 LEU n 
1 131 ALA n 
1 132 GLY n 
1 133 LYS n 
1 134 TYR n 
1 135 GLY n 
1 136 ASN n 
1 137 LYS n 
1 138 PHE n 
1 139 TYR n 
1 140 TRP n 
1 141 GLN n 
1 142 GLU n 
1 143 ASN n 
1 144 GLY n 
1 145 GLU n 
1 146 ALA n 
1 147 ALA n 
1 148 SER n 
1 149 ILE n 
1 150 LEU n 
1 151 ASN n 
1 152 ALA n 
1 153 VAL n 
1 154 SER n 
1 155 ALA n 
1 156 ILE n 
1 157 ASP n 
1 158 THR n 
1 159 CYS n 
1 160 LEU n 
1 161 ARG n 
1 162 GLU n 
1 163 GLU n 
1 164 PRO n 
1 165 GLY n 
1 166 ARG n 
1 167 PHE n 
1 168 LYS n 
1 169 CYS n 
1 170 SER n 
1 171 THR n 
1 172 VAL n 
1 173 GLN n 
1 174 GLY n 
1 175 ASP n 
1 176 PHE n 
1 177 GLY n 
1 178 GLU n 
1 179 LYS n 
1 180 ALA n 
1 181 THR n 
1 182 SER n 
1 183 GLY n 
1 184 PRO n 
1 185 PHE n 
1 186 GLY n 
1 187 LYS n 
1 188 ALA n 
1 189 PHE n 
1 190 GLY n 
1 191 LEU n 
1 192 ASP n 
1 193 LYS n 
# 
_entity_src_gen.entity_id                          1 
_entity_src_gen.pdbx_src_id                        1 
_entity_src_gen.pdbx_alt_source_flag               sample 
_entity_src_gen.pdbx_seq_type                      'Biological sequence' 
_entity_src_gen.pdbx_beg_seq_num                   1 
_entity_src_gen.pdbx_end_seq_num                   193 
_entity_src_gen.gene_src_common_name               ? 
_entity_src_gen.gene_src_genus                     ? 
_entity_src_gen.pdbx_gene_src_gene                 CHLRE_15g636050v5 
_entity_src_gen.gene_src_species                   ? 
_entity_src_gen.gene_src_strain                    ? 
_entity_src_gen.gene_src_tissue                    ? 
_entity_src_gen.gene_src_tissue_fraction           ? 
_entity_src_gen.gene_src_details                   ? 
_entity_src_gen.pdbx_gene_src_fragment             ? 
_entity_src_gen.pdbx_gene_src_scientific_name      'Chlamydomonas reinhardtii' 
_entity_src_gen.pdbx_gene_src_ncbi_taxonomy_id     3055 
_entity_src_gen.pdbx_gene_src_variant              ? 
_entity_src_gen.pdbx_gene_src_cell_line            ? 
_entity_src_gen.pdbx_gene_src_atcc                 ? 
_entity_src_gen.pdbx_gene_src_organ                ? 
_entity_src_gen.pdbx_gene_src_organelle            ? 
_entity_src_gen.pdbx_gene_src_cell                 ? 
_entity_src_gen.pdbx_gene_src_cellular_location    ? 
_entity_src_gen.host_org_common_name               ? 
_entity_src_gen.pdbx_host_org_scientific_name      'Escherichia coli' 
_entity_src_gen.pdbx_host_org_ncbi_taxonomy_id     562 
_entity_src_gen.host_org_genus                     ? 
_entity_src_gen.pdbx_host_org_gene                 ? 
_entity_src_gen.pdbx_host_org_organ                ? 
_entity_src_gen.host_org_species                   ? 
_entity_src_gen.pdbx_host_org_tissue               ? 
_entity_src_gen.pdbx_host_org_tissue_fraction      ? 
_entity_src_gen.pdbx_host_org_strain               ? 
_entity_src_gen.pdbx_host_org_variant              ? 
_entity_src_gen.pdbx_host_org_cell_line            ? 
_entity_src_gen.pdbx_host_org_atcc                 ? 
_entity_src_gen.pdbx_host_org_culture_collection   ? 
_entity_src_gen.pdbx_host_org_cell                 ? 
_entity_src_gen.pdbx_host_org_organelle            ? 
_entity_src_gen.pdbx_host_org_cellular_location    ? 
_entity_src_gen.pdbx_host_org_vector_type          ? 
_entity_src_gen.pdbx_host_org_vector               ? 
_entity_src_gen.host_org_details                   ? 
_entity_src_gen.expression_system_id               ? 
_entity_src_gen.plasmid_name                       ? 
_entity_src_gen.plasmid_details                    ? 
_entity_src_gen.pdbx_description                   ? 
# 
loop_
_chem_comp.id 
_chem_comp.type 
_chem_comp.mon_nstd_flag 
_chem_comp.name 
_chem_comp.pdbx_synonyms 
_chem_comp.formula 
_chem_comp.formula_weight 
ALA 'L-peptide linking' y ALANINE         ? 'C3 H7 N O2'     89.093  
ARG 'L-peptide linking' y ARGININE        ? 'C6 H15 N4 O2 1' 175.209 
ASN 'L-peptide linking' y ASPARAGINE      ? 'C4 H8 N2 O3'    132.118 
ASP 'L-peptide linking' y 'ASPARTIC ACID' ? 'C4 H7 N O4'     133.103 
CA  non-polymer         . 'CALCIUM ION'   ? 'Ca 2'           40.078  
CYS 'L-peptide linking' y CYSTEINE        ? 'C3 H7 N O2 S'   121.158 
GLN 'L-peptide linking' y GLUTAMINE       ? 'C5 H10 N2 O3'   146.144 
GLU 'L-peptide linking' y 'GLUTAMIC ACID' ? 'C5 H9 N O4'     147.129 
GLY 'peptide linking'   y GLYCINE         ? 'C2 H5 N O2'     75.067  
HIS 'L-peptide linking' y HISTIDINE       ? 'C6 H10 N3 O2 1' 156.162 
HOH non-polymer         . WATER           ? 'H2 O'           18.015  
ILE 'L-peptide linking' y ISOLEUCINE      ? 'C6 H13 N O2'    131.173 
LEU 'L-peptide linking' y LEUCINE         ? 'C6 H13 N O2'    131.173 
LYS 'L-peptide linking' y LYSINE          ? 'C6 H15 N2 O2 1' 147.195 
MET 'L-peptide linking' y METHIONINE      ? 'C5 H11 N O2 S'  149.211 
PHE 'L-peptide linking' y PHENYLALANINE   ? 'C9 H11 N O2'    165.189 
PRO 'L-peptide linking' y PROLINE         ? 'C5 H9 N O2'     115.130 
SER 'L-peptide linking' y SERINE          ? 'C3 H7 N O3'     105.093 
THR 'L-peptide linking' y THREONINE       ? 'C4 H9 N O3'     119.119 
TRP 'L-peptide linking' y TRYPTOPHAN      ? 'C11 H12 N2 O2'  204.225 
TYR 'L-peptide linking' y TYROSINE        ? 'C9 H11 N O3'    181.189 
VAL 'L-peptide linking' y VALINE          ? 'C5 H11 N O2'    117.146 
# 
loop_
_pdbx_poly_seq_scheme.asym_id 
_pdbx_poly_seq_scheme.entity_id 
_pdbx_poly_seq_scheme.seq_id 
_pdbx_poly_seq_scheme.mon_id 
_pdbx_poly_seq_scheme.ndb_seq_num 
_pdbx_poly_seq_scheme.pdb_seq_num 
_pdbx_poly_seq_scheme.auth_seq_num 
_pdbx_poly_seq_scheme.pdb_mon_id 
_pdbx_poly_seq_scheme.auth_mon_id 
_pdbx_poly_seq_scheme.pdb_strand_id 
_pdbx_poly_seq_scheme.pdb_ins_code 
_pdbx_poly_seq_scheme.hetero 
A 1 1   MET 1   1   ?   ?   ?   A . n 
A 1 2   HIS 2   2   ?   ?   ?   A . n 
A 1 3   HIS 3   3   ?   ?   ?   A . n 
A 1 4   HIS 4   4   ?   ?   ?   A . n 
A 1 5   HIS 5   5   ?   ?   ?   A . n 
A 1 6   HIS 6   6   ?   ?   ?   A . n 
A 1 7   HIS 7   7   ?   ?   ?   A . n 
A 1 8   SER 8   8   ?   ?   ?   A . n 
A 1 9   SER 9   9   ?   ?   ?   A . n 
A 1 10  GLY 10  10  ?   ?   ?   A . n 
A 1 11  VAL 11  11  ?   ?   ?   A . n 
A 1 12  ASP 12  12  ?   ?   ?   A . n 
A 1 13  LEU 13  13  ?   ?   ?   A . n 
A 1 14  GLY 14  14  ?   ?   ?   A . n 
A 1 15  THR 15  15  ?   ?   ?   A . n 
A 1 16  GLU 16  16  ?   ?   ?   A . n 
A 1 17  ASN 17  17  ?   ?   ?   A . n 
A 1 18  LEU 18  18  ?   ?   ?   A . n 
A 1 19  TYR 19  19  ?   ?   ?   A . n 
A 1 20  PHE 20  20  ?   ?   ?   A . n 
A 1 21  GLN 21  21  ?   ?   ?   A . n 
A 1 22  SER 22  22  ?   ?   ?   A . n 
A 1 23  MET 23  23  ?   ?   ?   A . n 
A 1 24  ARG 24  24  24  ARG ARG A . n 
A 1 25  PRO 25  25  25  PRO PRO A . n 
A 1 26  GLU 26  26  26  GLU GLU A . n 
A 1 27  GLY 27  27  27  GLY GLY A . n 
A 1 28  VAL 28  28  28  VAL VAL A . n 
A 1 29  ASN 29  29  29  ASN ASN A . n 
A 1 30  ARG 30  30  30  ARG ARG A . n 
A 1 31  PRO 31  31  31  PRO PRO A . n 
A 1 32  ASN 32  32  32  ASN ASN A . n 
A 1 33  LEU 33  33  33  LEU LEU A . n 
A 1 34  LEU 34  34  34  LEU LEU A . n 
A 1 35  PRO 35  35  35  PRO PRO A . n 
A 1 36  LYS 36  36  36  LYS LYS A . n 
A 1 37  GLY 37  37  37  GLY GLY A . n 
A 1 38  GLU 38  38  38  GLU GLU A . n 
A 1 39  VAL 39  39  39  VAL VAL A . n 
A 1 40  THR 40  40  40  THR THR A . n 
A 1 41  SER 41  41  41  SER SER A . n 
A 1 42  VAL 42  42  42  VAL VAL A . n 
A 1 43  ILE 43  43  43  ILE ILE A . n 
A 1 44  ASP 44  44  44  ASP ASP A . n 
A 1 45  VAL 45  45  45  VAL VAL A . n 
A 1 46  ALA 46  46  46  ALA ALA A . n 
A 1 47  GLY 47  47  47  GLY GLY A . n 
A 1 48  PHE 48  48  48  PHE PHE A . n 
A 1 49  LEU 49  49  49  LEU LEU A . n 
A 1 50  THR 50  50  50  THR THR A . n 
A 1 51  PRO 51  51  51  PRO PRO A . n 
A 1 52  SER 52  52  52  SER SER A . n 
A 1 53  GLU 53  53  53  GLU GLU A . n 
A 1 54  GLU 54  54  54  GLU GLU A . n 
A 1 55  LYS 55  55  55  LYS LYS A . n 
A 1 56  ARG 56  56  56  ARG ARG A . n 
A 1 57  ILE 57  57  57  ILE ILE A . n 
A 1 58  ILE 58  58  58  ILE ILE A . n 
A 1 59  THR 59  59  59  THR THR A . n 
A 1 60  GLU 60  60  60  GLU GLU A . n 
A 1 61  VAL 61  61  61  VAL VAL A . n 
A 1 62  SER 62  62  62  SER SER A . n 
A 1 63  ASP 63  63  63  ASP ASP A . n 
A 1 64  LEU 64  64  64  LEU LEU A . n 
A 1 65  GLU 65  65  65  GLU GLU A . n 
A 1 66  LYS 66  66  66  LYS LYS A . n 
A 1 67  ASP 67  67  67  ASP ASP A . n 
A 1 68  THR 68  68  68  THR THR A . n 
A 1 69  GLY 69  69  69  GLY GLY A . n 
A 1 70  PHE 70  70  70  PHE PHE A . n 
A 1 71  LYS 71  71  71  LYS LYS A . n 
A 1 72  LEU 72  72  72  LEU LEU A . n 
A 1 73  ARG 73  73  73  ARG ARG A . n 
A 1 74  VAL 74  74  74  VAL VAL A . n 
A 1 75  LEU 75  75  75  LEU LEU A . n 
A 1 76  ALA 76  76  76  ALA ALA A . n 
A 1 77  GLN 77  77  77  GLN GLN A . n 
A 1 78  ASN 78  78  78  ASN ASN A . n 
A 1 79  TYR 79  79  79  TYR TYR A . n 
A 1 80  PRO 80  80  80  PRO PRO A . n 
A 1 81  GLU 81  81  81  GLU GLU A . n 
A 1 82  THR 82  82  82  THR THR A . n 
A 1 83  PRO 83  83  83  PRO PRO A . n 
A 1 84  GLY 84  84  84  GLY GLY A . n 
A 1 85  LEU 85  85  85  LEU LEU A . n 
A 1 86  ALA 86  86  86  ALA ALA A . n 
A 1 87  ILE 87  87  87  ILE ILE A . n 
A 1 88  ARG 88  88  88  ARG ARG A . n 
A 1 89  GLU 89  89  89  GLU GLU A . n 
A 1 90  TYR 90  90  90  TYR TYR A . n 
A 1 91  TRP 91  91  91  TRP TRP A . n 
A 1 92  GLY 92  92  92  GLY GLY A . n 
A 1 93  VAL 93  93  93  VAL VAL A . n 
A 1 94  ASP 94  94  94  ASP ASP A . n 
A 1 95  ASP 95  95  95  ASP ASP A . n 
A 1 96  ASN 96  96  96  ASN ASN A . n 
A 1 97  THR 97  97  97  THR THR A . n 
A 1 98  VAL 98  98  98  VAL VAL A . n 
A 1 99  VAL 99  99  99  VAL VAL A . n 
A 1 100 PHE 100 100 100 PHE PHE A . n 
A 1 101 VAL 101 101 101 VAL VAL A . n 
A 1 102 ALA 102 102 102 ALA ALA A . n 
A 1 103 ASP 103 103 103 ASP ASP A . n 
A 1 104 PRO 104 104 104 PRO PRO A . n 
A 1 105 THR 105 105 105 THR THR A . n 
A 1 106 PHE 106 106 106 PHE PHE A . n 
A 1 107 GLY 107 107 107 GLY GLY A . n 
A 1 108 ASP 108 108 108 ASP ASP A . n 
A 1 109 ILE 109 109 109 ILE ILE A . n 
A 1 110 LEU 110 110 110 LEU LEU A . n 
A 1 111 ASN 111 111 111 ASN ASN A . n 
A 1 112 PHE 112 112 112 PHE PHE A . n 
A 1 113 ASN 113 113 113 ASN ASN A . n 
A 1 114 VAL 114 114 114 VAL VAL A . n 
A 1 115 GLY 115 115 115 GLY GLY A . n 
A 1 116 ALA 116 116 116 ALA ALA A . n 
A 1 117 GLY 117 117 117 GLY GLY A . n 
A 1 118 ILE 118 118 118 ILE ILE A . n 
A 1 119 ASP 119 119 119 ASP ASP A . n 
A 1 120 LEU 120 120 120 LEU LEU A . n 
A 1 121 GLU 121 121 121 GLU GLU A . n 
A 1 122 VAL 122 122 122 VAL VAL A . n 
A 1 123 PRO 123 123 123 PRO PRO A . n 
A 1 124 ARG 124 124 124 ARG ARG A . n 
A 1 125 SER 125 125 125 SER SER A . n 
A 1 126 PHE 126 126 126 PHE PHE A . n 
A 1 127 TRP 127 127 127 TRP TRP A . n 
A 1 128 GLY 128 128 128 GLY GLY A . n 
A 1 129 ARG 129 129 129 ARG ARG A . n 
A 1 130 LEU 130 130 130 LEU LEU A . n 
A 1 131 ALA 131 131 131 ALA ALA A . n 
A 1 132 GLY 132 132 132 GLY GLY A . n 
A 1 133 LYS 133 133 133 LYS LYS A . n 
A 1 134 TYR 134 134 134 TYR TYR A . n 
A 1 135 GLY 135 135 135 GLY GLY A . n 
A 1 136 ASN 136 136 136 ASN ASN A . n 
A 1 137 LYS 137 137 137 LYS LYS A . n 
A 1 138 PHE 138 138 138 PHE PHE A . n 
A 1 139 TYR 139 139 139 TYR TYR A . n 
A 1 140 TRP 140 140 140 TRP TRP A . n 
A 1 141 GLN 141 141 141 GLN GLN A . n 
A 1 142 GLU 142 142 142 GLU GLU A . n 
A 1 143 ASN 143 143 143 ASN ASN A . n 
A 1 144 GLY 144 144 144 GLY GLY A . n 
A 1 145 GLU 145 145 145 GLU GLU A . n 
A 1 146 ALA 146 146 146 ALA ALA A . n 
A 1 147 ALA 147 147 147 ALA ALA A . n 
A 1 148 SER 148 148 148 SER SER A . n 
A 1 149 ILE 149 149 149 ILE ILE A . n 
A 1 150 LEU 150 150 150 LEU LEU A . n 
A 1 151 ASN 151 151 151 ASN ASN A . n 
A 1 152 ALA 152 152 152 ALA ALA A . n 
A 1 153 VAL 153 153 153 VAL VAL A . n 
A 1 154 SER 154 154 154 SER SER A . n 
A 1 155 ALA 155 155 155 ALA ALA A . n 
A 1 156 ILE 156 156 156 ILE ILE A . n 
A 1 157 ASP 157 157 157 ASP ASP A . n 
A 1 158 THR 158 158 158 THR THR A . n 
A 1 159 CYS 159 159 159 CYS CYS A . n 
A 1 160 LEU 160 160 160 LEU LEU A . n 
A 1 161 ARG 161 161 161 ARG ARG A . n 
A 1 162 GLU 162 162 162 GLU GLU A . n 
A 1 163 GLU 163 163 163 GLU GLU A . n 
A 1 164 PRO 164 164 164 PRO PRO A . n 
A 1 165 GLY 165 165 165 GLY GLY A . n 
A 1 166 ARG 166 166 166 ARG ARG A . n 
A 1 167 PHE 167 167 167 PHE PHE A . n 
A 1 168 LYS 168 168 168 LYS LYS A . n 
A 1 169 CYS 169 169 169 CYS CYS A . n 
A 1 170 SER 170 170 170 SER SER A . n 
A 1 171 THR 171 171 171 THR THR A . n 
A 1 172 VAL 172 172 172 VAL VAL A . n 
A 1 173 GLN 173 173 173 GLN GLN A . n 
A 1 174 GLY 174 174 174 GLY GLY A . n 
A 1 175 ASP 175 175 175 ASP ASP A . n 
A 1 176 PHE 176 176 176 PHE PHE A . n 
A 1 177 GLY 177 177 177 GLY GLY A . n 
A 1 178 GLU 178 178 ?   ?   ?   A . n 
A 1 179 LYS 179 179 ?   ?   ?   A . n 
A 1 180 ALA 180 180 ?   ?   ?   A . n 
A 1 181 THR 181 181 ?   ?   ?   A . n 
A 1 182 SER 182 182 ?   ?   ?   A . n 
A 1 183 GLY 183 183 ?   ?   ?   A . n 
A 1 184 PRO 184 184 ?   ?   ?   A . n 
A 1 185 PHE 185 185 ?   ?   ?   A . n 
A 1 186 GLY 186 186 ?   ?   ?   A . n 
A 1 187 LYS 187 187 ?   ?   ?   A . n 
A 1 188 ALA 188 188 ?   ?   ?   A . n 
A 1 189 PHE 189 189 ?   ?   ?   A . n 
A 1 190 GLY 190 190 ?   ?   ?   A . n 
A 1 191 LEU 191 191 ?   ?   ?   A . n 
A 1 192 ASP 192 192 ?   ?   ?   A . n 
A 1 193 LYS 193 193 ?   ?   ?   A . n 
# 
_pdbx_entity_instance_feature.ordinal        1 
_pdbx_entity_instance_feature.comp_id        CA 
_pdbx_entity_instance_feature.asym_id        ? 
_pdbx_entity_instance_feature.seq_num        ? 
_pdbx_entity_instance_feature.auth_comp_id   CA 
_pdbx_entity_instance_feature.auth_asym_id   ? 
_pdbx_entity_instance_feature.auth_seq_num   ? 
_pdbx_entity_instance_feature.feature_type   'SUBJECT OF INVESTIGATION' 
_pdbx_entity_instance_feature.details        ? 
# 
loop_
_pdbx_nonpoly_scheme.asym_id 
_pdbx_nonpoly_scheme.entity_id 
_pdbx_nonpoly_scheme.mon_id 
_pdbx_nonpoly_scheme.ndb_seq_num 
_pdbx_nonpoly_scheme.pdb_seq_num 
_pdbx_nonpoly_scheme.auth_seq_num 
_pdbx_nonpoly_scheme.pdb_mon_id 
_pdbx_nonpoly_scheme.auth_mon_id 
_pdbx_nonpoly_scheme.pdb_strand_id 
_pdbx_nonpoly_scheme.pdb_ins_code 
B 2 CA  1  201 1   CA  CA  A . 
C 3 HOH 1  301 82  HOH HOH A . 
C 3 HOH 2  302 18  HOH HOH A . 
C 3 HOH 3  303 105 HOH HOH A . 
C 3 HOH 4  304 50  HOH HOH A . 
C 3 HOH 5  305 59  HOH HOH A . 
C 3 HOH 6  306 111 HOH HOH A . 
C 3 HOH 7  307 65  HOH HOH A . 
C 3 HOH 8  308 67  HOH HOH A . 
C 3 HOH 9  309 16  HOH HOH A . 
C 3 HOH 10 310 52  HOH HOH A . 
C 3 HOH 11 311 34  HOH HOH A . 
C 3 HOH 12 312 80  HOH HOH A . 
C 3 HOH 13 313 72  HOH HOH A . 
C 3 HOH 14 314 73  HOH HOH A . 
C 3 HOH 15 315 37  HOH HOH A . 
C 3 HOH 16 316 53  HOH HOH A . 
C 3 HOH 17 317 41  HOH HOH A . 
C 3 HOH 18 318 36  HOH HOH A . 
C 3 HOH 19 319 21  HOH HOH A . 
C 3 HOH 20 320 57  HOH HOH A . 
C 3 HOH 21 321 9   HOH HOH A . 
C 3 HOH 22 322 62  HOH HOH A . 
C 3 HOH 23 323 14  HOH HOH A . 
C 3 HOH 24 324 48  HOH HOH A . 
C 3 HOH 25 325 27  HOH HOH A . 
C 3 HOH 26 326 83  HOH HOH A . 
C 3 HOH 27 327 3   HOH HOH A . 
C 3 HOH 28 328 68  HOH HOH A . 
C 3 HOH 29 329 47  HOH HOH A . 
C 3 HOH 30 330 31  HOH HOH A . 
C 3 HOH 31 331 71  HOH HOH A . 
C 3 HOH 32 332 5   HOH HOH A . 
C 3 HOH 33 333 6   HOH HOH A . 
C 3 HOH 34 334 87  HOH HOH A . 
C 3 HOH 35 335 24  HOH HOH A . 
C 3 HOH 36 336 11  HOH HOH A . 
C 3 HOH 37 337 19  HOH HOH A . 
C 3 HOH 38 338 1   HOH HOH A . 
C 3 HOH 39 339 13  HOH HOH A . 
C 3 HOH 40 340 46  HOH HOH A . 
C 3 HOH 41 341 25  HOH HOH A . 
C 3 HOH 42 342 74  HOH HOH A . 
C 3 HOH 43 343 26  HOH HOH A . 
C 3 HOH 44 344 7   HOH HOH A . 
C 3 HOH 45 345 4   HOH HOH A . 
C 3 HOH 46 346 15  HOH HOH A . 
C 3 HOH 47 347 42  HOH HOH A . 
C 3 HOH 48 348 29  HOH HOH A . 
C 3 HOH 49 349 8   HOH HOH A . 
C 3 HOH 50 350 84  HOH HOH A . 
C 3 HOH 51 351 55  HOH HOH A . 
C 3 HOH 52 352 97  HOH HOH A . 
C 3 HOH 53 353 86  HOH HOH A . 
C 3 HOH 54 354 49  HOH HOH A . 
C 3 HOH 55 355 23  HOH HOH A . 
C 3 HOH 56 356 88  HOH HOH A . 
C 3 HOH 57 357 100 HOH HOH A . 
C 3 HOH 58 358 116 HOH HOH A . 
C 3 HOH 59 359 33  HOH HOH A . 
C 3 HOH 60 360 64  HOH HOH A . 
C 3 HOH 61 361 2   HOH HOH A . 
C 3 HOH 62 362 61  HOH HOH A . 
C 3 HOH 63 363 12  HOH HOH A . 
C 3 HOH 64 364 79  HOH HOH A . 
C 3 HOH 65 365 51  HOH HOH A . 
C 3 HOH 66 366 69  HOH HOH A . 
C 3 HOH 67 367 104 HOH HOH A . 
C 3 HOH 68 368 178 HOH HOH A . 
C 3 HOH 69 369 170 HOH HOH A . 
C 3 HOH 70 370 184 HOH HOH A . 
C 3 HOH 71 371 168 HOH HOH A . 
C 3 HOH 72 372 10  HOH HOH A . 
C 3 HOH 73 373 202 HOH HOH A . 
C 3 HOH 74 374 166 HOH HOH A . 
C 3 HOH 75 375 106 HOH HOH A . 
C 3 HOH 76 376 20  HOH HOH A . 
C 3 HOH 77 377 171 HOH HOH A . 
C 3 HOH 78 378 199 HOH HOH A . 
C 3 HOH 79 379 200 HOH HOH A . 
C 3 HOH 80 380 144 HOH HOH A . 
C 3 HOH 81 381 174 HOH HOH A . 
C 3 HOH 82 382 179 HOH HOH A . 
C 3 HOH 83 383 172 HOH HOH A . 
C 3 HOH 84 384 188 HOH HOH A . 
C 3 HOH 85 385 182 HOH HOH A . 
C 3 HOH 86 386 194 HOH HOH A . 
C 3 HOH 87 387 165 HOH HOH A . 
C 3 HOH 88 388 164 HOH HOH A . 
C 3 HOH 89 389 173 HOH HOH A . 
C 3 HOH 90 390 77  HOH HOH A . 
C 3 HOH 91 391 169 HOH HOH A . 
C 3 HOH 92 392 183 HOH HOH A . 
C 3 HOH 93 393 195 HOH HOH A . 
C 3 HOH 94 394 201 HOH HOH A . 
C 3 HOH 95 395 196 HOH HOH A . 
# 
loop_
_software.citation_id 
_software.classification 
_software.compiler_name 
_software.compiler_version 
_software.contact_author 
_software.contact_author_email 
_software.date 
_software.description 
_software.dependencies 
_software.hardware 
_software.language 
_software.location 
_software.mods 
_software.name 
_software.os 
_software.os_version 
_software.type 
_software.version 
_software.pdbx_ordinal 
? refinement       ? ? ? ? ? ? ? ? ? ? ? REFMAC   ? ? ? 5.8.0425 1 
? 'data reduction' ? ? ? ? ? ? ? ? ? ? ? autoPROC ? ? ? .        2 
? 'data scaling'   ? ? ? ? ? ? ? ? ? ? ? autoPROC ? ? ? .        3 
? phasing          ? ? ? ? ? ? ? ? ? ? ? MrBUMP   ? ? ? .        4 
# 
_cell.angle_alpha                  90.000 
_cell.angle_alpha_esd              ? 
_cell.angle_beta                   90.000 
_cell.angle_beta_esd               ? 
_cell.angle_gamma                  120.000 
_cell.angle_gamma_esd              ? 
_cell.entry_id                     9H70 
_cell.details                      ? 
_cell.formula_units_Z              ? 
_cell.length_a                     93.930 
_cell.length_a_esd                 ? 
_cell.length_b                     93.930 
_cell.length_b_esd                 ? 
_cell.length_c                     52.378 
_cell.length_c_esd                 ? 
_cell.volume                       ? 
_cell.volume_esd                   ? 
_cell.Z_PDB                        6 
_cell.reciprocal_angle_alpha       ? 
_cell.reciprocal_angle_beta        ? 
_cell.reciprocal_angle_gamma       ? 
_cell.reciprocal_angle_alpha_esd   ? 
_cell.reciprocal_angle_beta_esd    ? 
_cell.reciprocal_angle_gamma_esd   ? 
_cell.reciprocal_length_a          ? 
_cell.reciprocal_length_b          ? 
_cell.reciprocal_length_c          ? 
_cell.reciprocal_length_a_esd      ? 
_cell.reciprocal_length_b_esd      ? 
_cell.reciprocal_length_c_esd      ? 
_cell.pdbx_unique_axis             ? 
_cell.pdbx_esd_method              ? 
# 
_symmetry.entry_id                         9H70 
_symmetry.cell_setting                     ? 
_symmetry.Int_Tables_number                154 
_symmetry.space_group_name_Hall            ? 
_symmetry.space_group_name_H-M             'P 32 2 1' 
_symmetry.pdbx_full_space_group_name_H-M   ? 
# 
_exptl.absorpt_coefficient_mu     ? 
_exptl.absorpt_correction_T_max   ? 
_exptl.absorpt_correction_T_min   ? 
_exptl.absorpt_correction_type    ? 
_exptl.absorpt_process_details    ? 
_exptl.entry_id                   9H70 
_exptl.crystals_number            1 
_exptl.details                    ? 
_exptl.method                     'X-RAY DIFFRACTION' 
_exptl.method_details             ? 
# 
_exptl_crystal.colour                       ? 
_exptl_crystal.density_diffrn               ? 
_exptl_crystal.density_Matthews             3.13 
_exptl_crystal.density_method               ? 
_exptl_crystal.density_percent_sol          60.69 
_exptl_crystal.description                  ? 
_exptl_crystal.F_000                        ? 
_exptl_crystal.id                           1 
_exptl_crystal.preparation                  ? 
_exptl_crystal.size_max                     ? 
_exptl_crystal.size_mid                     ? 
_exptl_crystal.size_min                     ? 
_exptl_crystal.size_rad                     ? 
_exptl_crystal.colour_lustre                ? 
_exptl_crystal.colour_modifier              ? 
_exptl_crystal.colour_primary               ? 
_exptl_crystal.density_meas                 ? 
_exptl_crystal.density_meas_esd             ? 
_exptl_crystal.density_meas_gt              ? 
_exptl_crystal.density_meas_lt              ? 
_exptl_crystal.density_meas_temp            ? 
_exptl_crystal.density_meas_temp_esd        ? 
_exptl_crystal.density_meas_temp_gt         ? 
_exptl_crystal.density_meas_temp_lt         ? 
_exptl_crystal.pdbx_crystal_image_url       ? 
_exptl_crystal.pdbx_crystal_image_format    ? 
_exptl_crystal.pdbx_mosaicity               ? 
_exptl_crystal.pdbx_mosaicity_esd           ? 
_exptl_crystal.pdbx_mosaic_method           ? 
_exptl_crystal.pdbx_mosaic_block_size       ? 
_exptl_crystal.pdbx_mosaic_block_size_esd   ? 
# 
_exptl_crystal_grow.apparatus       ? 
_exptl_crystal_grow.atmosphere      ? 
_exptl_crystal_grow.crystal_id      1 
_exptl_crystal_grow.details         ? 
_exptl_crystal_grow.method          'VAPOR DIFFUSION, SITTING DROP' 
_exptl_crystal_grow.method_ref      ? 
_exptl_crystal_grow.pH              ? 
_exptl_crystal_grow.pressure        ? 
_exptl_crystal_grow.pressure_esd    ? 
_exptl_crystal_grow.seeding         ? 
_exptl_crystal_grow.seeding_ref     ? 
_exptl_crystal_grow.temp_details    ? 
_exptl_crystal_grow.temp_esd        ? 
_exptl_crystal_grow.time            ? 
_exptl_crystal_grow.pdbx_details    'CaCl2, HEPES/KOH, PEG 6000' 
_exptl_crystal_grow.pdbx_pH_range   ? 
_exptl_crystal_grow.temp            283 
# 
_diffrn.ambient_environment              ? 
_diffrn.ambient_temp                     100 
_diffrn.ambient_temp_details             ? 
_diffrn.ambient_temp_esd                 ? 
_diffrn.crystal_id                       1 
_diffrn.crystal_support                  ? 
_diffrn.crystal_treatment                ? 
_diffrn.details                          ? 
_diffrn.id                               1 
_diffrn.ambient_pressure                 ? 
_diffrn.ambient_pressure_esd             ? 
_diffrn.ambient_pressure_gt              ? 
_diffrn.ambient_pressure_lt              ? 
_diffrn.ambient_temp_gt                  ? 
_diffrn.ambient_temp_lt                  ? 
_diffrn.pdbx_serial_crystal_experiment   N 
# 
_diffrn_detector.details                      ? 
_diffrn_detector.detector                     PIXEL 
_diffrn_detector.diffrn_id                    1 
_diffrn_detector.type                         'DECTRIS PILATUS 6M' 
_diffrn_detector.area_resol_mean              ? 
_diffrn_detector.dtime                        ? 
_diffrn_detector.pdbx_frames_total            ? 
_diffrn_detector.pdbx_collection_time_total   ? 
_diffrn_detector.pdbx_collection_date         2024-04-16 
_diffrn_detector.pdbx_frequency               ? 
_diffrn_detector.id                           ? 
_diffrn_detector.number_of_axes               ? 
# 
_diffrn_radiation.collimation                      ? 
_diffrn_radiation.diffrn_id                        1 
_diffrn_radiation.filter_edge                      ? 
_diffrn_radiation.inhomogeneity                    ? 
_diffrn_radiation.monochromator                    ? 
_diffrn_radiation.polarisn_norm                    ? 
_diffrn_radiation.polarisn_ratio                   ? 
_diffrn_radiation.probe                            ? 
_diffrn_radiation.type                             ? 
_diffrn_radiation.xray_symbol                      ? 
_diffrn_radiation.wavelength_id                    1 
_diffrn_radiation.pdbx_monochromatic_or_laue_m_l   M 
_diffrn_radiation.pdbx_wavelength_list             ? 
_diffrn_radiation.pdbx_wavelength                  ? 
_diffrn_radiation.pdbx_diffrn_protocol             'SINGLE WAVELENGTH' 
_diffrn_radiation.pdbx_analyzer                    ? 
_diffrn_radiation.pdbx_scattering_type             x-ray 
# 
_diffrn_radiation_wavelength.id           1 
_diffrn_radiation_wavelength.wavelength   0.98 
_diffrn_radiation_wavelength.wt           1.0 
# 
_diffrn_source.current                     ? 
_diffrn_source.details                     ? 
_diffrn_source.diffrn_id                   1 
_diffrn_source.power                       ? 
_diffrn_source.size                        ? 
_diffrn_source.source                      SYNCHROTRON 
_diffrn_source.target                      ? 
_diffrn_source.type                        'ESRF BEAMLINE BM07' 
_diffrn_source.voltage                     ? 
_diffrn_source.take-off_angle              ? 
_diffrn_source.pdbx_wavelength_list        0.98 
_diffrn_source.pdbx_wavelength             ? 
_diffrn_source.pdbx_synchrotron_beamline   BM07 
_diffrn_source.pdbx_synchrotron_site       ESRF 
# 
_reflns.B_iso_Wilson_estimate                          ? 
_reflns.entry_id                                       9H70 
_reflns.data_reduction_details                         ? 
_reflns.data_reduction_method                          ? 
_reflns.d_resolution_high                              1.69 
_reflns.d_resolution_low                               47.01 
_reflns.details                                        ? 
_reflns.limit_h_max                                    ? 
_reflns.limit_h_min                                    ? 
_reflns.limit_k_max                                    ? 
_reflns.limit_k_min                                    ? 
_reflns.limit_l_max                                    ? 
_reflns.limit_l_min                                    ? 
_reflns.number_all                                     ? 
_reflns.number_obs                                     57890 
_reflns.observed_criterion                             ? 
_reflns.observed_criterion_F_max                       ? 
_reflns.observed_criterion_F_min                       ? 
_reflns.observed_criterion_I_max                       ? 
_reflns.observed_criterion_I_min                       ? 
_reflns.observed_criterion_sigma_F                     ? 
_reflns.observed_criterion_sigma_I                     ? 
_reflns.percent_possible_obs                           100 
_reflns.R_free_details                                 ? 
_reflns.Rmerge_F_all                                   ? 
_reflns.Rmerge_F_obs                                   ? 
_reflns.Friedel_coverage                               ? 
_reflns.number_gt                                      ? 
_reflns.threshold_expression                           ? 
_reflns.pdbx_redundancy                                8.3 
_reflns.pdbx_netI_over_av_sigmaI                       ? 
_reflns.pdbx_netI_over_sigmaI                          5.3 
_reflns.pdbx_res_netI_over_av_sigmaI_2                 ? 
_reflns.pdbx_res_netI_over_sigmaI_2                    ? 
_reflns.pdbx_chi_squared                               ? 
_reflns.pdbx_scaling_rejects                           ? 
_reflns.pdbx_d_res_high_opt                            ? 
_reflns.pdbx_d_res_low_opt                             ? 
_reflns.pdbx_d_res_opt_method                          ? 
_reflns.phase_calculation_details                      ? 
_reflns.pdbx_Rrim_I_all                                ? 
_reflns.pdbx_Rpim_I_all                                ? 
_reflns.pdbx_d_opt                                     ? 
_reflns.pdbx_number_measured_all                       ? 
_reflns.pdbx_diffrn_id                                 1 
_reflns.pdbx_ordinal                                   1 
_reflns.pdbx_CC_half                                   ? 
_reflns.pdbx_CC_star                                   ? 
_reflns.pdbx_R_split                                   ? 
_reflns.pdbx_Rmerge_I_obs                              0.31809 
_reflns.pdbx_Rmerge_I_all                              ? 
_reflns.pdbx_Rsym_value                                ? 
_reflns.pdbx_CC_split_method                           ? 
_reflns.pdbx_aniso_diffraction_limit_axis_1_ortho[1]   ? 
_reflns.pdbx_aniso_diffraction_limit_axis_1_ortho[2]   ? 
_reflns.pdbx_aniso_diffraction_limit_axis_1_ortho[3]   ? 
_reflns.pdbx_aniso_diffraction_limit_axis_2_ortho[1]   ? 
_reflns.pdbx_aniso_diffraction_limit_axis_2_ortho[2]   ? 
_reflns.pdbx_aniso_diffraction_limit_axis_2_ortho[3]   ? 
_reflns.pdbx_aniso_diffraction_limit_axis_3_ortho[1]   ? 
_reflns.pdbx_aniso_diffraction_limit_axis_3_ortho[2]   ? 
_reflns.pdbx_aniso_diffraction_limit_axis_3_ortho[3]   ? 
_reflns.pdbx_aniso_diffraction_limit_1                 ? 
_reflns.pdbx_aniso_diffraction_limit_2                 ? 
_reflns.pdbx_aniso_diffraction_limit_3                 ? 
_reflns.pdbx_aniso_B_tensor_eigenvector_1_ortho[1]     ? 
_reflns.pdbx_aniso_B_tensor_eigenvector_1_ortho[2]     ? 
_reflns.pdbx_aniso_B_tensor_eigenvector_1_ortho[3]     ? 
_reflns.pdbx_aniso_B_tensor_eigenvector_2_ortho[1]     ? 
_reflns.pdbx_aniso_B_tensor_eigenvector_2_ortho[2]     ? 
_reflns.pdbx_aniso_B_tensor_eigenvector_2_ortho[3]     ? 
_reflns.pdbx_aniso_B_tensor_eigenvector_3_ortho[1]     ? 
_reflns.pdbx_aniso_B_tensor_eigenvector_3_ortho[2]     ? 
_reflns.pdbx_aniso_B_tensor_eigenvector_3_ortho[3]     ? 
_reflns.pdbx_aniso_B_tensor_eigenvalue_1               ? 
_reflns.pdbx_aniso_B_tensor_eigenvalue_2               ? 
_reflns.pdbx_aniso_B_tensor_eigenvalue_3               ? 
_reflns.pdbx_orthogonalization_convention              ? 
_reflns.pdbx_percent_possible_ellipsoidal              ? 
_reflns.pdbx_percent_possible_spherical                ? 
_reflns.pdbx_percent_possible_ellipsoidal_anomalous    ? 
_reflns.pdbx_percent_possible_spherical_anomalous      ? 
_reflns.pdbx_redundancy_anomalous                      ? 
_reflns.pdbx_CC_half_anomalous                         ? 
_reflns.pdbx_absDiff_over_sigma_anomalous              ? 
_reflns.pdbx_percent_possible_anomalous                ? 
_reflns.pdbx_observed_signal_threshold                 ? 
_reflns.pdbx_signal_type                               ? 
_reflns.pdbx_signal_details                            ? 
_reflns.pdbx_signal_software_id                        ? 
# 
_reflns_shell.d_res_high                                    1.69 
_reflns_shell.d_res_low                                     1.89 
_reflns_shell.meanI_over_sigI_all                           ? 
_reflns_shell.meanI_over_sigI_obs                           ? 
_reflns_shell.number_measured_all                           ? 
_reflns_shell.number_measured_obs                           ? 
_reflns_shell.number_possible                               ? 
_reflns_shell.number_unique_all                             ? 
_reflns_shell.number_unique_obs                             16472 
_reflns_shell.percent_possible_obs                          ? 
_reflns_shell.Rmerge_F_all                                  ? 
_reflns_shell.Rmerge_F_obs                                  ? 
_reflns_shell.meanI_over_sigI_gt                            ? 
_reflns_shell.meanI_over_uI_all                             ? 
_reflns_shell.meanI_over_uI_gt                              ? 
_reflns_shell.number_measured_gt                            ? 
_reflns_shell.number_unique_gt                              ? 
_reflns_shell.percent_possible_gt                           ? 
_reflns_shell.Rmerge_F_gt                                   ? 
_reflns_shell.Rmerge_I_gt                                   ? 
_reflns_shell.pdbx_redundancy                               ? 
_reflns_shell.pdbx_chi_squared                              ? 
_reflns_shell.pdbx_netI_over_sigmaI_all                     ? 
_reflns_shell.pdbx_netI_over_sigmaI_obs                     ? 
_reflns_shell.pdbx_Rrim_I_all                               ? 
_reflns_shell.pdbx_Rpim_I_all                               ? 
_reflns_shell.pdbx_rejects                                  ? 
_reflns_shell.pdbx_ordinal                                  1 
_reflns_shell.pdbx_diffrn_id                                1 
_reflns_shell.pdbx_CC_half                                  0.69 
_reflns_shell.pdbx_CC_star                                  ? 
_reflns_shell.pdbx_R_split                                  ? 
_reflns_shell.percent_possible_all                          ? 
_reflns_shell.Rmerge_I_all                                  ? 
_reflns_shell.Rmerge_I_obs                                  ? 
_reflns_shell.pdbx_Rsym_value                               ? 
_reflns_shell.pdbx_percent_possible_ellipsoidal             ? 
_reflns_shell.pdbx_percent_possible_spherical               ? 
_reflns_shell.pdbx_percent_possible_ellipsoidal_anomalous   ? 
_reflns_shell.pdbx_percent_possible_spherical_anomalous     ? 
_reflns_shell.pdbx_redundancy_anomalous                     ? 
_reflns_shell.pdbx_CC_half_anomalous                        ? 
_reflns_shell.pdbx_absDiff_over_sigma_anomalous             ? 
_reflns_shell.pdbx_percent_possible_anomalous               ? 
# 
_refine.aniso_B[1][1]                            0.361 
_refine.aniso_B[1][2]                            0.180 
_refine.aniso_B[1][3]                            0.000 
_refine.aniso_B[2][2]                            0.361 
_refine.aniso_B[2][3]                            -0.000 
_refine.aniso_B[3][3]                            -1.170 
_refine.B_iso_max                                ? 
_refine.B_iso_mean                               23.924 
_refine.B_iso_min                                ? 
_refine.correlation_coeff_Fo_to_Fc               0.864 
_refine.correlation_coeff_Fo_to_Fc_free          0.809 
_refine.details                                  'Hydrogens have been added in their riding positions' 
_refine.diff_density_max                         ? 
_refine.diff_density_max_esd                     ? 
_refine.diff_density_min                         ? 
_refine.diff_density_min_esd                     ? 
_refine.diff_density_rms                         ? 
_refine.diff_density_rms_esd                     ? 
_refine.entry_id                                 9H70 
_refine.pdbx_refine_id                           'X-RAY DIFFRACTION' 
_refine.ls_abs_structure_details                 ? 
_refine.ls_abs_structure_Flack                   ? 
_refine.ls_abs_structure_Flack_esd               ? 
_refine.ls_abs_structure_Rogers                  ? 
_refine.ls_abs_structure_Rogers_esd              ? 
_refine.ls_d_res_high                            1.690 
_refine.ls_d_res_low                             47.009 
_refine.ls_extinction_coef                       ? 
_refine.ls_extinction_coef_esd                   ? 
_refine.ls_extinction_expression                 ? 
_refine.ls_extinction_method                     ? 
_refine.ls_goodness_of_fit_all                   ? 
_refine.ls_goodness_of_fit_all_esd               ? 
_refine.ls_goodness_of_fit_obs                   ? 
_refine.ls_goodness_of_fit_obs_esd               ? 
_refine.ls_hydrogen_treatment                    ? 
_refine.ls_matrix_type                           ? 
_refine.ls_number_constraints                    ? 
_refine.ls_number_parameters                     ? 
_refine.ls_number_reflns_all                     ? 
_refine.ls_number_reflns_obs                     30079 
_refine.ls_number_reflns_R_free                  1482 
_refine.ls_number_reflns_R_work                  28597 
_refine.ls_number_restraints                     ? 
_refine.ls_percent_reflns_obs                    99.900 
_refine.ls_percent_reflns_R_free                 4.927 
_refine.ls_R_factor_all                          0.320 
_refine.ls_R_factor_obs                          ? 
_refine.ls_R_factor_R_free                       0.3655 
_refine.ls_R_factor_R_free_error                 ? 
_refine.ls_R_factor_R_free_error_details         ? 
_refine.ls_R_factor_R_work                       0.3181 
_refine.ls_R_Fsqd_factor_obs                     ? 
_refine.ls_R_I_factor_obs                        ? 
_refine.ls_redundancy_reflns_all                 ? 
_refine.ls_redundancy_reflns_obs                 ? 
_refine.ls_restrained_S_all                      ? 
_refine.ls_restrained_S_obs                      ? 
_refine.ls_shift_over_esd_max                    ? 
_refine.ls_shift_over_esd_mean                   ? 
_refine.ls_structure_factor_coef                 ? 
_refine.ls_weighting_details                     ? 
_refine.ls_weighting_scheme                      ? 
_refine.ls_wR_factor_all                         ? 
_refine.ls_wR_factor_obs                         ? 
_refine.ls_wR_factor_R_free                      ? 
_refine.ls_wR_factor_R_work                      ? 
_refine.occupancy_max                            ? 
_refine.occupancy_min                            ? 
_refine.solvent_model_details                    'MASK BULK SOLVENT' 
_refine.solvent_model_param_bsol                 ? 
_refine.solvent_model_param_ksol                 ? 
_refine.pdbx_R_complete                          ? 
_refine.ls_R_factor_gt                           ? 
_refine.ls_goodness_of_fit_gt                    ? 
_refine.ls_goodness_of_fit_ref                   ? 
_refine.ls_shift_over_su_max                     ? 
_refine.ls_shift_over_su_max_lt                  ? 
_refine.ls_shift_over_su_mean                    ? 
_refine.ls_shift_over_su_mean_lt                 ? 
_refine.pdbx_ls_sigma_I                          ? 
_refine.pdbx_ls_sigma_F                          ? 
_refine.pdbx_ls_sigma_Fsqd                       ? 
_refine.pdbx_data_cutoff_high_absF               ? 
_refine.pdbx_data_cutoff_high_rms_absF           ? 
_refine.pdbx_data_cutoff_low_absF                ? 
_refine.pdbx_isotropic_thermal_model             ? 
_refine.pdbx_ls_cross_valid_method               'FREE R-VALUE' 
_refine.pdbx_method_to_determine_struct          'MOLECULAR REPLACEMENT' 
_refine.pdbx_starting_model                      ? 
_refine.pdbx_stereochemistry_target_values       ? 
_refine.pdbx_R_Free_selection_details            ? 
_refine.pdbx_stereochem_target_val_spec_case     ? 
_refine.pdbx_overall_ESU_R                       0.130 
_refine.pdbx_overall_ESU_R_Free                  0.135 
_refine.pdbx_solvent_vdw_probe_radii             1.200 
_refine.pdbx_solvent_ion_probe_radii             0.800 
_refine.pdbx_solvent_shrinkage_radii             0.800 
_refine.pdbx_real_space_R                        ? 
_refine.pdbx_density_correlation                 ? 
_refine.pdbx_pd_number_of_powder_patterns        ? 
_refine.pdbx_pd_number_of_points                 ? 
_refine.pdbx_pd_meas_number_of_points            ? 
_refine.pdbx_pd_proc_ls_prof_R_factor            ? 
_refine.pdbx_pd_proc_ls_prof_wR_factor           ? 
_refine.pdbx_pd_Marquardt_correlation_coeff      ? 
_refine.pdbx_pd_Fsqrd_R_factor                   ? 
_refine.pdbx_pd_ls_matrix_band_width             ? 
_refine.pdbx_overall_phase_error                 ? 
_refine.pdbx_overall_SU_R_free_Cruickshank_DPI   ? 
_refine.pdbx_overall_SU_R_free_Blow_DPI          ? 
_refine.pdbx_overall_SU_R_Blow_DPI               ? 
_refine.pdbx_TLS_residual_ADP_flag               ? 
_refine.pdbx_diffrn_id                           1 
_refine.overall_SU_B                             3.909 
_refine.overall_SU_ML                            0.130 
_refine.overall_SU_R_Cruickshank_DPI             ? 
_refine.overall_SU_R_free                        ? 
_refine.overall_FOM_free_R_set                   ? 
_refine.overall_FOM_work_R_set                   ? 
_refine.pdbx_average_fsc_overall                 ? 
_refine.pdbx_average_fsc_work                    ? 
_refine.pdbx_average_fsc_free                    ? 
# 
_refine_hist.pdbx_refine_id                   'X-RAY DIFFRACTION' 
_refine_hist.cycle_id                         LAST 
_refine_hist.pdbx_number_atoms_protein        1199 
_refine_hist.pdbx_number_atoms_nucleic_acid   0 
_refine_hist.pdbx_number_atoms_ligand         1 
_refine_hist.number_atoms_solvent             95 
_refine_hist.number_atoms_total               1295 
_refine_hist.d_res_high                       1.690 
_refine_hist.d_res_low                        47.009 
# 
loop_
_refine_ls_restr.pdbx_refine_id 
_refine_ls_restr.criterion 
_refine_ls_restr.dev_ideal 
_refine_ls_restr.dev_ideal_target 
_refine_ls_restr.number 
_refine_ls_restr.rejects 
_refine_ls_restr.type 
_refine_ls_restr.weight 
_refine_ls_restr.pdbx_restraint_function 
'X-RAY DIFFRACTION' ? 0.008  0.012  1256 ? r_bond_refined_d               ? ? 
'X-RAY DIFFRACTION' ? 0.002  0.016  1172 ? r_bond_other_d                 ? ? 
'X-RAY DIFFRACTION' ? 1.724  1.817  1714 ? r_angle_refined_deg            ? ? 
'X-RAY DIFFRACTION' ? 0.562  1.752  2701 ? r_angle_other_deg              ? ? 
'X-RAY DIFFRACTION' ? 6.976  5.000  161  ? r_dihedral_angle_1_deg         ? ? 
'X-RAY DIFFRACTION' ? 11.305 5.000  9    ? r_dihedral_angle_2_deg         ? ? 
'X-RAY DIFFRACTION' ? 15.820 10.000 198  ? r_dihedral_angle_3_deg         ? ? 
'X-RAY DIFFRACTION' ? 15.398 10.000 60   ? r_dihedral_angle_6_deg         ? ? 
'X-RAY DIFFRACTION' ? 0.076  0.200  187  ? r_chiral_restr                 ? ? 
'X-RAY DIFFRACTION' ? 0.008  0.020  1542 ? r_gen_planes_refined           ? ? 
'X-RAY DIFFRACTION' ? 0.001  0.020  300  ? r_gen_planes_other             ? ? 
'X-RAY DIFFRACTION' ? 0.233  0.200  282  ? r_nbd_refined                  ? ? 
'X-RAY DIFFRACTION' ? 0.205  0.200  1082 ? r_symmetry_nbd_other           ? ? 
'X-RAY DIFFRACTION' ? 0.186  0.200  629  ? r_nbtor_refined                ? ? 
'X-RAY DIFFRACTION' ? 0.083  0.200  655  ? r_symmetry_nbtor_other         ? ? 
'X-RAY DIFFRACTION' ? 0.201  0.200  53   ? r_xyhbond_nbd_refined          ? ? 
'X-RAY DIFFRACTION' ? 0.167  0.200  4    ? r_metal_ion_refined            ? ? 
'X-RAY DIFFRACTION' ? 0.391  0.200  11   ? r_symmetry_nbd_refined         ? ? 
'X-RAY DIFFRACTION' ? 0.285  0.200  26   ? r_nbd_other                    ? ? 
'X-RAY DIFFRACTION' ? 0.106  0.200  1    ? r_symmetry_xyhbond_nbd_refined ? ? 
'X-RAY DIFFRACTION' ? 2.436  2.352  635  ? r_mcbond_it                    ? ? 
'X-RAY DIFFRACTION' ? 2.440  2.349  634  ? r_mcbond_other                 ? ? 
'X-RAY DIFFRACTION' ? 3.478  4.211  799  ? r_mcangle_it                   ? ? 
'X-RAY DIFFRACTION' ? 3.477  4.215  800  ? r_mcangle_other                ? ? 
'X-RAY DIFFRACTION' ? 3.014  2.691  621  ? r_scbond_it                    ? ? 
'X-RAY DIFFRACTION' ? 3.012  2.693  622  ? r_scbond_other                 ? ? 
'X-RAY DIFFRACTION' ? 4.405  4.789  915  ? r_scangle_it                   ? ? 
'X-RAY DIFFRACTION' ? 4.403  4.791  916  ? r_scangle_other                ? ? 
'X-RAY DIFFRACTION' ? 6.310  25.638 1440 ? r_lrange_it                    ? ? 
'X-RAY DIFFRACTION' ? 6.317  25.651 1434 ? r_lrange_other                 ? ? 
# 
loop_
_refine_ls_shell.pdbx_refine_id 
_refine_ls_shell.d_res_high 
_refine_ls_shell.d_res_low 
_refine_ls_shell.number_reflns_all 
_refine_ls_shell.number_reflns_obs 
_refine_ls_shell.number_reflns_R_free 
_refine_ls_shell.number_reflns_R_work 
_refine_ls_shell.percent_reflns_obs 
_refine_ls_shell.percent_reflns_R_free 
_refine_ls_shell.R_factor_all 
_refine_ls_shell.R_factor_obs 
_refine_ls_shell.R_factor_R_free_error 
_refine_ls_shell.R_factor_R_work 
_refine_ls_shell.redundancy_reflns_all 
_refine_ls_shell.redundancy_reflns_obs 
_refine_ls_shell.wR_factor_all 
_refine_ls_shell.wR_factor_obs 
_refine_ls_shell.wR_factor_R_free 
_refine_ls_shell.wR_factor_R_work 
_refine_ls_shell.pdbx_R_complete 
_refine_ls_shell.pdbx_total_number_of_bins_used 
_refine_ls_shell.pdbx_phase_error 
_refine_ls_shell.pdbx_fsc_work 
_refine_ls_shell.pdbx_fsc_free 
_refine_ls_shell.R_factor_R_free 
'X-RAY DIFFRACTION' 1.690 1.734  . . 114 2075 100.0000 . . . . 0.331 . . . . . . . . . . . 0.340 
'X-RAY DIFFRACTION' 1.734 1.781  . . 117 2023 100.0000 . . . . 0.335 . . . . . . . . . . . 0.379 
'X-RAY DIFFRACTION' 1.781 1.833  . . 97  1991 100.0000 . . . . 0.312 . . . . . . . . . . . 0.312 
'X-RAY DIFFRACTION' 1.833 1.889  . . 95  1916 99.9503  . . . . 0.293 . . . . . . . . . . . 0.333 
'X-RAY DIFFRACTION' 1.889 1.951  . . 104 1900 99.6024  . . . . 0.304 . . . . . . . . . . . 0.315 
'X-RAY DIFFRACTION' 1.951 2.019  . . 116 1758 99.9467  . . . . 0.310 . . . . . . . . . . . 0.382 
'X-RAY DIFFRACTION' 2.019 2.096  . . 92  1739 99.5650  . . . . 0.321 . . . . . . . . . . . 0.351 
'X-RAY DIFFRACTION' 2.096 2.181  . . 95  1687 99.8879  . . . . 0.311 . . . . . . . . . . . 0.357 
'X-RAY DIFFRACTION' 2.181 2.278  . . 107 1595 99.8826  . . . . 0.307 . . . . . . . . . . . 0.316 
'X-RAY DIFFRACTION' 2.278 2.389  . . 95  1547 100.0000 . . . . 0.318 . . . . . . . . . . . 0.387 
'X-RAY DIFFRACTION' 2.389 2.517  . . 67  1475 100.0000 . . . . 0.308 . . . . . . . . . . . 0.391 
'X-RAY DIFFRACTION' 2.517 2.670  . . 47  1422 100.0000 . . . . 0.303 . . . . . . . . . . . 0.352 
'X-RAY DIFFRACTION' 2.670 2.853  . . 68  1323 99.9282  . . . . 0.302 . . . . . . . . . . . 0.336 
'X-RAY DIFFRACTION' 2.853 3.081  . . 51  1244 100.0000 . . . . 0.301 . . . . . . . . . . . 0.348 
'X-RAY DIFFRACTION' 3.081 3.374  . . 50  1140 100.0000 . . . . 0.330 . . . . . . . . . . . 0.393 
'X-RAY DIFFRACTION' 3.374 3.769  . . 48  1040 99.8165  . . . . 0.337 . . . . . . . . . . . 0.412 
'X-RAY DIFFRACTION' 3.769 4.348  . . 39  931  99.7942  . . . . 0.311 . . . . . . . . . . . 0.434 
'X-RAY DIFFRACTION' 4.348 5.314  . . 25  799  100.0000 . . . . 0.312 . . . . . . . . . . . 0.358 
'X-RAY DIFFRACTION' 5.314 7.467  . . 35  620  99.8476  . . . . 0.356 . . . . . . . . . . . 0.290 
'X-RAY DIFFRACTION' 7.467 47.009 . . 20  372  100.0000 . . . . 0.371 . . . . . . . . . . . 0.438 
# 
_struct.entry_id                     9H70 
_struct.title                        'Crystal structure of LMTP1' 
_struct.pdbx_model_details           ? 
_struct.pdbx_formula_weight          ? 
_struct.pdbx_formula_weight_method   ? 
_struct.pdbx_model_type_details      ? 
_struct.pdbx_CASP_flag               N 
# 
_struct_keywords.entry_id        9H70 
_struct_keywords.text            'photosynthesis, PSII biogenesis' 
_struct_keywords.pdbx_keywords   PHOTOSYNTHESIS 
# 
loop_
_struct_asym.id 
_struct_asym.pdbx_blank_PDB_chainid_flag 
_struct_asym.pdbx_modified 
_struct_asym.entity_id 
_struct_asym.details 
A N N 1 ? 
B N N 2 ? 
C N N 3 ? 
# 
_struct_ref.id                         1 
_struct_ref.db_name                    UNP 
_struct_ref.db_code                    A8JDW2_CHLRE 
_struct_ref.pdbx_db_accession          A8JDW2 
_struct_ref.pdbx_db_isoform            ? 
_struct_ref.entity_id                  1 
_struct_ref.pdbx_seq_one_letter_code   
;RPEGVNRPDLLPKGEVTSVIDVAGFLTPSEEKRIITEVSNLEKDTGFKLRVLAQNYPETPGLAIREYWGVDDNTVVFVAD
PTFGDILNFNVGAGIDLEVPRSFWGRLAGKYGNKFYWQENGEAASILNAVSAIDTCLREEPGRFKCSTVQGDFGEKATSG
PFGKAFGLDK
;
_struct_ref.pdbx_align_begin           77 
# 
_struct_ref_seq.align_id                      1 
_struct_ref_seq.ref_id                        1 
_struct_ref_seq.pdbx_PDB_id_code              9H70 
_struct_ref_seq.pdbx_strand_id                A 
_struct_ref_seq.seq_align_beg                 24 
_struct_ref_seq.pdbx_seq_align_beg_ins_code   ? 
_struct_ref_seq.seq_align_end                 193 
_struct_ref_seq.pdbx_seq_align_end_ins_code   ? 
_struct_ref_seq.pdbx_db_accession             A8JDW2 
_struct_ref_seq.db_align_beg                  77 
_struct_ref_seq.pdbx_db_align_beg_ins_code    ? 
_struct_ref_seq.db_align_end                  246 
_struct_ref_seq.pdbx_db_align_end_ins_code    ? 
_struct_ref_seq.pdbx_auth_seq_align_beg       24 
_struct_ref_seq.pdbx_auth_seq_align_end       193 
# 
loop_
_struct_ref_seq_dif.align_id 
_struct_ref_seq_dif.pdbx_pdb_id_code 
_struct_ref_seq_dif.mon_id 
_struct_ref_seq_dif.pdbx_pdb_strand_id 
_struct_ref_seq_dif.seq_num 
_struct_ref_seq_dif.pdbx_pdb_ins_code 
_struct_ref_seq_dif.pdbx_seq_db_name 
_struct_ref_seq_dif.pdbx_seq_db_accession_code 
_struct_ref_seq_dif.db_mon_id 
_struct_ref_seq_dif.pdbx_seq_db_seq_num 
_struct_ref_seq_dif.details 
_struct_ref_seq_dif.pdbx_auth_seq_num 
_struct_ref_seq_dif.pdbx_ordinal 
1 9H70 MET A 1  ? UNP A8JDW2 ?   ?   'initiating methionine' 1  1  
1 9H70 HIS A 2  ? UNP A8JDW2 ?   ?   'expression tag'        2  2  
1 9H70 HIS A 3  ? UNP A8JDW2 ?   ?   'expression tag'        3  3  
1 9H70 HIS A 4  ? UNP A8JDW2 ?   ?   'expression tag'        4  4  
1 9H70 HIS A 5  ? UNP A8JDW2 ?   ?   'expression tag'        5  5  
1 9H70 HIS A 6  ? UNP A8JDW2 ?   ?   'expression tag'        6  6  
1 9H70 HIS A 7  ? UNP A8JDW2 ?   ?   'expression tag'        7  7  
1 9H70 SER A 8  ? UNP A8JDW2 ?   ?   'expression tag'        8  8  
1 9H70 SER A 9  ? UNP A8JDW2 ?   ?   'expression tag'        9  9  
1 9H70 GLY A 10 ? UNP A8JDW2 ?   ?   'expression tag'        10 10 
1 9H70 VAL A 11 ? UNP A8JDW2 ?   ?   'expression tag'        11 11 
1 9H70 ASP A 12 ? UNP A8JDW2 ?   ?   'expression tag'        12 12 
1 9H70 LEU A 13 ? UNP A8JDW2 ?   ?   'expression tag'        13 13 
1 9H70 GLY A 14 ? UNP A8JDW2 ?   ?   'expression tag'        14 14 
1 9H70 THR A 15 ? UNP A8JDW2 ?   ?   'expression tag'        15 15 
1 9H70 GLU A 16 ? UNP A8JDW2 ?   ?   'expression tag'        16 16 
1 9H70 ASN A 17 ? UNP A8JDW2 ?   ?   'expression tag'        17 17 
1 9H70 LEU A 18 ? UNP A8JDW2 ?   ?   'expression tag'        18 18 
1 9H70 TYR A 19 ? UNP A8JDW2 ?   ?   'expression tag'        19 19 
1 9H70 PHE A 20 ? UNP A8JDW2 ?   ?   'expression tag'        20 20 
1 9H70 GLN A 21 ? UNP A8JDW2 ?   ?   'expression tag'        21 21 
1 9H70 SER A 22 ? UNP A8JDW2 ?   ?   'expression tag'        22 22 
1 9H70 MET A 23 ? UNP A8JDW2 ?   ?   'expression tag'        23 23 
1 9H70 ASN A 32 ? UNP A8JDW2 ASP 85  conflict                32 24 
1 9H70 ASP A 63 ? UNP A8JDW2 ASN 116 conflict                63 25 
# 
_pdbx_struct_assembly.id                   1 
_pdbx_struct_assembly.details              software_defined_assembly 
_pdbx_struct_assembly.method_details       PISA 
_pdbx_struct_assembly.oligomeric_details   monomeric 
_pdbx_struct_assembly.oligomeric_count     1 
# 
loop_
_pdbx_struct_assembly_prop.biol_id 
_pdbx_struct_assembly_prop.type 
_pdbx_struct_assembly_prop.value 
_pdbx_struct_assembly_prop.details 
1 'ABSA (A^2)' 90   ? 
1 MORE         -10  ? 
1 'SSA (A^2)'  8460 ? 
# 
_pdbx_struct_assembly_gen.assembly_id       1 
_pdbx_struct_assembly_gen.oper_expression   1 
_pdbx_struct_assembly_gen.asym_id_list      A,B,C 
# 
_pdbx_struct_assembly_auth_evidence.id                     1 
_pdbx_struct_assembly_auth_evidence.assembly_id            1 
_pdbx_struct_assembly_auth_evidence.experimental_support   'gel filtration' 
_pdbx_struct_assembly_auth_evidence.details                monomer 
# 
_pdbx_struct_oper_list.id                   1 
_pdbx_struct_oper_list.type                 'identity operation' 
_pdbx_struct_oper_list.name                 1_555 
_pdbx_struct_oper_list.symmetry_operation   x,y,z 
_pdbx_struct_oper_list.matrix[1][1]         1.0000000000 
_pdbx_struct_oper_list.matrix[1][2]         0.0000000000 
_pdbx_struct_oper_list.matrix[1][3]         0.0000000000 
_pdbx_struct_oper_list.vector[1]            0.0000000000 
_pdbx_struct_oper_list.matrix[2][1]         0.0000000000 
_pdbx_struct_oper_list.matrix[2][2]         1.0000000000 
_pdbx_struct_oper_list.matrix[2][3]         0.0000000000 
_pdbx_struct_oper_list.vector[2]            0.0000000000 
_pdbx_struct_oper_list.matrix[3][1]         0.0000000000 
_pdbx_struct_oper_list.matrix[3][2]         0.0000000000 
_pdbx_struct_oper_list.matrix[3][3]         1.0000000000 
_pdbx_struct_oper_list.vector[3]            0.0000000000 
# 
loop_
_struct_conf.conf_type_id 
_struct_conf.id 
_struct_conf.pdbx_PDB_helix_id 
_struct_conf.beg_label_comp_id 
_struct_conf.beg_label_asym_id 
_struct_conf.beg_label_seq_id 
_struct_conf.pdbx_beg_PDB_ins_code 
_struct_conf.end_label_comp_id 
_struct_conf.end_label_asym_id 
_struct_conf.end_label_seq_id 
_struct_conf.pdbx_end_PDB_ins_code 
_struct_conf.beg_auth_comp_id 
_struct_conf.beg_auth_asym_id 
_struct_conf.beg_auth_seq_id 
_struct_conf.end_auth_comp_id 
_struct_conf.end_auth_asym_id 
_struct_conf.end_auth_seq_id 
_struct_conf.pdbx_PDB_helix_class 
_struct_conf.details 
_struct_conf.pdbx_PDB_helix_length 
HELX_P HELX_P1 AA1 ARG A 30  ? LEU A 34  ? ARG A 30  LEU A 34  5 ? 5  
HELX_P HELX_P2 AA2 THR A 50  ? GLY A 69  ? THR A 50  GLY A 69  1 ? 20 
HELX_P HELX_P3 AA3 PRO A 83  ? LEU A 85  ? PRO A 83  LEU A 85  5 ? 3  
HELX_P HELX_P4 AA4 ALA A 86  ? GLY A 92  ? ALA A 86  GLY A 92  1 ? 7  
HELX_P HELX_P5 AA5 GLY A 115 ? LEU A 120 ? GLY A 115 LEU A 120 1 ? 6  
HELX_P HELX_P6 AA6 ARG A 124 ? ASN A 136 ? ARG A 124 ASN A 136 1 ? 13 
HELX_P HELX_P7 AA7 ASN A 136 ? GLY A 144 ? ASN A 136 GLY A 144 1 ? 9  
HELX_P HELX_P8 AA8 GLY A 144 ? ARG A 161 ? GLY A 144 ARG A 161 1 ? 18 
# 
_struct_conf_type.id          HELX_P 
_struct_conf_type.criteria    ? 
_struct_conf_type.reference   ? 
# 
loop_
_struct_conn.id 
_struct_conn.conn_type_id 
_struct_conn.pdbx_leaving_atom_flag 
_struct_conn.pdbx_PDB_id 
_struct_conn.ptnr1_label_asym_id 
_struct_conn.ptnr1_label_comp_id 
_struct_conn.ptnr1_label_seq_id 
_struct_conn.ptnr1_label_atom_id 
_struct_conn.pdbx_ptnr1_label_alt_id 
_struct_conn.pdbx_ptnr1_PDB_ins_code 
_struct_conn.pdbx_ptnr1_standard_comp_id 
_struct_conn.ptnr1_symmetry 
_struct_conn.ptnr2_label_asym_id 
_struct_conn.ptnr2_label_comp_id 
_struct_conn.ptnr2_label_seq_id 
_struct_conn.ptnr2_label_atom_id 
_struct_conn.pdbx_ptnr2_label_alt_id 
_struct_conn.pdbx_ptnr2_PDB_ins_code 
_struct_conn.ptnr1_auth_asym_id 
_struct_conn.ptnr1_auth_comp_id 
_struct_conn.ptnr1_auth_seq_id 
_struct_conn.ptnr2_auth_asym_id 
_struct_conn.ptnr2_auth_comp_id 
_struct_conn.ptnr2_auth_seq_id 
_struct_conn.ptnr2_symmetry 
_struct_conn.pdbx_ptnr3_label_atom_id 
_struct_conn.pdbx_ptnr3_label_seq_id 
_struct_conn.pdbx_ptnr3_label_comp_id 
_struct_conn.pdbx_ptnr3_label_asym_id 
_struct_conn.pdbx_ptnr3_label_alt_id 
_struct_conn.pdbx_ptnr3_PDB_ins_code 
_struct_conn.details 
_struct_conn.pdbx_dist_value 
_struct_conn.pdbx_value_order 
_struct_conn.pdbx_role 
disulf1 disulf ? ? A CYS 159 SG  ? ? ? 1_555 A CYS 169 SG ? ? A CYS 159 A CYS 169 1_555 ? ? ? ? ? ? ? 2.146 ? ? 
metalc1 metalc ? ? A ASP 44  OD2 ? ? ? 1_555 B CA  .   CA ? ? A ASP 44  A CA  201 1_555 ? ? ? ? ? ? ? 2.435 ? ? 
metalc2 metalc ? ? A LEU 49  O   ? ? ? 1_555 B CA  .   CA ? ? A LEU 49  A CA  201 1_555 ? ? ? ? ? ? ? 2.365 ? ? 
metalc3 metalc ? ? A GLU 54  OE1 ? ? ? 1_555 B CA  .   CA ? ? A GLU 54  A CA  201 1_555 ? ? ? ? ? ? ? 2.179 ? ? 
metalc4 metalc ? ? B CA  .   CA  ? ? ? 1_555 C HOH .   O  ? ? A CA  201 A HOH 355 1_555 ? ? ? ? ? ? ? 2.291 ? ? 
metalc5 metalc ? ? B CA  .   CA  ? ? ? 1_555 C HOH .   O  ? ? A CA  201 A HOH 357 1_555 ? ? ? ? ? ? ? 2.236 ? ? 
metalc6 metalc ? ? B CA  .   CA  ? ? ? 1_555 C HOH .   O  ? ? A CA  201 A HOH 369 1_555 ? ? ? ? ? ? ? 2.456 ? ? 
# 
loop_
_struct_conn_type.id 
_struct_conn_type.criteria 
_struct_conn_type.reference 
disulf ? ? 
metalc ? ? 
# 
loop_
_pdbx_struct_conn_angle.id 
_pdbx_struct_conn_angle.ptnr1_label_atom_id 
_pdbx_struct_conn_angle.ptnr1_label_alt_id 
_pdbx_struct_conn_angle.ptnr1_label_asym_id 
_pdbx_struct_conn_angle.ptnr1_label_comp_id 
_pdbx_struct_conn_angle.ptnr1_label_seq_id 
_pdbx_struct_conn_angle.ptnr1_auth_atom_id 
_pdbx_struct_conn_angle.ptnr1_auth_asym_id 
_pdbx_struct_conn_angle.ptnr1_auth_comp_id 
_pdbx_struct_conn_angle.ptnr1_auth_seq_id 
_pdbx_struct_conn_angle.ptnr1_PDB_ins_code 
_pdbx_struct_conn_angle.ptnr1_symmetry 
_pdbx_struct_conn_angle.ptnr2_label_atom_id 
_pdbx_struct_conn_angle.ptnr2_label_alt_id 
_pdbx_struct_conn_angle.ptnr2_label_asym_id 
_pdbx_struct_conn_angle.ptnr2_label_comp_id 
_pdbx_struct_conn_angle.ptnr2_label_seq_id 
_pdbx_struct_conn_angle.ptnr2_auth_atom_id 
_pdbx_struct_conn_angle.ptnr2_auth_asym_id 
_pdbx_struct_conn_angle.ptnr2_auth_comp_id 
_pdbx_struct_conn_angle.ptnr2_auth_seq_id 
_pdbx_struct_conn_angle.ptnr2_PDB_ins_code 
_pdbx_struct_conn_angle.ptnr2_symmetry 
_pdbx_struct_conn_angle.ptnr3_label_atom_id 
_pdbx_struct_conn_angle.ptnr3_label_alt_id 
_pdbx_struct_conn_angle.ptnr3_label_asym_id 
_pdbx_struct_conn_angle.ptnr3_label_comp_id 
_pdbx_struct_conn_angle.ptnr3_label_seq_id 
_pdbx_struct_conn_angle.ptnr3_auth_atom_id 
_pdbx_struct_conn_angle.ptnr3_auth_asym_id 
_pdbx_struct_conn_angle.ptnr3_auth_comp_id 
_pdbx_struct_conn_angle.ptnr3_auth_seq_id 
_pdbx_struct_conn_angle.ptnr3_PDB_ins_code 
_pdbx_struct_conn_angle.ptnr3_symmetry 
_pdbx_struct_conn_angle.value 
_pdbx_struct_conn_angle.value_esd 
1  OD2 ? A ASP 44 ? A ASP 44  ? 1_555 CA ? B CA . ? A CA 201 ? 1_555 O   ? A LEU 49 ? A LEU 49  ? 1_555 82.4  ? 
2  OD2 ? A ASP 44 ? A ASP 44  ? 1_555 CA ? B CA . ? A CA 201 ? 1_555 OE1 ? A GLU 54 ? A GLU 54  ? 1_555 91.6  ? 
3  O   ? A LEU 49 ? A LEU 49  ? 1_555 CA ? B CA . ? A CA 201 ? 1_555 OE1 ? A GLU 54 ? A GLU 54  ? 1_555 95.7  ? 
4  OD2 ? A ASP 44 ? A ASP 44  ? 1_555 CA ? B CA . ? A CA 201 ? 1_555 O   ? C HOH .  ? A HOH 355 ? 1_555 94.7  ? 
5  O   ? A LEU 49 ? A LEU 49  ? 1_555 CA ? B CA . ? A CA 201 ? 1_555 O   ? C HOH .  ? A HOH 355 ? 1_555 78.4  ? 
6  OE1 ? A GLU 54 ? A GLU 54  ? 1_555 CA ? B CA . ? A CA 201 ? 1_555 O   ? C HOH .  ? A HOH 355 ? 1_555 170.7 ? 
7  OD2 ? A ASP 44 ? A ASP 44  ? 1_555 CA ? B CA . ? A CA 201 ? 1_555 O   ? C HOH .  ? A HOH 357 ? 1_555 84.9  ? 
8  O   ? A LEU 49 ? A LEU 49  ? 1_555 CA ? B CA . ? A CA 201 ? 1_555 O   ? C HOH .  ? A HOH 357 ? 1_555 158.8 ? 
9  OE1 ? A GLU 54 ? A GLU 54  ? 1_555 CA ? B CA . ? A CA 201 ? 1_555 O   ? C HOH .  ? A HOH 357 ? 1_555 101.5 ? 
10 O   ? C HOH .  ? A HOH 355 ? 1_555 CA ? B CA . ? A CA 201 ? 1_555 O   ? C HOH .  ? A HOH 357 ? 1_555 85.8  ? 
11 OD2 ? A ASP 44 ? A ASP 44  ? 1_555 CA ? B CA . ? A CA 201 ? 1_555 O   ? C HOH .  ? A HOH 369 ? 1_555 176.4 ? 
12 O   ? A LEU 49 ? A LEU 49  ? 1_555 CA ? B CA . ? A CA 201 ? 1_555 O   ? C HOH .  ? A HOH 369 ? 1_555 94.9  ? 
13 OE1 ? A GLU 54 ? A GLU 54  ? 1_555 CA ? B CA . ? A CA 201 ? 1_555 O   ? C HOH .  ? A HOH 369 ? 1_555 86.3  ? 
14 O   ? C HOH .  ? A HOH 355 ? 1_555 CA ? B CA . ? A CA 201 ? 1_555 O   ? C HOH .  ? A HOH 369 ? 1_555 87.1  ? 
15 O   ? C HOH .  ? A HOH 357 ? 1_555 CA ? B CA . ? A CA 201 ? 1_555 O   ? C HOH .  ? A HOH 369 ? 1_555 98.4  ? 
# 
_pdbx_modification_feature.ordinal                            1 
_pdbx_modification_feature.label_comp_id                      CYS 
_pdbx_modification_feature.label_asym_id                      A 
_pdbx_modification_feature.label_seq_id                       159 
_pdbx_modification_feature.label_alt_id                       ? 
_pdbx_modification_feature.modified_residue_label_comp_id     CYS 
_pdbx_modification_feature.modified_residue_label_asym_id     A 
_pdbx_modification_feature.modified_residue_label_seq_id      169 
_pdbx_modification_feature.modified_residue_label_alt_id      ? 
_pdbx_modification_feature.auth_comp_id                       CYS 
_pdbx_modification_feature.auth_asym_id                       A 
_pdbx_modification_feature.auth_seq_id                        159 
_pdbx_modification_feature.PDB_ins_code                       ? 
_pdbx_modification_feature.symmetry                           1_555 
_pdbx_modification_feature.modified_residue_auth_comp_id      CYS 
_pdbx_modification_feature.modified_residue_auth_asym_id      A 
_pdbx_modification_feature.modified_residue_auth_seq_id       169 
_pdbx_modification_feature.modified_residue_PDB_ins_code      ? 
_pdbx_modification_feature.modified_residue_symmetry          1_555 
_pdbx_modification_feature.comp_id_linking_atom               SG 
_pdbx_modification_feature.modified_residue_id_linking_atom   SG 
_pdbx_modification_feature.modified_residue_id                . 
_pdbx_modification_feature.ref_pcm_id                         . 
_pdbx_modification_feature.ref_comp_id                        . 
_pdbx_modification_feature.type                               None 
_pdbx_modification_feature.category                           'Disulfide bridge' 
# 
_struct_mon_prot_cis.pdbx_id                1 
_struct_mon_prot_cis.label_comp_id          TYR 
_struct_mon_prot_cis.label_seq_id           79 
_struct_mon_prot_cis.label_asym_id          A 
_struct_mon_prot_cis.label_alt_id           . 
_struct_mon_prot_cis.pdbx_PDB_ins_code      ? 
_struct_mon_prot_cis.auth_comp_id           TYR 
_struct_mon_prot_cis.auth_seq_id            79 
_struct_mon_prot_cis.auth_asym_id           A 
_struct_mon_prot_cis.pdbx_label_comp_id_2   PRO 
_struct_mon_prot_cis.pdbx_label_seq_id_2    80 
_struct_mon_prot_cis.pdbx_label_asym_id_2   A 
_struct_mon_prot_cis.pdbx_PDB_ins_code_2    ? 
_struct_mon_prot_cis.pdbx_auth_comp_id_2    PRO 
_struct_mon_prot_cis.pdbx_auth_seq_id_2     80 
_struct_mon_prot_cis.pdbx_auth_asym_id_2    A 
_struct_mon_prot_cis.pdbx_PDB_model_num     1 
_struct_mon_prot_cis.pdbx_omega_angle       3.66 
# 
_struct_sheet.id               AA1 
_struct_sheet.type             ? 
_struct_sheet.number_strands   4 
_struct_sheet.details          ? 
# 
loop_
_struct_sheet_order.sheet_id 
_struct_sheet_order.range_id_1 
_struct_sheet_order.range_id_2 
_struct_sheet_order.offset 
_struct_sheet_order.sense 
AA1 1 2 ? parallel      
AA1 2 3 ? parallel      
AA1 3 4 ? anti-parallel 
# 
loop_
_struct_sheet_range.sheet_id 
_struct_sheet_range.id 
_struct_sheet_range.beg_label_comp_id 
_struct_sheet_range.beg_label_asym_id 
_struct_sheet_range.beg_label_seq_id 
_struct_sheet_range.pdbx_beg_PDB_ins_code 
_struct_sheet_range.end_label_comp_id 
_struct_sheet_range.end_label_asym_id 
_struct_sheet_range.end_label_seq_id 
_struct_sheet_range.pdbx_end_PDB_ins_code 
_struct_sheet_range.beg_auth_comp_id 
_struct_sheet_range.beg_auth_asym_id 
_struct_sheet_range.beg_auth_seq_id 
_struct_sheet_range.end_auth_comp_id 
_struct_sheet_range.end_auth_asym_id 
_struct_sheet_range.end_auth_seq_id 
AA1 1 VAL A 42  ? ASP A 44  ? VAL A 42  ASP A 44  
AA1 2 LYS A 71  ? ALA A 76  ? LYS A 71  ALA A 76  
AA1 3 THR A 97  ? ALA A 102 ? THR A 97  ALA A 102 
AA1 4 LEU A 110 ? VAL A 114 ? LEU A 110 VAL A 114 
# 
loop_
_pdbx_struct_sheet_hbond.sheet_id 
_pdbx_struct_sheet_hbond.range_id_1 
_pdbx_struct_sheet_hbond.range_id_2 
_pdbx_struct_sheet_hbond.range_1_label_atom_id 
_pdbx_struct_sheet_hbond.range_1_label_comp_id 
_pdbx_struct_sheet_hbond.range_1_label_asym_id 
_pdbx_struct_sheet_hbond.range_1_label_seq_id 
_pdbx_struct_sheet_hbond.range_1_PDB_ins_code 
_pdbx_struct_sheet_hbond.range_1_auth_atom_id 
_pdbx_struct_sheet_hbond.range_1_auth_comp_id 
_pdbx_struct_sheet_hbond.range_1_auth_asym_id 
_pdbx_struct_sheet_hbond.range_1_auth_seq_id 
_pdbx_struct_sheet_hbond.range_2_label_atom_id 
_pdbx_struct_sheet_hbond.range_2_label_comp_id 
_pdbx_struct_sheet_hbond.range_2_label_asym_id 
_pdbx_struct_sheet_hbond.range_2_label_seq_id 
_pdbx_struct_sheet_hbond.range_2_PDB_ins_code 
_pdbx_struct_sheet_hbond.range_2_auth_atom_id 
_pdbx_struct_sheet_hbond.range_2_auth_comp_id 
_pdbx_struct_sheet_hbond.range_2_auth_asym_id 
_pdbx_struct_sheet_hbond.range_2_auth_seq_id 
AA1 1 2 N ILE A 43 ? N ILE A 43 O VAL A 74  ? O VAL A 74  
AA1 2 3 N ARG A 73 ? N ARG A 73 O PHE A 100 ? O PHE A 100 
AA1 3 4 N VAL A 99 ? N VAL A 99 O ASN A 113 ? O ASN A 113 
# 
_pdbx_entry_details.entry_id                   9H70 
_pdbx_entry_details.nonpolymer_details         ? 
_pdbx_entry_details.sequence_details           ? 
_pdbx_entry_details.compound_details           ? 
_pdbx_entry_details.source_details             ? 
_pdbx_entry_details.has_ligand_of_interest     Y 
_pdbx_entry_details.has_protein_modification   Y 
# 
loop_
_pdbx_validate_rmsd_angle.id 
_pdbx_validate_rmsd_angle.PDB_model_num 
_pdbx_validate_rmsd_angle.auth_atom_id_1 
_pdbx_validate_rmsd_angle.auth_asym_id_1 
_pdbx_validate_rmsd_angle.auth_comp_id_1 
_pdbx_validate_rmsd_angle.auth_seq_id_1 
_pdbx_validate_rmsd_angle.PDB_ins_code_1 
_pdbx_validate_rmsd_angle.label_alt_id_1 
_pdbx_validate_rmsd_angle.auth_atom_id_2 
_pdbx_validate_rmsd_angle.auth_asym_id_2 
_pdbx_validate_rmsd_angle.auth_comp_id_2 
_pdbx_validate_rmsd_angle.auth_seq_id_2 
_pdbx_validate_rmsd_angle.PDB_ins_code_2 
_pdbx_validate_rmsd_angle.label_alt_id_2 
_pdbx_validate_rmsd_angle.auth_atom_id_3 
_pdbx_validate_rmsd_angle.auth_asym_id_3 
_pdbx_validate_rmsd_angle.auth_comp_id_3 
_pdbx_validate_rmsd_angle.auth_seq_id_3 
_pdbx_validate_rmsd_angle.PDB_ins_code_3 
_pdbx_validate_rmsd_angle.label_alt_id_3 
_pdbx_validate_rmsd_angle.angle_value 
_pdbx_validate_rmsd_angle.angle_target_value 
_pdbx_validate_rmsd_angle.angle_deviation 
_pdbx_validate_rmsd_angle.angle_standard_deviation 
_pdbx_validate_rmsd_angle.linker_flag 
1 1 CB A PHE 106 ? ? CA A PHE 106 ? ? C  A PHE 106 ? ? 93.26  110.40 -17.14 2.00 N 
2 1 N  A PHE 106 ? ? CA A PHE 106 ? ? CB A PHE 106 ? ? 127.22 110.60 16.62  1.80 N 
# 
loop_
_pdbx_validate_torsion.id 
_pdbx_validate_torsion.PDB_model_num 
_pdbx_validate_torsion.auth_comp_id 
_pdbx_validate_torsion.auth_asym_id 
_pdbx_validate_torsion.auth_seq_id 
_pdbx_validate_torsion.PDB_ins_code 
_pdbx_validate_torsion.label_alt_id 
_pdbx_validate_torsion.phi 
_pdbx_validate_torsion.psi 
1 1 PRO A 25  ? ? -107.65 67.09  
2 1 ILE A 109 ? ? 66.02   -54.69 
3 1 PHE A 176 ? ? -121.89 -66.94 
# 
loop_
_pdbx_validate_planes.id 
_pdbx_validate_planes.PDB_model_num 
_pdbx_validate_planes.auth_comp_id 
_pdbx_validate_planes.auth_asym_id 
_pdbx_validate_planes.auth_seq_id 
_pdbx_validate_planes.PDB_ins_code 
_pdbx_validate_planes.label_alt_id 
_pdbx_validate_planes.rmsd 
_pdbx_validate_planes.type 
1 1 ARG A 73  ? ? 0.091 'SIDE CHAIN' 
2 1 ARG A 124 ? ? 0.124 'SIDE CHAIN' 
# 
_pdbx_struct_special_symmetry.id              1 
_pdbx_struct_special_symmetry.PDB_model_num   1 
_pdbx_struct_special_symmetry.auth_asym_id    A 
_pdbx_struct_special_symmetry.auth_comp_id    HOH 
_pdbx_struct_special_symmetry.auth_seq_id     394 
_pdbx_struct_special_symmetry.PDB_ins_code    ? 
_pdbx_struct_special_symmetry.label_asym_id   C 
_pdbx_struct_special_symmetry.label_comp_id   HOH 
_pdbx_struct_special_symmetry.label_seq_id    . 
# 
loop_
_pdbx_distant_solvent_atoms.id 
_pdbx_distant_solvent_atoms.PDB_model_num 
_pdbx_distant_solvent_atoms.auth_atom_id 
_pdbx_distant_solvent_atoms.label_alt_id 
_pdbx_distant_solvent_atoms.auth_asym_id 
_pdbx_distant_solvent_atoms.auth_comp_id 
_pdbx_distant_solvent_atoms.auth_seq_id 
_pdbx_distant_solvent_atoms.PDB_ins_code 
_pdbx_distant_solvent_atoms.neighbor_macromolecule_distance 
_pdbx_distant_solvent_atoms.neighbor_ligand_distance 
1 1 O ? A HOH 394 ? 6.15 . 
2 1 O ? A HOH 395 ? 6.69 . 
# 
loop_
_pdbx_unobs_or_zero_occ_residues.id 
_pdbx_unobs_or_zero_occ_residues.PDB_model_num 
_pdbx_unobs_or_zero_occ_residues.polymer_flag 
_pdbx_unobs_or_zero_occ_residues.occupancy_flag 
_pdbx_unobs_or_zero_occ_residues.auth_asym_id 
_pdbx_unobs_or_zero_occ_residues.auth_comp_id 
_pdbx_unobs_or_zero_occ_residues.auth_seq_id 
_pdbx_unobs_or_zero_occ_residues.PDB_ins_code 
_pdbx_unobs_or_zero_occ_residues.label_asym_id 
_pdbx_unobs_or_zero_occ_residues.label_comp_id 
_pdbx_unobs_or_zero_occ_residues.label_seq_id 
1  1 Y 1 A MET 1   ? A MET 1   
2  1 Y 1 A HIS 2   ? A HIS 2   
3  1 Y 1 A HIS 3   ? A HIS 3   
4  1 Y 1 A HIS 4   ? A HIS 4   
5  1 Y 1 A HIS 5   ? A HIS 5   
6  1 Y 1 A HIS 6   ? A HIS 6   
7  1 Y 1 A HIS 7   ? A HIS 7   
8  1 Y 1 A SER 8   ? A SER 8   
9  1 Y 1 A SER 9   ? A SER 9   
10 1 Y 1 A GLY 10  ? A GLY 10  
11 1 Y 1 A VAL 11  ? A VAL 11  
12 1 Y 1 A ASP 12  ? A ASP 12  
13 1 Y 1 A LEU 13  ? A LEU 13  
14 1 Y 1 A GLY 14  ? A GLY 14  
15 1 Y 1 A THR 15  ? A THR 15  
16 1 Y 1 A GLU 16  ? A GLU 16  
17 1 Y 1 A ASN 17  ? A ASN 17  
18 1 Y 1 A LEU 18  ? A LEU 18  
19 1 Y 1 A TYR 19  ? A TYR 19  
20 1 Y 1 A PHE 20  ? A PHE 20  
21 1 Y 1 A GLN 21  ? A GLN 21  
22 1 Y 1 A SER 22  ? A SER 22  
23 1 Y 1 A MET 23  ? A MET 23  
24 1 Y 1 A GLU 178 ? A GLU 178 
25 1 Y 1 A LYS 179 ? A LYS 179 
26 1 Y 1 A ALA 180 ? A ALA 180 
27 1 Y 1 A THR 181 ? A THR 181 
28 1 Y 1 A SER 182 ? A SER 182 
29 1 Y 1 A GLY 183 ? A GLY 183 
30 1 Y 1 A PRO 184 ? A PRO 184 
31 1 Y 1 A PHE 185 ? A PHE 185 
32 1 Y 1 A GLY 186 ? A GLY 186 
33 1 Y 1 A LYS 187 ? A LYS 187 
34 1 Y 1 A ALA 188 ? A ALA 188 
35 1 Y 1 A PHE 189 ? A PHE 189 
36 1 Y 1 A GLY 190 ? A GLY 190 
37 1 Y 1 A LEU 191 ? A LEU 191 
38 1 Y 1 A ASP 192 ? A ASP 192 
39 1 Y 1 A LYS 193 ? A LYS 193 
# 
loop_
_chem_comp_atom.comp_id 
_chem_comp_atom.atom_id 
_chem_comp_atom.type_symbol 
_chem_comp_atom.pdbx_aromatic_flag 
_chem_comp_atom.pdbx_stereo_config 
_chem_comp_atom.pdbx_ordinal 
ALA N    N  N N 1   
ALA CA   C  N S 2   
ALA C    C  N N 3   
ALA O    O  N N 4   
ALA CB   C  N N 5   
ALA OXT  O  N N 6   
ALA H    H  N N 7   
ALA H2   H  N N 8   
ALA HA   H  N N 9   
ALA HB1  H  N N 10  
ALA HB2  H  N N 11  
ALA HB3  H  N N 12  
ALA HXT  H  N N 13  
ARG N    N  N N 14  
ARG CA   C  N S 15  
ARG C    C  N N 16  
ARG O    O  N N 17  
ARG CB   C  N N 18  
ARG CG   C  N N 19  
ARG CD   C  N N 20  
ARG NE   N  N N 21  
ARG CZ   C  N N 22  
ARG NH1  N  N N 23  
ARG NH2  N  N N 24  
ARG OXT  O  N N 25  
ARG H    H  N N 26  
ARG H2   H  N N 27  
ARG HA   H  N N 28  
ARG HB2  H  N N 29  
ARG HB3  H  N N 30  
ARG HG2  H  N N 31  
ARG HG3  H  N N 32  
ARG HD2  H  N N 33  
ARG HD3  H  N N 34  
ARG HE   H  N N 35  
ARG HH11 H  N N 36  
ARG HH12 H  N N 37  
ARG HH21 H  N N 38  
ARG HH22 H  N N 39  
ARG HXT  H  N N 40  
ASN N    N  N N 41  
ASN CA   C  N S 42  
ASN C    C  N N 43  
ASN O    O  N N 44  
ASN CB   C  N N 45  
ASN CG   C  N N 46  
ASN OD1  O  N N 47  
ASN ND2  N  N N 48  
ASN OXT  O  N N 49  
ASN H    H  N N 50  
ASN H2   H  N N 51  
ASN HA   H  N N 52  
ASN HB2  H  N N 53  
ASN HB3  H  N N 54  
ASN HD21 H  N N 55  
ASN HD22 H  N N 56  
ASN HXT  H  N N 57  
ASP N    N  N N 58  
ASP CA   C  N S 59  
ASP C    C  N N 60  
ASP O    O  N N 61  
ASP CB   C  N N 62  
ASP CG   C  N N 63  
ASP OD1  O  N N 64  
ASP OD2  O  N N 65  
ASP OXT  O  N N 66  
ASP H    H  N N 67  
ASP H2   H  N N 68  
ASP HA   H  N N 69  
ASP HB2  H  N N 70  
ASP HB3  H  N N 71  
ASP HD2  H  N N 72  
ASP HXT  H  N N 73  
CA  CA   CA N N 74  
CYS N    N  N N 75  
CYS CA   C  N R 76  
CYS C    C  N N 77  
CYS O    O  N N 78  
CYS CB   C  N N 79  
CYS SG   S  N N 80  
CYS OXT  O  N N 81  
CYS H    H  N N 82  
CYS H2   H  N N 83  
CYS HA   H  N N 84  
CYS HB2  H  N N 85  
CYS HB3  H  N N 86  
CYS HG   H  N N 87  
CYS HXT  H  N N 88  
GLN N    N  N N 89  
GLN CA   C  N S 90  
GLN C    C  N N 91  
GLN O    O  N N 92  
GLN CB   C  N N 93  
GLN CG   C  N N 94  
GLN CD   C  N N 95  
GLN OE1  O  N N 96  
GLN NE2  N  N N 97  
GLN OXT  O  N N 98  
GLN H    H  N N 99  
GLN H2   H  N N 100 
GLN HA   H  N N 101 
GLN HB2  H  N N 102 
GLN HB3  H  N N 103 
GLN HG2  H  N N 104 
GLN HG3  H  N N 105 
GLN HE21 H  N N 106 
GLN HE22 H  N N 107 
GLN HXT  H  N N 108 
GLU N    N  N N 109 
GLU CA   C  N S 110 
GLU C    C  N N 111 
GLU O    O  N N 112 
GLU CB   C  N N 113 
GLU CG   C  N N 114 
GLU CD   C  N N 115 
GLU OE1  O  N N 116 
GLU OE2  O  N N 117 
GLU OXT  O  N N 118 
GLU H    H  N N 119 
GLU H2   H  N N 120 
GLU HA   H  N N 121 
GLU HB2  H  N N 122 
GLU HB3  H  N N 123 
GLU HG2  H  N N 124 
GLU HG3  H  N N 125 
GLU HE2  H  N N 126 
GLU HXT  H  N N 127 
GLY N    N  N N 128 
GLY CA   C  N N 129 
GLY C    C  N N 130 
GLY O    O  N N 131 
GLY OXT  O  N N 132 
GLY H    H  N N 133 
GLY H2   H  N N 134 
GLY HA2  H  N N 135 
GLY HA3  H  N N 136 
GLY HXT  H  N N 137 
HIS N    N  N N 138 
HIS CA   C  N S 139 
HIS C    C  N N 140 
HIS O    O  N N 141 
HIS CB   C  N N 142 
HIS CG   C  Y N 143 
HIS ND1  N  Y N 144 
HIS CD2  C  Y N 145 
HIS CE1  C  Y N 146 
HIS NE2  N  Y N 147 
HIS OXT  O  N N 148 
HIS H    H  N N 149 
HIS H2   H  N N 150 
HIS HA   H  N N 151 
HIS HB2  H  N N 152 
HIS HB3  H  N N 153 
HIS HD1  H  N N 154 
HIS HD2  H  N N 155 
HIS HE1  H  N N 156 
HIS HE2  H  N N 157 
HIS HXT  H  N N 158 
HOH O    O  N N 159 
HOH H1   H  N N 160 
HOH H2   H  N N 161 
ILE N    N  N N 162 
ILE CA   C  N S 163 
ILE C    C  N N 164 
ILE O    O  N N 165 
ILE CB   C  N S 166 
ILE CG1  C  N N 167 
ILE CG2  C  N N 168 
ILE CD1  C  N N 169 
ILE OXT  O  N N 170 
ILE H    H  N N 171 
ILE H2   H  N N 172 
ILE HA   H  N N 173 
ILE HB   H  N N 174 
ILE HG12 H  N N 175 
ILE HG13 H  N N 176 
ILE HG21 H  N N 177 
ILE HG22 H  N N 178 
ILE HG23 H  N N 179 
ILE HD11 H  N N 180 
ILE HD12 H  N N 181 
ILE HD13 H  N N 182 
ILE HXT  H  N N 183 
LEU N    N  N N 184 
LEU CA   C  N S 185 
LEU C    C  N N 186 
LEU O    O  N N 187 
LEU CB   C  N N 188 
LEU CG   C  N N 189 
LEU CD1  C  N N 190 
LEU CD2  C  N N 191 
LEU OXT  O  N N 192 
LEU H    H  N N 193 
LEU H2   H  N N 194 
LEU HA   H  N N 195 
LEU HB2  H  N N 196 
LEU HB3  H  N N 197 
LEU HG   H  N N 198 
LEU HD11 H  N N 199 
LEU HD12 H  N N 200 
LEU HD13 H  N N 201 
LEU HD21 H  N N 202 
LEU HD22 H  N N 203 
LEU HD23 H  N N 204 
LEU HXT  H  N N 205 
LYS N    N  N N 206 
LYS CA   C  N S 207 
LYS C    C  N N 208 
LYS O    O  N N 209 
LYS CB   C  N N 210 
LYS CG   C  N N 211 
LYS CD   C  N N 212 
LYS CE   C  N N 213 
LYS NZ   N  N N 214 
LYS OXT  O  N N 215 
LYS H    H  N N 216 
LYS H2   H  N N 217 
LYS HA   H  N N 218 
LYS HB2  H  N N 219 
LYS HB3  H  N N 220 
LYS HG2  H  N N 221 
LYS HG3  H  N N 222 
LYS HD2  H  N N 223 
LYS HD3  H  N N 224 
LYS HE2  H  N N 225 
LYS HE3  H  N N 226 
LYS HZ1  H  N N 227 
LYS HZ2  H  N N 228 
LYS HZ3  H  N N 229 
LYS HXT  H  N N 230 
MET N    N  N N 231 
MET CA   C  N S 232 
MET C    C  N N 233 
MET O    O  N N 234 
MET CB   C  N N 235 
MET CG   C  N N 236 
MET SD   S  N N 237 
MET CE   C  N N 238 
MET OXT  O  N N 239 
MET H    H  N N 240 
MET H2   H  N N 241 
MET HA   H  N N 242 
MET HB2  H  N N 243 
MET HB3  H  N N 244 
MET HG2  H  N N 245 
MET HG3  H  N N 246 
MET HE1  H  N N 247 
MET HE2  H  N N 248 
MET HE3  H  N N 249 
MET HXT  H  N N 250 
PHE N    N  N N 251 
PHE CA   C  N S 252 
PHE C    C  N N 253 
PHE O    O  N N 254 
PHE CB   C  N N 255 
PHE CG   C  Y N 256 
PHE CD1  C  Y N 257 
PHE CD2  C  Y N 258 
PHE CE1  C  Y N 259 
PHE CE2  C  Y N 260 
PHE CZ   C  Y N 261 
PHE OXT  O  N N 262 
PHE H    H  N N 263 
PHE H2   H  N N 264 
PHE HA   H  N N 265 
PHE HB2  H  N N 266 
PHE HB3  H  N N 267 
PHE HD1  H  N N 268 
PHE HD2  H  N N 269 
PHE HE1  H  N N 270 
PHE HE2  H  N N 271 
PHE HZ   H  N N 272 
PHE HXT  H  N N 273 
PRO N    N  N N 274 
PRO CA   C  N S 275 
PRO C    C  N N 276 
PRO O    O  N N 277 
PRO CB   C  N N 278 
PRO CG   C  N N 279 
PRO CD   C  N N 280 
PRO OXT  O  N N 281 
PRO H    H  N N 282 
PRO HA   H  N N 283 
PRO HB2  H  N N 284 
PRO HB3  H  N N 285 
PRO HG2  H  N N 286 
PRO HG3  H  N N 287 
PRO HD2  H  N N 288 
PRO HD3  H  N N 289 
PRO HXT  H  N N 290 
SER N    N  N N 291 
SER CA   C  N S 292 
SER C    C  N N 293 
SER O    O  N N 294 
SER CB   C  N N 295 
SER OG   O  N N 296 
SER OXT  O  N N 297 
SER H    H  N N 298 
SER H2   H  N N 299 
SER HA   H  N N 300 
SER HB2  H  N N 301 
SER HB3  H  N N 302 
SER HG   H  N N 303 
SER HXT  H  N N 304 
THR N    N  N N 305 
THR CA   C  N S 306 
THR C    C  N N 307 
THR O    O  N N 308 
THR CB   C  N R 309 
THR OG1  O  N N 310 
THR CG2  C  N N 311 
THR OXT  O  N N 312 
THR H    H  N N 313 
THR H2   H  N N 314 
THR HA   H  N N 315 
THR HB   H  N N 316 
THR HG1  H  N N 317 
THR HG21 H  N N 318 
THR HG22 H  N N 319 
THR HG23 H  N N 320 
THR HXT  H  N N 321 
TRP N    N  N N 322 
TRP CA   C  N S 323 
TRP C    C  N N 324 
TRP O    O  N N 325 
TRP CB   C  N N 326 
TRP CG   C  Y N 327 
TRP CD1  C  Y N 328 
TRP CD2  C  Y N 329 
TRP NE1  N  Y N 330 
TRP CE2  C  Y N 331 
TRP CE3  C  Y N 332 
TRP CZ2  C  Y N 333 
TRP CZ3  C  Y N 334 
TRP CH2  C  Y N 335 
TRP OXT  O  N N 336 
TRP H    H  N N 337 
TRP H2   H  N N 338 
TRP HA   H  N N 339 
TRP HB2  H  N N 340 
TRP HB3  H  N N 341 
TRP HD1  H  N N 342 
TRP HE1  H  N N 343 
TRP HE3  H  N N 344 
TRP HZ2  H  N N 345 
TRP HZ3  H  N N 346 
TRP HH2  H  N N 347 
TRP HXT  H  N N 348 
TYR N    N  N N 349 
TYR CA   C  N S 350 
TYR C    C  N N 351 
TYR O    O  N N 352 
TYR CB   C  N N 353 
TYR CG   C  Y N 354 
TYR CD1  C  Y N 355 
TYR CD2  C  Y N 356 
TYR CE1  C  Y N 357 
TYR CE2  C  Y N 358 
TYR CZ   C  Y N 359 
TYR OH   O  N N 360 
TYR OXT  O  N N 361 
TYR H    H  N N 362 
TYR H2   H  N N 363 
TYR HA   H  N N 364 
TYR HB2  H  N N 365 
TYR HB3  H  N N 366 
TYR HD1  H  N N 367 
TYR HD2  H  N N 368 
TYR HE1  H  N N 369 
TYR HE2  H  N N 370 
TYR HH   H  N N 371 
TYR HXT  H  N N 372 
VAL N    N  N N 373 
VAL CA   C  N S 374 
VAL C    C  N N 375 
VAL O    O  N N 376 
VAL CB   C  N N 377 
VAL CG1  C  N N 378 
VAL CG2  C  N N 379 
VAL OXT  O  N N 380 
VAL H    H  N N 381 
VAL H2   H  N N 382 
VAL HA   H  N N 383 
VAL HB   H  N N 384 
VAL HG11 H  N N 385 
VAL HG12 H  N N 386 
VAL HG13 H  N N 387 
VAL HG21 H  N N 388 
VAL HG22 H  N N 389 
VAL HG23 H  N N 390 
VAL HXT  H  N N 391 
# 
loop_
_chem_comp_bond.comp_id 
_chem_comp_bond.atom_id_1 
_chem_comp_bond.atom_id_2 
_chem_comp_bond.value_order 
_chem_comp_bond.pdbx_aromatic_flag 
_chem_comp_bond.pdbx_stereo_config 
_chem_comp_bond.pdbx_ordinal 
ALA N   CA   sing N N 1   
ALA N   H    sing N N 2   
ALA N   H2   sing N N 3   
ALA CA  C    sing N N 4   
ALA CA  CB   sing N N 5   
ALA CA  HA   sing N N 6   
ALA C   O    doub N N 7   
ALA C   OXT  sing N N 8   
ALA CB  HB1  sing N N 9   
ALA CB  HB2  sing N N 10  
ALA CB  HB3  sing N N 11  
ALA OXT HXT  sing N N 12  
ARG N   CA   sing N N 13  
ARG N   H    sing N N 14  
ARG N   H2   sing N N 15  
ARG CA  C    sing N N 16  
ARG CA  CB   sing N N 17  
ARG CA  HA   sing N N 18  
ARG C   O    doub N N 19  
ARG C   OXT  sing N N 20  
ARG CB  CG   sing N N 21  
ARG CB  HB2  sing N N 22  
ARG CB  HB3  sing N N 23  
ARG CG  CD   sing N N 24  
ARG CG  HG2  sing N N 25  
ARG CG  HG3  sing N N 26  
ARG CD  NE   sing N N 27  
ARG CD  HD2  sing N N 28  
ARG CD  HD3  sing N N 29  
ARG NE  CZ   sing N N 30  
ARG NE  HE   sing N N 31  
ARG CZ  NH1  sing N N 32  
ARG CZ  NH2  doub N N 33  
ARG NH1 HH11 sing N N 34  
ARG NH1 HH12 sing N N 35  
ARG NH2 HH21 sing N N 36  
ARG NH2 HH22 sing N N 37  
ARG OXT HXT  sing N N 38  
ASN N   CA   sing N N 39  
ASN N   H    sing N N 40  
ASN N   H2   sing N N 41  
ASN CA  C    sing N N 42  
ASN CA  CB   sing N N 43  
ASN CA  HA   sing N N 44  
ASN C   O    doub N N 45  
ASN C   OXT  sing N N 46  
ASN CB  CG   sing N N 47  
ASN CB  HB2  sing N N 48  
ASN CB  HB3  sing N N 49  
ASN CG  OD1  doub N N 50  
ASN CG  ND2  sing N N 51  
ASN ND2 HD21 sing N N 52  
ASN ND2 HD22 sing N N 53  
ASN OXT HXT  sing N N 54  
ASP N   CA   sing N N 55  
ASP N   H    sing N N 56  
ASP N   H2   sing N N 57  
ASP CA  C    sing N N 58  
ASP CA  CB   sing N N 59  
ASP CA  HA   sing N N 60  
ASP C   O    doub N N 61  
ASP C   OXT  sing N N 62  
ASP CB  CG   sing N N 63  
ASP CB  HB2  sing N N 64  
ASP CB  HB3  sing N N 65  
ASP CG  OD1  doub N N 66  
ASP CG  OD2  sing N N 67  
ASP OD2 HD2  sing N N 68  
ASP OXT HXT  sing N N 69  
CYS N   CA   sing N N 70  
CYS N   H    sing N N 71  
CYS N   H2   sing N N 72  
CYS CA  C    sing N N 73  
CYS CA  CB   sing N N 74  
CYS CA  HA   sing N N 75  
CYS C   O    doub N N 76  
CYS C   OXT  sing N N 77  
CYS CB  SG   sing N N 78  
CYS CB  HB2  sing N N 79  
CYS CB  HB3  sing N N 80  
CYS SG  HG   sing N N 81  
CYS OXT HXT  sing N N 82  
GLN N   CA   sing N N 83  
GLN N   H    sing N N 84  
GLN N   H2   sing N N 85  
GLN CA  C    sing N N 86  
GLN CA  CB   sing N N 87  
GLN CA  HA   sing N N 88  
GLN C   O    doub N N 89  
GLN C   OXT  sing N N 90  
GLN CB  CG   sing N N 91  
GLN CB  HB2  sing N N 92  
GLN CB  HB3  sing N N 93  
GLN CG  CD   sing N N 94  
GLN CG  HG2  sing N N 95  
GLN CG  HG3  sing N N 96  
GLN CD  OE1  doub N N 97  
GLN CD  NE2  sing N N 98  
GLN NE2 HE21 sing N N 99  
GLN NE2 HE22 sing N N 100 
GLN OXT HXT  sing N N 101 
GLU N   CA   sing N N 102 
GLU N   H    sing N N 103 
GLU N   H2   sing N N 104 
GLU CA  C    sing N N 105 
GLU CA  CB   sing N N 106 
GLU CA  HA   sing N N 107 
GLU C   O    doub N N 108 
GLU C   OXT  sing N N 109 
GLU CB  CG   sing N N 110 
GLU CB  HB2  sing N N 111 
GLU CB  HB3  sing N N 112 
GLU CG  CD   sing N N 113 
GLU CG  HG2  sing N N 114 
GLU CG  HG3  sing N N 115 
GLU CD  OE1  doub N N 116 
GLU CD  OE2  sing N N 117 
GLU OE2 HE2  sing N N 118 
GLU OXT HXT  sing N N 119 
GLY N   CA   sing N N 120 
GLY N   H    sing N N 121 
GLY N   H2   sing N N 122 
GLY CA  C    sing N N 123 
GLY CA  HA2  sing N N 124 
GLY CA  HA3  sing N N 125 
GLY C   O    doub N N 126 
GLY C   OXT  sing N N 127 
GLY OXT HXT  sing N N 128 
HIS N   CA   sing N N 129 
HIS N   H    sing N N 130 
HIS N   H2   sing N N 131 
HIS CA  C    sing N N 132 
HIS CA  CB   sing N N 133 
HIS CA  HA   sing N N 134 
HIS C   O    doub N N 135 
HIS C   OXT  sing N N 136 
HIS CB  CG   sing N N 137 
HIS CB  HB2  sing N N 138 
HIS CB  HB3  sing N N 139 
HIS CG  ND1  sing Y N 140 
HIS CG  CD2  doub Y N 141 
HIS ND1 CE1  doub Y N 142 
HIS ND1 HD1  sing N N 143 
HIS CD2 NE2  sing Y N 144 
HIS CD2 HD2  sing N N 145 
HIS CE1 NE2  sing Y N 146 
HIS CE1 HE1  sing N N 147 
HIS NE2 HE2  sing N N 148 
HIS OXT HXT  sing N N 149 
HOH O   H1   sing N N 150 
HOH O   H2   sing N N 151 
ILE N   CA   sing N N 152 
ILE N   H    sing N N 153 
ILE N   H2   sing N N 154 
ILE CA  C    sing N N 155 
ILE CA  CB   sing N N 156 
ILE CA  HA   sing N N 157 
ILE C   O    doub N N 158 
ILE C   OXT  sing N N 159 
ILE CB  CG1  sing N N 160 
ILE CB  CG2  sing N N 161 
ILE CB  HB   sing N N 162 
ILE CG1 CD1  sing N N 163 
ILE CG1 HG12 sing N N 164 
ILE CG1 HG13 sing N N 165 
ILE CG2 HG21 sing N N 166 
ILE CG2 HG22 sing N N 167 
ILE CG2 HG23 sing N N 168 
ILE CD1 HD11 sing N N 169 
ILE CD1 HD12 sing N N 170 
ILE CD1 HD13 sing N N 171 
ILE OXT HXT  sing N N 172 
LEU N   CA   sing N N 173 
LEU N   H    sing N N 174 
LEU N   H2   sing N N 175 
LEU CA  C    sing N N 176 
LEU CA  CB   sing N N 177 
LEU CA  HA   sing N N 178 
LEU C   O    doub N N 179 
LEU C   OXT  sing N N 180 
LEU CB  CG   sing N N 181 
LEU CB  HB2  sing N N 182 
LEU CB  HB3  sing N N 183 
LEU CG  CD1  sing N N 184 
LEU CG  CD2  sing N N 185 
LEU CG  HG   sing N N 186 
LEU CD1 HD11 sing N N 187 
LEU CD1 HD12 sing N N 188 
LEU CD1 HD13 sing N N 189 
LEU CD2 HD21 sing N N 190 
LEU CD2 HD22 sing N N 191 
LEU CD2 HD23 sing N N 192 
LEU OXT HXT  sing N N 193 
LYS N   CA   sing N N 194 
LYS N   H    sing N N 195 
LYS N   H2   sing N N 196 
LYS CA  C    sing N N 197 
LYS CA  CB   sing N N 198 
LYS CA  HA   sing N N 199 
LYS C   O    doub N N 200 
LYS C   OXT  sing N N 201 
LYS CB  CG   sing N N 202 
LYS CB  HB2  sing N N 203 
LYS CB  HB3  sing N N 204 
LYS CG  CD   sing N N 205 
LYS CG  HG2  sing N N 206 
LYS CG  HG3  sing N N 207 
LYS CD  CE   sing N N 208 
LYS CD  HD2  sing N N 209 
LYS CD  HD3  sing N N 210 
LYS CE  NZ   sing N N 211 
LYS CE  HE2  sing N N 212 
LYS CE  HE3  sing N N 213 
LYS NZ  HZ1  sing N N 214 
LYS NZ  HZ2  sing N N 215 
LYS NZ  HZ3  sing N N 216 
LYS OXT HXT  sing N N 217 
MET N   CA   sing N N 218 
MET N   H    sing N N 219 
MET N   H2   sing N N 220 
MET CA  C    sing N N 221 
MET CA  CB   sing N N 222 
MET CA  HA   sing N N 223 
MET C   O    doub N N 224 
MET C   OXT  sing N N 225 
MET CB  CG   sing N N 226 
MET CB  HB2  sing N N 227 
MET CB  HB3  sing N N 228 
MET CG  SD   sing N N 229 
MET CG  HG2  sing N N 230 
MET CG  HG3  sing N N 231 
MET SD  CE   sing N N 232 
MET CE  HE1  sing N N 233 
MET CE  HE2  sing N N 234 
MET CE  HE3  sing N N 235 
MET OXT HXT  sing N N 236 
PHE N   CA   sing N N 237 
PHE N   H    sing N N 238 
PHE N   H2   sing N N 239 
PHE CA  C    sing N N 240 
PHE CA  CB   sing N N 241 
PHE CA  HA   sing N N 242 
PHE C   O    doub N N 243 
PHE C   OXT  sing N N 244 
PHE CB  CG   sing N N 245 
PHE CB  HB2  sing N N 246 
PHE CB  HB3  sing N N 247 
PHE CG  CD1  doub Y N 248 
PHE CG  CD2  sing Y N 249 
PHE CD1 CE1  sing Y N 250 
PHE CD1 HD1  sing N N 251 
PHE CD2 CE2  doub Y N 252 
PHE CD2 HD2  sing N N 253 
PHE CE1 CZ   doub Y N 254 
PHE CE1 HE1  sing N N 255 
PHE CE2 CZ   sing Y N 256 
PHE CE2 HE2  sing N N 257 
PHE CZ  HZ   sing N N 258 
PHE OXT HXT  sing N N 259 
PRO N   CA   sing N N 260 
PRO N   CD   sing N N 261 
PRO N   H    sing N N 262 
PRO CA  C    sing N N 263 
PRO CA  CB   sing N N 264 
PRO CA  HA   sing N N 265 
PRO C   O    doub N N 266 
PRO C   OXT  sing N N 267 
PRO CB  CG   sing N N 268 
PRO CB  HB2  sing N N 269 
PRO CB  HB3  sing N N 270 
PRO CG  CD   sing N N 271 
PRO CG  HG2  sing N N 272 
PRO CG  HG3  sing N N 273 
PRO CD  HD2  sing N N 274 
PRO CD  HD3  sing N N 275 
PRO OXT HXT  sing N N 276 
SER N   CA   sing N N 277 
SER N   H    sing N N 278 
SER N   H2   sing N N 279 
SER CA  C    sing N N 280 
SER CA  CB   sing N N 281 
SER CA  HA   sing N N 282 
SER C   O    doub N N 283 
SER C   OXT  sing N N 284 
SER CB  OG   sing N N 285 
SER CB  HB2  sing N N 286 
SER CB  HB3  sing N N 287 
SER OG  HG   sing N N 288 
SER OXT HXT  sing N N 289 
THR N   CA   sing N N 290 
THR N   H    sing N N 291 
THR N   H2   sing N N 292 
THR CA  C    sing N N 293 
THR CA  CB   sing N N 294 
THR CA  HA   sing N N 295 
THR C   O    doub N N 296 
THR C   OXT  sing N N 297 
THR CB  OG1  sing N N 298 
THR CB  CG2  sing N N 299 
THR CB  HB   sing N N 300 
THR OG1 HG1  sing N N 301 
THR CG2 HG21 sing N N 302 
THR CG2 HG22 sing N N 303 
THR CG2 HG23 sing N N 304 
THR OXT HXT  sing N N 305 
TRP N   CA   sing N N 306 
TRP N   H    sing N N 307 
TRP N   H2   sing N N 308 
TRP CA  C    sing N N 309 
TRP CA  CB   sing N N 310 
TRP CA  HA   sing N N 311 
TRP C   O    doub N N 312 
TRP C   OXT  sing N N 313 
TRP CB  CG   sing N N 314 
TRP CB  HB2  sing N N 315 
TRP CB  HB3  sing N N 316 
TRP CG  CD1  doub Y N 317 
TRP CG  CD2  sing Y N 318 
TRP CD1 NE1  sing Y N 319 
TRP CD1 HD1  sing N N 320 
TRP CD2 CE2  doub Y N 321 
TRP CD2 CE3  sing Y N 322 
TRP NE1 CE2  sing Y N 323 
TRP NE1 HE1  sing N N 324 
TRP CE2 CZ2  sing Y N 325 
TRP CE3 CZ3  doub Y N 326 
TRP CE3 HE3  sing N N 327 
TRP CZ2 CH2  doub Y N 328 
TRP CZ2 HZ2  sing N N 329 
TRP CZ3 CH2  sing Y N 330 
TRP CZ3 HZ3  sing N N 331 
TRP CH2 HH2  sing N N 332 
TRP OXT HXT  sing N N 333 
TYR N   CA   sing N N 334 
TYR N   H    sing N N 335 
TYR N   H2   sing N N 336 
TYR CA  C    sing N N 337 
TYR CA  CB   sing N N 338 
TYR CA  HA   sing N N 339 
TYR C   O    doub N N 340 
TYR C   OXT  sing N N 341 
TYR CB  CG   sing N N 342 
TYR CB  HB2  sing N N 343 
TYR CB  HB3  sing N N 344 
TYR CG  CD1  doub Y N 345 
TYR CG  CD2  sing Y N 346 
TYR CD1 CE1  sing Y N 347 
TYR CD1 HD1  sing N N 348 
TYR CD2 CE2  doub Y N 349 
TYR CD2 HD2  sing N N 350 
TYR CE1 CZ   doub Y N 351 
TYR CE1 HE1  sing N N 352 
TYR CE2 CZ   sing Y N 353 
TYR CE2 HE2  sing N N 354 
TYR CZ  OH   sing N N 355 
TYR OH  HH   sing N N 356 
TYR OXT HXT  sing N N 357 
VAL N   CA   sing N N 358 
VAL N   H    sing N N 359 
VAL N   H2   sing N N 360 
VAL CA  C    sing N N 361 
VAL CA  CB   sing N N 362 
VAL CA  HA   sing N N 363 
VAL C   O    doub N N 364 
VAL C   OXT  sing N N 365 
VAL CB  CG1  sing N N 366 
VAL CB  CG2  sing N N 367 
VAL CB  HB   sing N N 368 
VAL CG1 HG11 sing N N 369 
VAL CG1 HG12 sing N N 370 
VAL CG1 HG13 sing N N 371 
VAL CG2 HG21 sing N N 372 
VAL CG2 HG22 sing N N 373 
VAL CG2 HG23 sing N N 374 
VAL OXT HXT  sing N N 375 
# 
_pdbx_audit_support.funding_organization   'Agence Nationale de la Recherche (ANR)' 
_pdbx_audit_support.country                France 
_pdbx_audit_support.grant_number           ? 
_pdbx_audit_support.ordinal                1 
# 
_pdbx_initial_refinement_model.id               1 
_pdbx_initial_refinement_model.entity_id_list   ? 
_pdbx_initial_refinement_model.type             'experimental model' 
_pdbx_initial_refinement_model.source_name      PDB 
_pdbx_initial_refinement_model.accession_code   2LT2 
_pdbx_initial_refinement_model.details          ? 
# 
_atom_sites.entry_id                    9H70 
_atom_sites.Cartn_transf_matrix[1][1]   ? 
_atom_sites.Cartn_transf_matrix[1][2]   ? 
_atom_sites.Cartn_transf_matrix[1][3]   ? 
_atom_sites.Cartn_transf_matrix[2][1]   ? 
_atom_sites.Cartn_transf_matrix[2][2]   ? 
_atom_sites.Cartn_transf_matrix[2][3]   ? 
_atom_sites.Cartn_transf_matrix[3][1]   ? 
_atom_sites.Cartn_transf_matrix[3][2]   ? 
_atom_sites.Cartn_transf_matrix[3][3]   ? 
_atom_sites.Cartn_transf_vector[1]      ? 
_atom_sites.Cartn_transf_vector[2]      ? 
_atom_sites.Cartn_transf_vector[3]      ? 
_atom_sites.Cartn_transform_axes        ? 
_atom_sites.fract_transf_matrix[1][1]   -0.00095748 
_atom_sites.fract_transf_matrix[1][2]   -0.00450682 
_atom_sites.fract_transf_matrix[1][3]   0.01139714 
_atom_sites.fract_transf_matrix[2][1]   -0.01099165 
_atom_sites.fract_transf_matrix[2][2]   -0.00331126 
_atom_sites.fract_transf_matrix[2][3]   0.00439738 
_atom_sites.fract_transf_matrix[3][1]   0.00261433 
_atom_sites.fract_transf_matrix[3][2]   -0.01766113 
_atom_sites.fract_transf_matrix[3][3]   -0.00676419 
_atom_sites.fract_transf_vector[1]      -0.250286 
_atom_sites.fract_transf_vector[2]      0.256230 
_atom_sites.fract_transf_vector[3]      -0.206768 
_atom_sites.solution_primary            ? 
_atom_sites.solution_secondary          ? 
_atom_sites.solution_hydrogens          ? 
_atom_sites.special_details             ? 
# 
loop_
_atom_type.symbol 
_atom_type.pdbx_scat_Z 
_atom_type.pdbx_N_electrons 
_atom_type.scat_Cromer_Mann_a1 
_atom_type.scat_Cromer_Mann_b1 
_atom_type.scat_Cromer_Mann_a2 
_atom_type.scat_Cromer_Mann_b2 
_atom_type.scat_Cromer_Mann_a3 
_atom_type.scat_Cromer_Mann_b3 
_atom_type.scat_Cromer_Mann_a4 
_atom_type.scat_Cromer_Mann_b4 
_atom_type.scat_Cromer_Mann_c 
C  6  6  2.3103  20.8439 1.0201 10.2075 1.5888 0.5687  0.8651 51.6512  0.2156   
CA 20 20 8.6266  10.4421 7.3873 0.6599  1.5899 85.7484 1.0211 178.4370 1.6690   
H  1  1  0.4930  10.5109 0.3229 26.1257 0.1402 3.1424  0.0408 57.7997  0.0030   
N  7  7  12.2220 0.0057  3.1346 9.8933  2.0141 28.9975 1.1672 0.5826   -11.5379 
O  8  8  3.0487  13.2771 2.2870 5.7011  1.5464 0.3239  0.8671 32.9089  0.2508   
S  16 16 6.9054  1.4679  5.2035 22.2151 1.4379 0.2536  1.5863 56.1720  1.0496   
# 
loop_
_atom_site.group_PDB 
_atom_site.id 
_atom_site.type_symbol 
_atom_site.label_atom_id 
_atom_site.label_alt_id 
_atom_site.label_comp_id 
_atom_site.label_asym_id 
_atom_site.label_entity_id 
_atom_site.label_seq_id 
_atom_site.pdbx_PDB_ins_code 
_atom_site.Cartn_x 
_atom_site.Cartn_y 
_atom_site.Cartn_z 
_atom_site.occupancy 
_atom_site.B_iso_or_equiv 
_atom_site.pdbx_formal_charge 
_atom_site.auth_seq_id 
_atom_site.auth_comp_id 
_atom_site.auth_asym_id 
_atom_site.auth_atom_id 
_atom_site.pdbx_PDB_model_num 
_atom_site.calc_flag 
ATOM   1    N  N   . ARG A 1 24  ? -17.502 -2.895  13.735  1.000 55.428 0 24  ARG A N   1 ? 
ATOM   2    C  CA  . ARG A 1 24  ? -17.944 -1.560  14.221  1.000 58.910 0 24  ARG A CA  1 ? 
ATOM   3    C  C   . ARG A 1 24  ? -17.526 -1.362  15.681  1.000 61.066 0 24  ARG A C   1 ? 
ATOM   4    O  O   . ARG A 1 24  ? -18.379 -1.285  16.572  1.000 58.336 0 24  ARG A O   1 ? 
ATOM   5    C  CB  . ARG A 1 24  ? -19.469 -1.428  14.092  1.000 61.573 0 24  ARG A CB  1 ? 
ATOM   6    C  CG  . ARG A 1 24  ? -19.996 -1.347  12.667  1.000 65.427 0 24  ARG A CG  1 ? 
ATOM   7    C  CD  . ARG A 1 24  ? -20.219 0.093   12.205  1.000 65.418 0 24  ARG A CD  1 ? 
ATOM   8    N  NE  . ARG A 1 24  ? -20.582 0.165   10.781  1.000 59.538 0 24  ARG A NE  1 ? 
ATOM   9    C  CZ  . ARG A 1 24  ? -19.717 0.071   9.762   1.000 56.267 0 24  ARG A CZ  1 ? 
ATOM   10   N  NH1 . ARG A 1 24  ? -18.421 0.023   10.002  1.000 53.654 0 24  ARG A NH1 1 ? 
ATOM   11   N  NH2 . ARG A 1 24  ? -20.130 0.067   8.500   1.000 49.764 0 24  ARG A NH2 1 ? 
ATOM   12   N  N   . PRO A 1 25  ? -16.209 -1.287  15.984  1.000 57.951 0 25  PRO A N   1 ? 
ATOM   13   C  CA  . PRO A 1 25  ? -15.732 -1.073  17.348  1.000 60.153 0 25  PRO A CA  1 ? 
ATOM   14   C  C   . PRO A 1 25  ? -15.165 0.327   17.563  1.000 61.939 0 25  PRO A C   1 ? 
ATOM   15   O  O   . PRO A 1 25  ? -13.960 0.487   17.747  1.000 58.333 0 25  PRO A O   1 ? 
ATOM   16   C  CB  . PRO A 1 25  ? -14.653 -2.180  17.425  1.000 57.675 0 25  PRO A CB  1 ? 
ATOM   17   C  CG  . PRO A 1 25  ? -14.313 -2.506  15.969  1.000 60.194 0 25  PRO A CG  1 ? 
ATOM   18   C  CD  . PRO A 1 25  ? -15.074 -1.517  15.078  1.000 61.644 0 25  PRO A CD  1 ? 
ATOM   19   N  N   . GLU A 1 26  ? -16.045 1.337   17.495  1.000 62.950 0 26  GLU A N   1 ? 
ATOM   20   C  CA  . GLU A 1 26  ? -15.720 2.688   17.930  1.000 61.266 0 26  GLU A CA  1 ? 
ATOM   21   C  C   . GLU A 1 26  ? -14.559 3.229   17.101  1.000 53.266 0 26  GLU A C   1 ? 
ATOM   22   O  O   . GLU A 1 26  ? -13.991 4.267   17.430  1.000 62.351 0 26  GLU A O   1 ? 
ATOM   23   C  CB  . GLU A 1 26  ? -15.300 2.702   19.404  1.000 64.894 0 26  GLU A CB  1 ? 
ATOM   24   C  CG  . GLU A 1 26  ? -16.187 1.873   20.329  1.000 67.196 0 26  GLU A CG  1 ? 
ATOM   25   C  CD  . GLU A 1 26  ? -17.487 2.572   20.655  1.000 70.318 0 26  GLU A CD  1 ? 
ATOM   26   O  OE1 . GLU A 1 26  ? -17.472 3.551   21.437  1.000 66.304 0 26  GLU A OE1 1 ? 
ATOM   27   O  OE2 . GLU A 1 26  ? -18.502 2.137   20.082  1.000 63.598 0 26  GLU A OE2 1 ? 
ATOM   28   N  N   . GLY A 1 27  ? -14.213 2.511   16.029  1.000 46.788 0 27  GLY A N   1 ? 
ATOM   29   C  CA  . GLY A 1 27  ? -12.938 2.698   15.359  1.000 40.744 0 27  GLY A CA  1 ? 
ATOM   30   C  C   . GLY A 1 27  ? -11.793 2.142   16.202  1.000 36.541 0 27  GLY A C   1 ? 
ATOM   31   O  O   . GLY A 1 27  ? -11.479 2.700   17.251  1.000 36.556 0 27  GLY A O   1 ? 
ATOM   32   N  N   . VAL A 1 28  ? -11.182 1.053   15.720  1.000 29.251 0 28  VAL A N   1 ? 
ATOM   33   C  CA  . VAL A 1 28  ? -10.067 0.422   16.404  1.000 28.579 0 28  VAL A CA  1 ? 
ATOM   34   C  C   . VAL A 1 28  ? -8.889  1.397   16.424  1.000 28.815 0 28  VAL A C   1 ? 
ATOM   35   O  O   . VAL A 1 28  ? -8.651  2.103   15.445  1.000 25.937 0 28  VAL A O   1 ? 
ATOM   36   C  CB  . VAL A 1 28  ? -9.696  -0.917  15.738  1.000 29.965 0 28  VAL A CB  1 ? 
ATOM   37   C  CG1 . VAL A 1 28  ? -8.507  -1.585  16.417  1.000 26.468 0 28  VAL A CG1 1 ? 
ATOM   38   C  CG2 . VAL A 1 28  ? -10.893 -1.849  15.734  1.000 31.747 0 28  VAL A CG2 1 ? 
ATOM   39   N  N   . ASN A 1 29  ? -8.193  1.428   17.568  1.000 26.281 0 29  ASN A N   1 ? 
ATOM   40   C  CA  . ASN A 1 29  ? -7.118  2.361   17.832  1.000 27.514 0 29  ASN A CA  1 ? 
ATOM   41   C  C   . ASN A 1 29  ? -6.128  1.663   18.754  1.000 28.538 0 29  ASN A C   1 ? 
ATOM   42   O  O   . ASN A 1 29  ? -6.273  1.710   19.985  1.000 29.333 0 29  ASN A O   1 ? 
ATOM   43   C  CB  . ASN A 1 29  ? -7.637  3.666   18.434  1.000 28.925 0 29  ASN A CB  1 ? 
ATOM   44   C  CG  . ASN A 1 29  ? -6.526  4.667   18.628  1.000 26.514 0 29  ASN A CG  1 ? 
ATOM   45   O  OD1 . ASN A 1 29  ? -5.354  4.319   18.447  1.000 27.384 0 29  ASN A OD1 1 ? 
ATOM   46   N  ND2 . ASN A 1 29  ? -6.856  5.897   19.019  1.000 28.542 0 29  ASN A ND2 1 ? 
ATOM   47   N  N   . ARG A 1 30  ? -5.157  0.954   18.175  1.000 24.787 0 30  ARG A N   1 ? 
ATOM   48   C  CA  . ARG A 1 30  ? -4.335  0.113   19.027  1.000 23.758 0 30  ARG A CA  1 ? 
ATOM   49   C  C   . ARG A 1 30  ? -2.874  0.451   18.846  1.000 22.608 0 30  ARG A C   1 ? 
ATOM   50   O  O   . ARG A 1 30  ? -2.176  -0.113  18.012  1.000 21.738 0 30  ARG A O   1 ? 
ATOM   51   C  CB  . ARG A 1 30  ? -4.674  -1.357  18.779  1.000 25.344 0 30  ARG A CB  1 ? 
ATOM   52   C  CG  . ARG A 1 30  ? -5.906  -1.746  19.586  1.000 32.727 0 30  ARG A CG  1 ? 
ATOM   53   C  CD  . ARG A 1 30  ? -6.282  -3.147  19.265  1.000 31.842 0 30  ARG A CD  1 ? 
ATOM   54   N  NE  . ARG A 1 30  ? -5.200  -4.041  19.676  1.000 34.202 0 30  ARG A NE  1 ? 
ATOM   55   C  CZ  . ARG A 1 30  ? -5.266  -5.355  19.570  1.000 34.602 0 30  ARG A CZ  1 ? 
ATOM   56   N  NH1 . ARG A 1 30  ? -6.378  -5.932  19.118  1.000 34.559 0 30  ARG A NH1 1 ? 
ATOM   57   N  NH2 . ARG A 1 30  ? -4.215  -6.066  19.930  1.000 33.047 0 30  ARG A NH2 1 ? 
ATOM   58   N  N   . PRO A 1 31  ? -2.349  1.379   19.666  1.000 24.130 0 31  PRO A N   1 ? 
ATOM   59   C  CA  . PRO A 1 31  ? -0.911  1.645   19.692  1.000 23.433 0 31  PRO A CA  1 ? 
ATOM   60   C  C   . PRO A 1 31  ? -0.044  0.416   19.974  1.000 23.120 0 31  PRO A C   1 ? 
ATOM   61   O  O   . PRO A 1 31  ? 1.110   0.344   19.563  1.000 24.132 0 31  PRO A O   1 ? 
ATOM   62   C  CB  . PRO A 1 31  ? -0.816  2.678   20.848  1.000 21.923 0 31  PRO A CB  1 ? 
ATOM   63   C  CG  . PRO A 1 31  ? -2.159  3.346   20.900  1.000 22.014 0 31  PRO A CG  1 ? 
ATOM   64   C  CD  . PRO A 1 31  ? -3.115  2.217   20.595  1.000 22.798 0 31  PRO A CD  1 ? 
ATOM   65   N  N   . ASN A 1 32  ? -0.630  -0.580  20.645  1.000 26.104 0 32  ASN A N   1 ? 
ATOM   66   C  CA  . ASN A 1 32  ? 0.091   -1.783  21.061  1.000 28.465 0 32  ASN A CA  1 ? 
ATOM   67   C  C   . ASN A 1 32  ? 0.553   -2.592  19.844  1.000 28.800 0 32  ASN A C   1 ? 
ATOM   68   O  O   . ASN A 1 32  ? 1.520   -3.353  19.885  1.000 27.444 0 32  ASN A O   1 ? 
ATOM   69   C  CB  . ASN A 1 32  ? -0.770  -2.649  21.977  1.000 29.508 0 32  ASN A CB  1 ? 
ATOM   70   C  CG  . ASN A 1 32  ? -1.891  -3.378  21.264  1.000 29.218 0 32  ASN A CG  1 ? 
ATOM   71   O  OD1 . ASN A 1 32  ? -2.922  -2.783  20.940  1.000 30.220 0 32  ASN A OD1 1 ? 
ATOM   72   N  ND2 . ASN A 1 32  ? -1.739  -4.683  21.069  1.000 27.449 0 32  ASN A ND2 1 ? 
ATOM   73   N  N   . LEU A 1 33  ? -0.159  -2.444  18.728  1.000 26.071 0 33  LEU A N   1 ? 
ATOM   74   C  CA  . LEU A 1 33  ? 0.210   -3.161  17.521  1.000 24.577 0 33  LEU A CA  1 ? 
ATOM   75   C  C   . LEU A 1 33  ? 1.177   -2.370  16.635  1.000 24.673 0 33  LEU A C   1 ? 
ATOM   76   O  O   . LEU A 1 33  ? 1.516   -2.825  15.541  1.000 27.150 0 33  LEU A O   1 ? 
ATOM   77   C  CB  . LEU A 1 33  ? -1.109  -3.453  16.812  1.000 23.950 0 33  LEU A CB  1 ? 
ATOM   78   C  CG  . LEU A 1 33  ? -1.975  -4.550  17.419  1.000 21.341 0 33  LEU A CG  1 ? 
ATOM   79   C  CD1 . LEU A 1 33  ? -3.259  -4.679  16.642  1.000 21.332 0 33  LEU A CD1 1 ? 
ATOM   80   C  CD2 . LEU A 1 33  ? -1.170  -5.873  17.409  1.000 21.624 0 33  LEU A CD2 1 ? 
ATOM   81   N  N   . LEU A 1 34  ? 1.586   -1.164  17.048  1.000 23.690 0 34  LEU A N   1 ? 
ATOM   82   C  CA  . LEU A 1 34  ? 2.651   -0.494  16.323  1.000 23.139 0 34  LEU A CA  1 ? 
ATOM   83   C  C   . LEU A 1 34  ? 3.969   -1.215  16.632  1.000 26.093 0 34  LEU A C   1 ? 
ATOM   84   O  O   . LEU A 1 34  ? 4.129   -1.752  17.738  1.000 29.188 0 34  LEU A O   1 ? 
ATOM   85   C  CB  . LEU A 1 34  ? 2.703   0.991   16.649  1.000 21.683 0 34  LEU A CB  1 ? 
ATOM   86   C  CG  . LEU A 1 34  ? 1.451   1.821   16.316  1.000 23.225 0 34  LEU A CG  1 ? 
ATOM   87   C  CD1 . LEU A 1 34  ? 1.598   3.228   16.864  1.000 25.100 0 34  LEU A CD1 1 ? 
ATOM   88   C  CD2 . LEU A 1 34  ? 1.153   1.858   14.819  1.000 23.027 0 34  LEU A CD2 1 ? 
ATOM   89   N  N   . PRO A 1 35  ? 4.929   -1.267  15.681  1.000 25.369 0 35  PRO A N   1 ? 
ATOM   90   C  CA  . PRO A 1 35  ? 6.286   -1.760  15.960  1.000 28.405 0 35  PRO A CA  1 ? 
ATOM   91   C  C   . PRO A 1 35  ? 6.930   -0.935  17.064  1.000 28.004 0 35  PRO A C   1 ? 
ATOM   92   O  O   . PRO A 1 35  ? 6.556   0.221   17.236  1.000 30.402 0 35  PRO A O   1 ? 
ATOM   93   C  CB  . PRO A 1 35  ? 7.011   -1.581  14.632  1.000 28.153 0 35  PRO A CB  1 ? 
ATOM   94   C  CG  . PRO A 1 35  ? 5.899   -1.650  13.598  1.000 27.876 0 35  PRO A CG  1 ? 
ATOM   95   C  CD  . PRO A 1 35  ? 4.740   -0.917  14.261  1.000 25.048 0 35  PRO A CD  1 ? 
ATOM   96   N  N   . LYS A 1 36  ? 7.937   -1.513  17.737  1.000 37.501 0 36  LYS A N   1 ? 
ATOM   97   C  CA  . LYS A 1 36  ? 8.443   -0.968  18.986  1.000 39.531 0 36  LYS A CA  1 ? 
ATOM   98   C  C   . LYS A 1 36  ? 9.292   0.288   18.783  1.000 47.060 0 36  LYS A C   1 ? 
ATOM   99   O  O   . LYS A 1 36  ? 8.953   1.341   19.328  1.000 58.799 0 36  LYS A O   1 ? 
ATOM   100  C  CB  . LYS A 1 36  ? 9.237   -1.997  19.798  1.000 47.052 0 36  LYS A CB  1 ? 
ATOM   101  C  CG  . LYS A 1 36  ? 10.381  -2.714  19.083  1.000 50.585 0 36  LYS A CG  1 ? 
ATOM   102  C  CD  . LYS A 1 36  ? 11.658  -2.837  19.912  1.000 50.482 0 36  LYS A CD  1 ? 
ATOM   103  C  CE  . LYS A 1 36  ? 11.488  -3.631  21.168  1.000 52.765 0 36  LYS A CE  1 ? 
ATOM   104  N  NZ  . LYS A 1 36  ? 11.006  -2.840  22.307  1.000 55.333 0 36  LYS A NZ  1 ? 
ATOM   105  N  N   . GLY A 1 37  ? 10.403  0.179   18.042  1.000 40.221 0 37  GLY A N   1 ? 
ATOM   106  C  CA  . GLY A 1 37  ? 11.428  1.214   18.044  1.000 35.451 0 37  GLY A CA  1 ? 
ATOM   107  C  C   . GLY A 1 37  ? 11.134  2.333   17.037  1.000 32.270 0 37  GLY A C   1 ? 
ATOM   108  O  O   . GLY A 1 37  ? 10.094  2.999   17.100  1.000 27.067 0 37  GLY A O   1 ? 
ATOM   109  N  N   . GLU A 1 38  ? 12.070  2.529   16.104  1.000 26.736 0 38  GLU A N   1 ? 
ATOM   110  C  CA  . GLU A 1 38  ? 12.015  3.631   15.169  1.000 33.587 0 38  GLU A CA  1 ? 
ATOM   111  C  C   . GLU A 1 38  ? 10.919  3.367   14.131  1.000 27.274 0 38  GLU A C   1 ? 
ATOM   112  O  O   . GLU A 1 38  ? 10.719  2.209   13.753  1.000 25.377 0 38  GLU A O   1 ? 
ATOM   113  C  CB  . GLU A 1 38  ? 13.416  3.724   14.573  1.000 38.962 0 38  GLU A CB  1 ? 
ATOM   114  C  CG  . GLU A 1 38  ? 13.606  4.890   13.613  1.000 44.574 0 38  GLU A CG  1 ? 
ATOM   115  C  CD  . GLU A 1 38  ? 15.066  5.128   13.278  1.000 44.469 0 38  GLU A CD  1 ? 
ATOM   116  O  OE1 . GLU A 1 38  ? 15.897  4.387   13.837  1.000 45.216 0 38  GLU A OE1 1 ? 
ATOM   117  O  OE2 . GLU A 1 38  ? 15.361  6.051   12.494  1.000 37.317 0 38  GLU A OE2 1 ? 
ATOM   118  N  N   . VAL A 1 39  ? 10.241  4.431   13.689  1.000 24.902 0 39  VAL A N   1 ? 
ATOM   119  C  CA  . VAL A 1 39  ? 9.125   4.307   12.753  1.000 24.729 0 39  VAL A CA  1 ? 
ATOM   120  C  C   . VAL A 1 39  ? 9.568   3.488   11.541  1.000 24.090 0 39  VAL A C   1 ? 
ATOM   121  O  O   . VAL A 1 39  ? 10.669  3.663   11.027  1.000 24.056 0 39  VAL A O   1 ? 
ATOM   122  C  CB  . VAL A 1 39  ? 8.582   5.686   12.307  1.000 24.846 0 39  VAL A CB  1 ? 
ATOM   123  C  CG1 . VAL A 1 39  ? 9.624   6.456   11.511  1.000 27.060 0 39  VAL A CG1 1 ? 
ATOM   124  C  CG2 . VAL A 1 39  ? 7.281   5.587   11.502  1.000 23.305 0 39  VAL A CG2 1 ? 
ATOM   125  N  N   . THR A 1 40  ? 8.672   2.639   11.033  1.000 21.255 0 40  THR A N   1 ? 
ATOM   126  C  CA  . THR A 1 40  ? 8.961   1.911   9.811   1.000 20.731 0 40  THR A CA  1 ? 
ATOM   127  C  C   . THR A 1 40  ? 7.740   2.063   8.939   1.000 18.454 0 40  THR A C   1 ? 
ATOM   128  O  O   . THR A 1 40  ? 6.633   2.104   9.467   1.000 19.510 0 40  THR A O   1 ? 
ATOM   129  C  CB  . THR A 1 40  ? 9.284   0.435   10.073  1.000 22.570 0 40  THR A CB  1 ? 
ATOM   130  O  OG1 . THR A 1 40  ? 9.437   -0.199  8.795   1.000 23.064 0 40  THR A OG1 1 ? 
ATOM   131  C  CG2 . THR A 1 40  ? 8.213   -0.276  10.887  1.000 24.670 0 40  THR A CG2 1 ? 
ATOM   132  N  N   . SER A 1 41  ? 7.958   2.038   7.632   1.000 17.829 0 41  SER A N   1 ? 
ATOM   133  C  CA  . SER A 1 41  ? 6.887   2.251   6.671   1.000 18.033 0 41  SER A CA  1 ? 
ATOM   134  C  C   . SER A 1 41  ? 6.100   0.990   6.338   1.000 18.572 0 41  SER A C   1 ? 
ATOM   135  O  O   . SER A 1 41  ? 5.203   1.070   5.518   1.000 19.016 0 41  SER A O   1 ? 
ATOM   136  C  CB  . SER A 1 41  ? 7.400   2.873   5.423   1.000 20.453 0 41  SER A CB  1 ? 
ATOM   137  O  OG  . SER A 1 41  ? 8.131   4.051   5.738   1.000 27.518 0 41  SER A OG  1 ? 
ATOM   138  N  N   . VAL A 1 42  ? 6.417   -0.111  6.996   1.000 19.678 0 42  VAL A N   1 ? 
ATOM   139  C  CA  . VAL A 1 42  ? 5.700   -1.370  6.858   1.000 19.468 0 42  VAL A CA  1 ? 
ATOM   140  C  C   . VAL A 1 42  ? 5.364   -1.858  8.261   1.000 21.613 0 42  VAL A C   1 ? 
ATOM   141  O  O   . VAL A 1 42  ? 6.261   -2.048  9.096   1.000 20.581 0 42  VAL A O   1 ? 
ATOM   142  C  CB  . VAL A 1 42  ? 6.479   -2.447  6.078   1.000 23.414 0 42  VAL A CB  1 ? 
ATOM   143  C  CG1 . VAL A 1 42  ? 5.689   -3.757  6.066   1.000 26.441 0 42  VAL A CG1 1 ? 
ATOM   144  C  CG2 . VAL A 1 42  ? 6.831   -2.018  4.653   1.000 22.556 0 42  VAL A CG2 1 ? 
ATOM   145  N  N   . ILE A 1 43  ? 4.061   -2.069  8.490   1.000 16.972 0 43  ILE A N   1 ? 
ATOM   146  C  CA  . ILE A 1 43  ? 3.589   -2.783  9.666   1.000 17.972 0 43  ILE A CA  1 ? 
ATOM   147  C  C   . ILE A 1 43  ? 2.960   -4.061  9.175   1.000 19.019 0 43  ILE A C   1 ? 
ATOM   148  O  O   . ILE A 1 43  ? 1.905   -4.064  8.533   1.000 17.776 0 43  ILE A O   1 ? 
ATOM   149  C  CB  . ILE A 1 43  ? 2.581   -1.937  10.443  1.000 18.637 0 43  ILE A CB  1 ? 
ATOM   150  C  CG1 . ILE A 1 43  ? 3.145   -0.579  10.779  1.000 18.646 0 43  ILE A CG1 1 ? 
ATOM   151  C  CG2 . ILE A 1 43  ? 2.081   -2.668  11.698  1.000 20.028 0 43  ILE A CG2 1 ? 
ATOM   152  C  CD1 . ILE A 1 43  ? 2.093   0.368   11.341  1.000 19.285 0 43  ILE A CD1 1 ? 
ATOM   153  N  N   . ASP A 1 44  ? 3.611   -5.164  9.495   1.000 21.653 0 44  ASP A N   1 ? 
ATOM   154  C  CA  . ASP A 1 44  ? 3.072   -6.452  9.097   1.000 20.753 0 44  ASP A CA  1 ? 
ATOM   155  C  C   . ASP A 1 44  ? 2.493   -7.187  10.298  1.000 20.277 0 44  ASP A C   1 ? 
ATOM   156  O  O   . ASP A 1 44  ? 3.120   -8.124  10.810  1.000 19.631 0 44  ASP A O   1 ? 
ATOM   157  C  CB  . ASP A 1 44  ? 4.137   -7.314  8.439   1.000 20.505 0 44  ASP A CB  1 ? 
ATOM   158  C  CG  . ASP A 1 44  ? 3.687   -8.693  7.952   1.000 20.068 0 44  ASP A CG  1 ? 
ATOM   159  O  OD1 . ASP A 1 44  ? 2.475   -8.867  7.685   1.000 19.867 0 44  ASP A OD1 1 ? 
ATOM   160  O  OD2 . ASP A 1 44  ? 4.574   -9.596  7.847   1.000 18.723 0 44  ASP A OD2 1 ? 
ATOM   161  N  N   . VAL A 1 45  ? 1.266   -6.837  10.671  1.000 19.323 0 45  VAL A N   1 ? 
ATOM   162  C  CA  . VAL A 1 45  ? 0.657   -7.426  11.846  1.000 22.095 0 45  VAL A CA  1 ? 
ATOM   163  C  C   . VAL A 1 45  ? 0.335   -8.879  11.536  1.000 21.465 0 45  VAL A C   1 ? 
ATOM   164  O  O   . VAL A 1 45  ? 0.419   -9.745  12.401  1.000 23.893 0 45  VAL A O   1 ? 
ATOM   165  C  CB  . VAL A 1 45  ? -0.635  -6.743  12.344  1.000 22.988 0 45  VAL A CB  1 ? 
ATOM   166  C  CG1 . VAL A 1 45  ? -0.977  -7.237  13.744  1.000 25.316 0 45  VAL A CG1 1 ? 
ATOM   167  C  CG2 . VAL A 1 45  ? -0.545  -5.219  12.289  1.000 26.600 0 45  VAL A CG2 1 ? 
ATOM   168  N  N   . ALA A 1 46  ? -0.082  -9.130  10.306  1.000 18.758 0 46  ALA A N   1 ? 
ATOM   169  C  CA  . ALA A 1 46  ? -0.621  -10.431 9.949   1.000 21.893 0 46  ALA A CA  1 ? 
ATOM   170  C  C   . ALA A 1 46  ? 0.452   -11.506 9.741   1.000 21.234 0 46  ALA A C   1 ? 
ATOM   171  O  O   . ALA A 1 46  ? 0.106   -12.690 9.712   1.000 23.562 0 46  ALA A O   1 ? 
ATOM   172  C  CB  . ALA A 1 46  ? -1.514  -10.270 8.744   1.000 21.952 0 46  ALA A CB  1 ? 
ATOM   173  N  N   . GLY A 1 47  ? 1.733   -11.120 9.571   1.000 20.664 0 47  GLY A N   1 ? 
ATOM   174  C  CA  . GLY A 1 47  ? 2.779   -12.076 9.245   1.000 21.143 0 47  GLY A CA  1 ? 
ATOM   175  C  C   . GLY A 1 47  ? 2.809   -12.541 7.783   1.000 20.941 0 47  GLY A C   1 ? 
ATOM   176  O  O   . GLY A 1 47  ? 3.168   -13.682 7.517   1.000 20.924 0 47  GLY A O   1 ? 
ATOM   177  N  N   . PHE A 1 48  ? 2.417   -11.686 6.825   1.000 20.482 0 48  PHE A N   1 ? 
ATOM   178  C  CA  . PHE A 1 48  ? 2.429   -12.020 5.412   1.000 20.639 0 48  PHE A CA  1 ? 
ATOM   179  C  C   . PHE A 1 48  ? 3.814   -11.896 4.765   1.000 20.861 0 48  PHE A C   1 ? 
ATOM   180  O  O   . PHE A 1 48  ? 3.976   -12.399 3.653   1.000 23.266 0 48  PHE A O   1 ? 
ATOM   181  C  CB  . PHE A 1 48  ? 1.453   -11.074 4.684   1.000 20.438 0 48  PHE A CB  1 ? 
ATOM   182  C  CG  . PHE A 1 48  ? -0.028  -11.216 5.053   1.000 19.017 0 48  PHE A CG  1 ? 
ATOM   183  C  CD1 . PHE A 1 48  ? -0.545  -12.372 5.643   1.000 20.324 0 48  PHE A CD1 1 ? 
ATOM   184  C  CD2 . PHE A 1 48  ? -0.933  -10.185 4.771   1.000 21.643 0 48  PHE A CD2 1 ? 
ATOM   185  C  CE1 . PHE A 1 48  ? -1.905  -12.475 5.966   1.000 21.478 0 48  PHE A CE1 1 ? 
ATOM   186  C  CE2 . PHE A 1 48  ? -2.278  -10.278 5.107   1.000 23.510 0 48  PHE A CE2 1 ? 
ATOM   187  C  CZ  . PHE A 1 48  ? -2.775  -11.424 5.687   1.000 21.975 0 48  PHE A CZ  1 ? 
ATOM   188  N  N   . LEU A 1 49  ? 4.738   -11.114 5.349   1.000 21.932 0 49  LEU A N   1 ? 
ATOM   189  C  CA  . LEU A 1 49  ? 5.993   -10.731 4.704   1.000 20.783 0 49  LEU A CA  1 ? 
ATOM   190  C  C   . LEU A 1 49  ? 7.167   -11.238 5.563   1.000 21.587 0 49  LEU A C   1 ? 
ATOM   191  O  O   . LEU A 1 49  ? 7.159   -11.077 6.792   1.000 19.548 0 49  LEU A O   1 ? 
ATOM   192  C  CB  . LEU A 1 49  ? 6.105   -9.211  4.519   1.000 21.712 0 49  LEU A CB  1 ? 
ATOM   193  C  CG  . LEU A 1 49  ? 5.106   -8.497  3.605   1.000 23.174 0 49  LEU A CG  1 ? 
ATOM   194  C  CD1 . LEU A 1 49  ? 5.136   -6.995  3.909   1.000 23.166 0 49  LEU A CD1 1 ? 
ATOM   195  C  CD2 . LEU A 1 49  ? 5.376   -8.763  2.155   1.000 25.250 0 49  LEU A CD2 1 ? 
ATOM   196  N  N   . THR A 1 50  ? 8.208   -11.802 4.928   1.000 22.056 0 50  THR A N   1 ? 
ATOM   197  C  CA  . THR A 1 50  ? 9.452   -12.086 5.640   1.000 23.730 0 50  THR A CA  1 ? 
ATOM   198  C  C   . THR A 1 50  ? 10.190  -10.771 5.918   1.000 24.830 0 50  THR A C   1 ? 
ATOM   199  O  O   . THR A 1 50  ? 9.958   -9.756  5.274   1.000 23.989 0 50  THR A O   1 ? 
ATOM   200  C  CB  . THR A 1 50  ? 10.351  -13.037 4.853   1.000 22.746 0 50  THR A CB  1 ? 
ATOM   201  O  OG1 . THR A 1 50  ? 10.870  -12.253 3.781   1.000 22.567 0 50  THR A OG1 1 ? 
ATOM   202  C  CG2 . THR A 1 50  ? 9.601   -14.297 4.469   1.000 24.313 0 50  THR A CG2 1 ? 
ATOM   203  N  N   . PRO A 1 51  ? 11.166  -10.771 6.846   1.000 22.820 0 51  PRO A N   1 ? 
ATOM   204  C  CA  . PRO A 1 51  ? 11.967  -9.571  7.111   1.000 21.631 0 51  PRO A CA  1 ? 
ATOM   205  C  C   . PRO A 1 51  ? 12.682  -9.072  5.852   1.000 22.640 0 51  PRO A C   1 ? 
ATOM   206  O  O   . PRO A 1 51  ? 12.880  -7.860  5.681   1.000 20.341 0 51  PRO A O   1 ? 
ATOM   207  C  CB  . PRO A 1 51  ? 12.951  -10.036 8.210   1.000 22.963 0 51  PRO A CB  1 ? 
ATOM   208  C  CG  . PRO A 1 51  ? 12.295  -11.272 8.823   1.000 22.315 0 51  PRO A CG  1 ? 
ATOM   209  C  CD  . PRO A 1 51  ? 11.536  -11.928 7.684   1.000 22.901 0 51  PRO A CD  1 ? 
ATOM   210  N  N   . SER A 1 52  ? 13.062  -10.007 4.972   1.000 22.833 0 52  SER A N   1 ? 
ATOM   211  C  CA  . SER A 1 52  ? 13.759  -9.653  3.744   1.000 24.145 0 52  SER A CA  1 ? 
ATOM   212  C  C   . SER A 1 52  ? 12.802  -8.988  2.754   1.000 23.070 0 52  SER A C   1 ? 
ATOM   213  O  O   . SER A 1 52  ? 13.181  -8.066  2.022   1.000 23.399 0 52  SER A O   1 ? 
ATOM   214  C  CB  . SER A 1 52  ? 14.379  -10.871 3.153   1.000 27.643 0 52  SER A CB  1 ? 
ATOM   215  O  OG  . SER A 1 52  ? 15.379  -11.416 4.007   1.000 32.690 0 52  SER A OG  1 ? 
ATOM   216  N  N   . GLU A 1 53  ? 11.557  -9.458  2.739   1.000 19.992 0 53  GLU A N   1 ? 
ATOM   217  C  CA  . GLU A 1 53  ? 10.508  -8.823  1.934   1.000 22.478 0 53  GLU A CA  1 ? 
ATOM   218  C  C   . GLU A 1 53  ? 10.133  -7.441  2.471   1.000 22.529 0 53  GLU A C   1 ? 
ATOM   219  O  O   . GLU A 1 53  ? 10.009  -6.472  1.684   1.000 23.928 0 53  GLU A O   1 ? 
ATOM   220  C  CB  . GLU A 1 53  ? 9.288   -9.740  1.879   1.000 20.987 0 53  GLU A CB  1 ? 
ATOM   221  C  CG  . GLU A 1 53  ? 9.610   -11.002 1.081   1.000 22.303 0 53  GLU A CG  1 ? 
ATOM   222  C  CD  . GLU A 1 53  ? 8.560   -12.070 1.179   1.000 22.509 0 53  GLU A CD  1 ? 
ATOM   223  O  OE1 . GLU A 1 53  ? 7.798   -12.094 2.157   1.000 22.871 0 53  GLU A OE1 1 ? 
ATOM   224  O  OE2 . GLU A 1 53  ? 8.549   -12.889 0.251   1.000 25.924 0 53  GLU A OE2 1 ? 
ATOM   225  N  N   . GLU A 1 54  ? 10.001  -7.348  3.797   1.000 21.648 0 54  GLU A N   1 ? 
ATOM   226  C  CA  . GLU A 1 54  ? 9.794   -6.067  4.446   1.000 21.798 0 54  GLU A CA  1 ? 
ATOM   227  C  C   . GLU A 1 54  ? 10.911  -5.097  4.053   1.000 21.233 0 54  GLU A C   1 ? 
ATOM   228  O  O   . GLU A 1 54  ? 10.641  -3.950  3.719   1.000 18.590 0 54  GLU A O   1 ? 
ATOM   229  C  CB  . GLU A 1 54  ? 9.599   -6.112  5.968   1.000 22.140 0 54  GLU A CB  1 ? 
ATOM   230  C  CG  . GLU A 1 54  ? 8.411   -6.950  6.429   1.000 25.253 0 54  GLU A CG  1 ? 
ATOM   231  C  CD  . GLU A 1 54  ? 8.137   -7.118  7.917   1.000 27.444 0 54  GLU A CD  1 ? 
ATOM   232  O  OE1 . GLU A 1 54  ? 7.486   -8.090  8.319   1.000 25.036 0 54  GLU A OE1 1 ? 
ATOM   233  O  OE2 . GLU A 1 54  ? 8.505   -6.226  8.685   1.000 35.265 0 54  GLU A OE2 1 ? 
ATOM   234  N  N   . LYS A 1 55  ? 12.170  -5.535  4.116   1.000 23.024 0 55  LYS A N   1 ? 
ATOM   235  C  CA  . LYS A 1 55  ? 13.312  -4.669  3.854   1.000 23.563 0 55  LYS A CA  1 ? 
ATOM   236  C  C   . LYS A 1 55  ? 13.232  -4.116  2.433   1.000 23.828 0 55  LYS A C   1 ? 
ATOM   237  O  O   . LYS A 1 55  ? 13.482  -2.946  2.210   1.000 27.271 0 55  LYS A O   1 ? 
ATOM   238  C  CB  . LYS A 1 55  ? 14.624  -5.451  4.053   1.000 24.204 0 55  LYS A CB  1 ? 
ATOM   239  C  CG  . LYS A 1 55  ? 15.851  -4.697  3.608   1.000 27.501 0 55  LYS A CG  1 ? 
ATOM   240  C  CD  . LYS A 1 55  ? 17.162  -5.175  4.239   1.000 32.842 0 55  LYS A CD  1 ? 
ATOM   241  C  CE  . LYS A 1 55  ? 18.310  -4.267  3.902   1.000 39.009 0 55  LYS A CE  1 ? 
ATOM   242  N  NZ  . LYS A 1 55  ? 19.434  -4.339  4.850   1.000 40.893 0 55  LYS A NZ  1 ? 
ATOM   243  N  N   . ARG A 1 56  ? 12.833  -4.960  1.487   1.000 23.715 0 56  ARG A N   1 ? 
ATOM   244  C  CA  . ARG A 1 56  ? 12.723  -4.578  0.085   1.000 25.082 0 56  ARG A CA  1 ? 
ATOM   245  C  C   . ARG A 1 56  ? 11.660  -3.493  -0.100  1.000 22.340 0 56  ARG A C   1 ? 
ATOM   246  O  O   . ARG A 1 56  ? 11.821  -2.563  -0.878  1.000 22.685 0 56  ARG A O   1 ? 
ATOM   247  C  CB  . ARG A 1 56  ? 12.327  -5.851  -0.656  1.000 28.072 0 56  ARG A CB  1 ? 
ATOM   248  C  CG  . ARG A 1 56  ? 12.096  -5.651  -2.136  1.000 36.130 0 56  ARG A CG  1 ? 
ATOM   249  C  CD  . ARG A 1 56  ? 12.162  -6.980  -2.868  1.000 42.846 0 56  ARG A CD  1 ? 
ATOM   250  N  NE  . ARG A 1 56  ? 12.533  -6.737  -4.269  1.000 54.222 0 56  ARG A NE  1 ? 
ATOM   251  C  CZ  . ARG A 1 56  ? 13.326  -7.506  -5.023  1.000 57.066 0 56  ARG A CZ  1 ? 
ATOM   252  N  NH1 . ARG A 1 56  ? 13.785  -8.664  -4.571  1.000 62.564 0 56  ARG A NH1 1 ? 
ATOM   253  N  NH2 . ARG A 1 56  ? 13.611  -7.136  -6.258  1.000 50.436 0 56  ARG A NH2 1 ? 
ATOM   254  N  N   . ILE A 1 57  ? 10.575  -3.598  0.655   1.000 21.601 0 57  ILE A N   1 ? 
ATOM   255  C  CA  . ILE A 1 57  ? 9.522   -2.599  0.545   1.000 19.369 0 57  ILE A CA  1 ? 
ATOM   256  C  C   . ILE A 1 57  ? 9.990   -1.299  1.175   1.000 19.870 0 57  ILE A C   1 ? 
ATOM   257  O  O   . ILE A 1 57  ? 9.742   -0.229  0.610   1.000 21.219 0 57  ILE A O   1 ? 
ATOM   258  C  CB  . ILE A 1 57  ? 8.193   -3.097  1.136   1.000 18.469 0 57  ILE A CB  1 ? 
ATOM   259  C  CG1 . ILE A 1 57  ? 7.688   -4.321  0.367   1.000 19.492 0 57  ILE A CG1 1 ? 
ATOM   260  C  CG2 . ILE A 1 57  ? 7.183   -1.953  1.187   1.000 18.269 0 57  ILE A CG2 1 ? 
ATOM   261  C  CD1 . ILE A 1 57  ? 6.518   -5.036  1.024   1.000 20.753 0 57  ILE A CD1 1 ? 
ATOM   262  N  N   . ILE A 1 58  ? 10.620  -1.395  2.354   1.000 20.443 0 58  ILE A N   1 ? 
ATOM   263  C  CA  . ILE A 1 58  ? 11.160  -0.211  3.010   1.000 22.485 0 58  ILE A CA  1 ? 
ATOM   264  C  C   . ILE A 1 58  ? 12.112  0.564   2.080   1.000 21.778 0 58  ILE A C   1 ? 
ATOM   265  O  O   . ILE A 1 58  ? 12.052  1.789   2.044   1.000 25.704 0 58  ILE A O   1 ? 
ATOM   266  C  CB  . ILE A 1 58  ? 11.823  -0.594  4.333   1.000 22.505 0 58  ILE A CB  1 ? 
ATOM   267  C  CG1 . ILE A 1 58  ? 10.778  -1.091  5.368   1.000 24.475 0 58  ILE A CG1 1 ? 
ATOM   268  C  CG2 . ILE A 1 58  ? 12.653  0.575   4.856   1.000 25.517 0 58  ILE A CG2 1 ? 
ATOM   269  C  CD1 . ILE A 1 58  ? 11.352  -1.877  6.539   1.000 27.415 0 58  ILE A CD1 1 ? 
ATOM   270  N  N   . THR A 1 59  ? 12.999  -0.139  1.362   1.000 21.671 0 59  THR A N   1 ? 
ATOM   271  C  CA  . THR A 1 59  ? 13.947  0.471   0.429   1.000 23.416 0 59  THR A CA  1 ? 
ATOM   272  C  C   . THR A 1 59  ? 13.198  1.204   -0.676  1.000 21.671 0 59  THR A C   1 ? 
ATOM   273  O  O   . THR A 1 59  ? 13.488  2.364   -0.969  1.000 23.330 0 59  THR A O   1 ? 
ATOM   274  C  CB  . THR A 1 59  ? 14.865  -0.588  -0.194  1.000 24.471 0 59  THR A CB  1 ? 
ATOM   275  O  OG1 . THR A 1 59  ? 15.723  -1.056  0.838   1.000 27.614 0 59  THR A OG1 1 ? 
ATOM   276  C  CG2 . THR A 1 59  ? 15.705  -0.057  -1.347  1.000 25.587 0 59  THR A CG2 1 ? 
ATOM   277  N  N   . GLU A 1 60  ? 12.294  0.481   -1.354  1.000 22.016 0 60  GLU A N   1 ? 
ATOM   278  C  CA  . GLU A 1 60  ? 11.476  1.077   -2.413  1.000 22.619 0 60  GLU A CA  1 ? 
ATOM   279  C  C   . GLU A 1 60  ? 10.731  2.315   -1.905  1.000 20.369 0 60  GLU A C   1 ? 
ATOM   280  O  O   . GLU A 1 60  ? 10.760  3.379   -2.521  1.000 23.118 0 60  GLU A O   1 ? 
ATOM   281  C  CB  . GLU A 1 60  ? 10.499  0.072   -3.031  1.000 24.822 0 60  GLU A CB  1 ? 
ATOM   282  C  CG  . GLU A 1 60  ? 11.211  -1.046  -3.797  1.000 23.142 0 60  GLU A CG  1 ? 
ATOM   283  C  CD  . GLU A 1 60  ? 10.309  -2.155  -4.284  1.000 31.644 0 60  GLU A CD  1 ? 
ATOM   284  O  OE1 . GLU A 1 60  ? 10.756  -3.334  -4.357  1.000 34.477 0 60  GLU A OE1 1 ? 
ATOM   285  O  OE2 . GLU A 1 60  ? 9.153   -1.806  -4.576  1.000 24.721 0 60  GLU A OE2 1 ? 
ATOM   286  N  N   . VAL A 1 61  ? 10.086  2.191   -0.755  1.000 20.955 0 61  VAL A N   1 ? 
ATOM   287  C  CA  . VAL A 1 61  ? 9.287   3.282   -0.207  1.000 20.571 0 61  VAL A CA  1 ? 
ATOM   288  C  C   . VAL A 1 61  ? 10.141  4.483   0.176   1.000 22.240 0 61  VAL A C   1 ? 
ATOM   289  O  O   . VAL A 1 61  ? 9.696   5.624   0.004   1.000 19.910 0 61  VAL A O   1 ? 
ATOM   290  C  CB  . VAL A 1 61  ? 8.473   2.731   0.990   1.000 23.796 0 61  VAL A CB  1 ? 
ATOM   291  C  CG1 . VAL A 1 61  ? 8.233   3.767   2.071   1.000 25.165 0 61  VAL A CG1 1 ? 
ATOM   292  C  CG2 . VAL A 1 61  ? 7.176   2.101   0.499   1.000 23.486 0 61  VAL A CG2 1 ? 
ATOM   293  N  N   . SER A 1 62  ? 11.329  4.242   0.745   1.000 19.869 0 62  SER A N   1 ? 
ATOM   294  C  CA  . SER A 1 62  ? 12.232  5.345   1.033   1.000 21.773 0 62  SER A CA  1 ? 
ATOM   295  C  C   . SER A 1 62  ? 12.608  6.084   -0.248  1.000 22.182 0 62  SER A C   1 ? 
ATOM   296  O  O   . SER A 1 62  ? 12.576  7.310   -0.296  1.000 24.380 0 62  SER A O   1 ? 
ATOM   297  C  CB  . SER A 1 62  ? 13.459  4.905   1.828   1.000 27.720 0 62  SER A CB  1 ? 
ATOM   298  O  OG  . SER A 1 62  ? 14.064  3.759   1.240   1.000 35.272 0 62  SER A OG  1 ? 
ATOM   299  N  N   . ASP A 1 63  ? 13.008  5.337   -1.282  1.000 19.752 0 63  ASP A N   1 ? 
ATOM   300  C  CA  . ASP A 1 63  ? 13.494  5.926   -2.514  1.000 22.395 0 63  ASP A CA  1 ? 
ATOM   301  C  C   . ASP A 1 63  ? 12.390  6.760   -3.162  1.000 19.696 0 63  ASP A C   1 ? 
ATOM   302  O  O   . ASP A 1 63  ? 12.629  7.855   -3.643  1.000 23.076 0 63  ASP A O   1 ? 
ATOM   303  C  CB  . ASP A 1 63  ? 13.974  4.842   -3.460  1.000 25.397 0 63  ASP A CB  1 ? 
ATOM   304  C  CG  . ASP A 1 63  ? 15.371  4.326   -3.164  1.000 27.591 0 63  ASP A CG  1 ? 
ATOM   305  O  OD1 . ASP A 1 63  ? 16.105  5.115   -2.551  1.000 27.312 0 63  ASP A OD1 1 ? 
ATOM   306  O  OD2 . ASP A 1 63  ? 15.705  3.149   -3.575  1.000 30.442 0 63  ASP A OD2 1 ? 
ATOM   307  N  N   . LEU A 1 64  ? 11.189  6.188   -3.241  1.000 22.448 0 64  LEU A N   1 ? 
ATOM   308  C  CA  . LEU A 1 64  ? 10.041  6.883   -3.812  1.000 22.978 0 64  LEU A CA  1 ? 
ATOM   309  C  C   . LEU A 1 64  ? 9.802   8.234   -3.119  1.000 23.260 0 64  LEU A C   1 ? 
ATOM   310  O  O   . LEU A 1 64  ? 9.542   9.230   -3.795  1.000 24.451 0 64  LEU A O   1 ? 
ATOM   311  C  CB  . LEU A 1 64  ? 8.833   5.957   -3.678  1.000 24.852 0 64  LEU A CB  1 ? 
ATOM   312  C  CG  . LEU A 1 64  ? 7.456   6.573   -3.959  1.000 24.087 0 64  LEU A CG  1 ? 
ATOM   313  C  CD1 . LEU A 1 64  ? 7.366   7.110   -5.364  1.000 21.773 0 64  LEU A CD1 1 ? 
ATOM   314  C  CD2 . LEU A 1 64  ? 6.352   5.565   -3.653  1.000 22.975 0 64  LEU A CD2 1 ? 
ATOM   315  N  N   . GLU A 1 65  ? 9.847   8.232   -1.779  1.000 21.419 0 65  GLU A N   1 ? 
ATOM   316  C  CA  . GLU A 1 65  ? 9.630   9.423   -0.985  1.000 22.986 0 65  GLU A CA  1 ? 
ATOM   317  C  C   . GLU A 1 65  ? 10.739  10.426  -1.269  1.000 26.065 0 65  GLU A C   1 ? 
ATOM   318  O  O   . GLU A 1 65  ? 10.457  11.631  -1.342  1.000 24.198 0 65  GLU A O   1 ? 
ATOM   319  C  CB  . GLU A 1 65  ? 9.518   9.102   0.509   1.000 24.022 0 65  GLU A CB  1 ? 
ATOM   320  C  CG  . GLU A 1 65  ? 9.156   10.337  1.326   1.000 26.795 0 65  GLU A CG  1 ? 
ATOM   321  C  CD  . GLU A 1 65  ? 8.909   10.139  2.807   1.000 27.420 0 65  GLU A CD  1 ? 
ATOM   322  O  OE1 . GLU A 1 65  ? 8.742   11.155  3.537   1.000 29.633 0 65  GLU A OE1 1 ? 
ATOM   323  O  OE2 . GLU A 1 65  ? 8.858   8.981   3.224   1.000 26.982 0 65  GLU A OE2 1 ? 
ATOM   324  N  N   . LYS A 1 66  ? 11.985  9.934   -1.395  1.000 25.020 0 66  LYS A N   1 ? 
ATOM   325  C  CA  . LYS A 1 66  ? 13.124  10.822  -1.631  1.000 29.767 0 66  LYS A CA  1 ? 
ATOM   326  C  C   . LYS A 1 66  ? 12.967  11.518  -2.974  1.000 30.812 0 66  LYS A C   1 ? 
ATOM   327  O  O   . LYS A 1 66  ? 13.230  12.724  -3.071  1.000 32.706 0 66  LYS A O   1 ? 
ATOM   328  C  CB  . LYS A 1 66  ? 14.487  10.121  -1.613  1.000 33.899 0 66  LYS A CB  1 ? 
ATOM   329  C  CG  . LYS A 1 66  ? 15.056  9.760   -0.259  1.000 37.358 0 66  LYS A CG  1 ? 
ATOM   330  C  CD  . LYS A 1 66  ? 15.366  10.930  0.675   1.000 40.477 0 66  LYS A CD  1 ? 
ATOM   331  C  CE  . LYS A 1 66  ? 15.797  10.482  2.051   1.000 49.015 0 66  LYS A CE  1 ? 
ATOM   332  N  NZ  . LYS A 1 66  ? 14.864  9.527   2.675   1.000 48.939 0 66  LYS A NZ  1 ? 
ATOM   333  N  N   . ASP A 1 67  ? 12.501  10.754  -3.982  1.000 29.301 0 67  ASP A N   1 ? 
ATOM   334  C  CA  . ASP A 1 67  ? 12.430  11.209  -5.360  1.000 29.008 0 67  ASP A CA  1 ? 
ATOM   335  C  C   . ASP A 1 67  ? 11.189  12.050  -5.669  1.000 28.009 0 67  ASP A C   1 ? 
ATOM   336  O  O   . ASP A 1 67  ? 11.240  12.844  -6.603  1.000 26.796 0 67  ASP A O   1 ? 
ATOM   337  C  CB  . ASP A 1 67  ? 12.575  10.031  -6.311  1.000 29.145 0 67  ASP A CB  1 ? 
ATOM   338  C  CG  . ASP A 1 67  ? 13.933  9.347   -6.251  1.000 28.492 0 67  ASP A CG  1 ? 
ATOM   339  O  OD1 . ASP A 1 67  ? 14.834  9.883   -5.557  1.000 26.614 0 67  ASP A OD1 1 ? 
ATOM   340  O  OD2 . ASP A 1 67  ? 14.077  8.258   -6.841  1.000 29.035 0 67  ASP A OD2 1 ? 
ATOM   341  N  N   . THR A 1 68  ? 10.063  11.830  -4.963  1.000 27.524 0 68  THR A N   1 ? 
ATOM   342  C  CA  . THR A 1 68  ? 8.776   12.415  -5.343  1.000 27.029 0 68  THR A CA  1 ? 
ATOM   343  C  C   . THR A 1 68  ? 8.072   13.126  -4.184  1.000 22.603 0 68  THR A C   1 ? 
ATOM   344  O  O   . THR A 1 68  ? 7.086   13.815  -4.411  1.000 23.358 0 68  THR A O   1 ? 
ATOM   345  C  CB  . THR A 1 68  ? 7.836   11.348  -5.910  1.000 27.184 0 68  THR A CB  1 ? 
ATOM   346  O  OG1 . THR A 1 68  ? 7.399   10.502  -4.842  1.000 26.619 0 68  THR A OG1 1 ? 
ATOM   347  C  CG2 . THR A 1 68  ? 8.501   10.498  -6.970  1.000 27.373 0 68  THR A CG2 1 ? 
ATOM   348  N  N   . GLY A 1 69  ? 8.464   12.858  -2.940  1.000 24.014 0 69  GLY A N   1 ? 
ATOM   349  C  CA  . GLY A 1 69  ? 7.791   13.395  -1.763  1.000 21.945 0 69  GLY A CA  1 ? 
ATOM   350  C  C   . GLY A 1 69  ? 6.523   12.622  -1.372  1.000 21.900 0 69  GLY A C   1 ? 
ATOM   351  O  O   . GLY A 1 69  ? 5.921   12.950  -0.361  1.000 21.351 0 69  GLY A O   1 ? 
ATOM   352  N  N   . PHE A 1 70  ? 6.122   11.609  -2.165  1.000 20.361 0 70  PHE A N   1 ? 
ATOM   353  C  CA  . PHE A 1 70  ? 4.951   10.805  -1.824  1.000 20.868 0 70  PHE A CA  1 ? 
ATOM   354  C  C   . PHE A 1 70  ? 5.332   9.727   -0.805  1.000 21.230 0 70  PHE A C   1 ? 
ATOM   355  O  O   . PHE A 1 70  ? 6.390   9.116   -0.892  1.000 21.230 0 70  PHE A O   1 ? 
ATOM   356  C  CB  . PHE A 1 70  ? 4.281   10.191  -3.058  1.000 22.033 0 70  PHE A CB  1 ? 
ATOM   357  C  CG  . PHE A 1 70  ? 3.650   11.211  -4.010  1.000 22.565 0 70  PHE A CG  1 ? 
ATOM   358  C  CD1 . PHE A 1 70  ? 2.681   12.095  -3.571  1.000 26.412 0 70  PHE A CD1 1 ? 
ATOM   359  C  CD2 . PHE A 1 70  ? 4.054   11.306  -5.328  1.000 26.383 0 70  PHE A CD2 1 ? 
ATOM   360  C  CE1 . PHE A 1 70  ? 2.104   13.020  -4.429  1.000 26.260 0 70  PHE A CE1 1 ? 
ATOM   361  C  CE2 . PHE A 1 70  ? 3.470   12.223  -6.191  1.000 29.433 0 70  PHE A CE2 1 ? 
ATOM   362  C  CZ  . PHE A 1 70  ? 2.511   13.085  -5.731  1.000 25.890 0 70  PHE A CZ  1 ? 
ATOM   363  N  N   . LYS A 1 71  ? 4.435   9.502   0.151   1.000 19.177 0 71  LYS A N   1 ? 
ATOM   364  C  CA  . LYS A 1 71  ? 4.620   8.572   1.258   1.000 18.407 0 71  LYS A CA  1 ? 
ATOM   365  C  C   . LYS A 1 71  ? 3.694   7.356   1.104   1.000 19.032 0 71  LYS A C   1 ? 
ATOM   366  O  O   . LYS A 1 71  ? 2.521   7.403   1.467   1.000 18.712 0 71  LYS A O   1 ? 
ATOM   367  C  CB  . LYS A 1 71  ? 4.293   9.368   2.518   1.000 19.063 0 71  LYS A CB  1 ? 
ATOM   368  C  CG  . LYS A 1 71  ? 5.296   10.487  2.874   1.000 20.378 0 71  LYS A CG  1 ? 
ATOM   369  C  CD  . LYS A 1 71  ? 4.922   11.265  4.137   1.000 24.514 0 71  LYS A CD  1 ? 
ATOM   370  C  CE  . LYS A 1 71  ? 5.603   12.605  4.234   1.000 30.859 0 71  LYS A CE  1 ? 
ATOM   371  N  NZ  . LYS A 1 71  ? 5.823   13.101  5.606   1.000 32.974 0 71  LYS A NZ  1 ? 
ATOM   372  N  N   . LEU A 1 72  ? 4.257   6.234   0.655   1.000 19.456 0 72  LEU A N   1 ? 
ATOM   373  C  CA  . LEU A 1 72  ? 3.518   4.963   0.604   1.000 18.674 0 72  LEU A CA  1 ? 
ATOM   374  C  C   . LEU A 1 72  ? 3.834   4.173   1.862   1.000 16.926 0 72  LEU A C   1 ? 
ATOM   375  O  O   . LEU A 1 72  ? 4.992   4.055   2.236   1.000 19.564 0 72  LEU A O   1 ? 
ATOM   376  C  CB  . LEU A 1 72  ? 3.916   4.190   -0.649  1.000 18.963 0 72  LEU A CB  1 ? 
ATOM   377  C  CG  . LEU A 1 72  ? 3.440   2.735   -0.713  1.000 18.441 0 72  LEU A CG  1 ? 
ATOM   378  C  CD1 . LEU A 1 72  ? 1.950   2.658   -0.797  1.000 22.005 0 72  LEU A CD1 1 ? 
ATOM   379  C  CD2 . LEU A 1 72  ? 4.058   2.012   -1.903  1.000 19.780 0 72  LEU A CD2 1 ? 
ATOM   380  N  N   . ARG A 1 73  ? 2.791   3.720   2.559   1.000 17.211 0 73  ARG A N   1 ? 
ATOM   381  C  CA  . ARG A 1 73  ? 2.906   3.044   3.832   1.000 15.996 0 73  ARG A CA  1 ? 
ATOM   382  C  C   . ARG A 1 73  ? 2.064   1.788   3.736   1.000 16.836 0 73  ARG A C   1 ? 
ATOM   383  O  O   . ARG A 1 73  ? 0.999   1.810   3.117   1.000 18.294 0 73  ARG A O   1 ? 
ATOM   384  C  CB  . ARG A 1 73  ? 2.338   3.887   4.960   1.000 17.321 0 73  ARG A CB  1 ? 
ATOM   385  C  CG  . ARG A 1 73  ? 2.984   5.255   5.072   1.000 19.264 0 73  ARG A CG  1 ? 
ATOM   386  C  CD  . ARG A 1 73  ? 4.435   5.190   5.471   1.000 18.548 0 73  ARG A CD  1 ? 
ATOM   387  N  NE  . ARG A 1 73  ? 5.117   6.497   5.572   1.000 18.583 0 73  ARG A NE  1 ? 
ATOM   388  C  CZ  . ARG A 1 73  ? 6.138   6.798   4.802   1.000 17.404 0 73  ARG A CZ  1 ? 
ATOM   389  N  NH1 . ARG A 1 73  ? 6.350   6.128   3.673   1.000 17.984 0 73  ARG A NH1 1 ? 
ATOM   390  N  NH2 . ARG A 1 73  ? 6.932   7.799   5.114   1.000 20.321 0 73  ARG A NH2 1 ? 
ATOM   391  N  N   . VAL A 1 74  ? 2.570   0.692   4.301   1.000 19.780 0 74  VAL A N   1 ? 
ATOM   392  C  CA  . VAL A 1 74  ? 1.946   -0.605  4.028   1.000 18.835 0 74  VAL A CA  1 ? 
ATOM   393  C  C   . VAL A 1 74  ? 1.512   -1.209  5.358   1.000 17.878 0 74  VAL A C   1 ? 
ATOM   394  O  O   . VAL A 1 74  ? 2.303   -1.239  6.304   1.000 17.743 0 74  VAL A O   1 ? 
ATOM   395  C  CB  . VAL A 1 74  ? 2.867   -1.561  3.252   1.000 19.628 0 74  VAL A CB  1 ? 
ATOM   396  C  CG1 . VAL A 1 74  ? 2.193   -2.907  3.008   1.000 19.994 0 74  VAL A CG1 1 ? 
ATOM   397  C  CG2 . VAL A 1 74  ? 3.358   -0.963  1.941   1.000 19.745 0 74  VAL A CG2 1 ? 
ATOM   398  N  N   . LEU A 1 75  ? 0.244   -1.603  5.440   1.000 16.124 0 75  LEU A N   1 ? 
ATOM   399  C  CA  . LEU A 1 75  ? -0.272  -2.245  6.632   1.000 17.166 0 75  LEU A CA  1 ? 
ATOM   400  C  C   . LEU A 1 75  ? -0.921  -3.566  6.246   1.000 18.840 0 75  LEU A C   1 ? 
ATOM   401  O  O   . LEU A 1 75  ? -2.020  -3.557  5.675   1.000 19.674 0 75  LEU A O   1 ? 
ATOM   402  C  CB  . LEU A 1 75  ? -1.270  -1.271  7.239   1.000 20.693 0 75  LEU A CB  1 ? 
ATOM   403  C  CG  . LEU A 1 75  ? -2.070  -1.747  8.458   1.000 23.495 0 75  LEU A CG  1 ? 
ATOM   404  C  CD1 . LEU A 1 75  ? -1.198  -2.237  9.602   1.000 22.869 0 75  LEU A CD1 1 ? 
ATOM   405  C  CD2 . LEU A 1 75  ? -2.927  -0.580  8.921   1.000 22.450 0 75  LEU A CD2 1 ? 
ATOM   406  N  N   . ALA A 1 76  ? -0.230  -4.654  6.590   1.000 16.495 0 76  ALA A N   1 ? 
ATOM   407  C  CA  . ALA A 1 76  ? -0.682  -6.026  6.371   1.000 18.588 0 76  ALA A CA  1 ? 
ATOM   408  C  C   . ALA A 1 76  ? -1.367  -6.562  7.627   1.000 16.909 0 76  ALA A C   1 ? 
ATOM   409  O  O   . ALA A 1 76  ? -0.727  -6.695  8.669   1.000 19.405 0 76  ALA A O   1 ? 
ATOM   410  C  CB  . ALA A 1 76  ? 0.478   -6.883  5.987   1.000 17.586 0 76  ALA A CB  1 ? 
ATOM   411  N  N   . GLN A 1 77  ? -2.667  -6.875  7.547   1.000 18.977 0 77  GLN A N   1 ? 
ATOM   412  C  CA  . GLN A 1 77  ? -3.441  -7.131  8.762   1.000 21.937 0 77  GLN A CA  1 ? 
ATOM   413  C  C   . GLN A 1 77  ? -4.670  -8.019  8.507   1.000 21.967 0 77  GLN A C   1 ? 
ATOM   414  O  O   . GLN A 1 77  ? -5.115  -8.151  7.363   1.000 17.523 0 77  GLN A O   1 ? 
ATOM   415  C  CB  . GLN A 1 77  ? -3.935  -5.791  9.323   1.000 21.115 0 77  GLN A CB  1 ? 
ATOM   416  C  CG  . GLN A 1 77  ? -4.773  -5.019  8.307   1.000 20.849 0 77  GLN A CG  1 ? 
ATOM   417  C  CD  . GLN A 1 77  ? -5.521  -3.822  8.844   1.000 21.972 0 77  GLN A CD  1 ? 
ATOM   418  O  OE1 . GLN A 1 77  ? -4.944  -2.860  9.373   1.000 23.765 0 77  GLN A OE1 1 ? 
ATOM   419  N  NE2 . GLN A 1 77  ? -6.823  -3.862  8.649   1.000 20.738 0 77  GLN A NE2 1 ? 
ATOM   420  N  N   . ASN A 1 78  ? -5.213  -8.607  9.605   1.000 20.699 0 78  ASN A N   1 ? 
ATOM   421  C  CA  . ASN A 1 78  ? -6.531  -9.205  9.598   1.000 22.238 0 78  ASN A CA  1 ? 
ATOM   422  C  C   . ASN A 1 78  ? -7.416  -8.434  10.577  1.000 23.077 0 78  ASN A C   1 ? 
ATOM   423  O  O   . ASN A 1 78  ? -7.283  -8.611  11.788  1.000 20.109 0 78  ASN A O   1 ? 
ATOM   424  C  CB  . ASN A 1 78  ? -6.517  -10.690 9.973   1.000 25.882 0 78  ASN A CB  1 ? 
ATOM   425  C  CG  . ASN A 1 78  ? -6.767  -11.569 8.768   1.000 36.098 0 78  ASN A CG  1 ? 
ATOM   426  O  OD1 . ASN A 1 78  ? -7.850  -12.168 8.620   1.000 44.875 0 78  ASN A OD1 1 ? 
ATOM   427  N  ND2 . ASN A 1 78  ? -5.803  -11.629 7.875   1.000 28.768 0 78  ASN A ND2 1 ? 
ATOM   428  N  N   . TYR A 1 79  ? -8.325  -7.583  10.069  1.000 23.329 0 79  TYR A N   1 ? 
ATOM   429  C  CA  . TYR A 1 79  ? -9.226  -6.850  10.947  1.000 26.834 0 79  TYR A CA  1 ? 
ATOM   430  C  C   . TYR A 1 79  ? -9.955  -7.774  11.924  1.000 28.113 0 79  TYR A C   1 ? 
ATOM   431  O  O   . TYR A 1 79  ? -10.455 -8.839  11.505  1.000 23.675 0 79  TYR A O   1 ? 
ATOM   432  C  CB  . TYR A 1 79  ? -10.269 -6.087  10.127  1.000 28.189 0 79  TYR A CB  1 ? 
ATOM   433  C  CG  . TYR A 1 79  ? -10.949 -4.968  10.902  1.000 34.491 0 79  TYR A CG  1 ? 
ATOM   434  C  CD1 . TYR A 1 79  ? -12.206 -5.139  11.461  1.000 39.291 0 79  TYR A CD1 1 ? 
ATOM   435  C  CD2 . TYR A 1 79  ? -10.321 -3.737  11.080  1.000 32.783 0 79  TYR A CD2 1 ? 
ATOM   436  C  CE1 . TYR A 1 79  ? -12.821 -4.121  12.180  1.000 42.978 0 79  TYR A CE1 1 ? 
ATOM   437  C  CE2 . TYR A 1 79  ? -10.919 -2.716  11.798  1.000 36.248 0 79  TYR A CE2 1 ? 
ATOM   438  C  CZ  . TYR A 1 79  ? -12.176 -2.910  12.356  1.000 44.525 0 79  TYR A CZ  1 ? 
ATOM   439  O  OH  . TYR A 1 79  ? -12.888 -1.966  13.066  1.000 57.541 0 79  TYR A OH  1 ? 
ATOM   440  N  N   . PRO A 1 80  ? -10.156 -7.381  13.214  1.000 27.652 0 80  PRO A N   1 ? 
ATOM   441  C  CA  . PRO A 1 80  ? -9.788  -6.069  13.756  1.000 28.059 0 80  PRO A CA  1 ? 
ATOM   442  C  C   . PRO A 1 80  ? -8.456  -5.984  14.505  1.000 25.476 0 80  PRO A C   1 ? 
ATOM   443  O  O   . PRO A 1 80  ? -8.269  -5.116  15.347  1.000 25.196 0 80  PRO A O   1 ? 
ATOM   444  C  CB  . PRO A 1 80  ? -10.975 -5.888  14.735  1.000 27.383 0 80  PRO A CB  1 ? 
ATOM   445  C  CG  . PRO A 1 80  ? -11.066 -7.244  15.396  1.000 30.787 0 80  PRO A CG  1 ? 
ATOM   446  C  CD  . PRO A 1 80  ? -10.791 -8.227  14.253  1.000 30.436 0 80  PRO A CD  1 ? 
ATOM   447  N  N   . GLU A 1 81  ? -7.549  -6.898  14.203  1.000 23.283 0 81  GLU A N   1 ? 
ATOM   448  C  CA  . GLU A 1 81  ? -6.227  -6.885  14.796  1.000 25.248 0 81  GLU A CA  1 ? 
ATOM   449  C  C   . GLU A 1 81  ? -5.400  -5.892  13.978  1.000 20.597 0 81  GLU A C   1 ? 
ATOM   450  O  O   . GLU A 1 81  ? -4.599  -6.270  13.144  1.000 19.583 0 81  GLU A O   1 ? 
ATOM   451  C  CB  . GLU A 1 81  ? -5.733  -8.335  14.856  1.000 26.221 0 81  GLU A CB  1 ? 
ATOM   452  C  CG  . GLU A 1 81  ? -4.801  -8.655  16.024  1.000 32.299 0 81  GLU A CG  1 ? 
ATOM   453  C  CD  . GLU A 1 81  ? -4.158  -10.036 15.916  1.000 27.824 0 81  GLU A CD  1 ? 
ATOM   454  O  OE1 . GLU A 1 81  ? -4.934  -10.912 15.561  1.000 26.653 0 81  GLU A OE1 1 ? 
ATOM   455  O  OE2 . GLU A 1 81  ? -2.947  -10.271 16.165  1.000 26.964 0 81  GLU A OE2 1 ? 
ATOM   456  N  N   . THR A 1 82  ? -5.646  -4.605  14.202  1.000 20.585 0 82  THR A N   1 ? 
ATOM   457  C  CA  . THR A 1 82  ? -4.940  -3.576  13.444  1.000 20.367 0 82  THR A CA  1 ? 
ATOM   458  C  C   . THR A 1 82  ? -4.560  -2.450  14.394  1.000 20.190 0 82  THR A C   1 ? 
ATOM   459  O  O   . THR A 1 82  ? -5.324  -2.136  15.285  1.000 20.965 0 82  THR A O   1 ? 
ATOM   460  C  CB  . THR A 1 82  ? -5.791  -3.046  12.281  1.000 22.449 0 82  THR A CB  1 ? 
ATOM   461  O  OG1 . THR A 1 82  ? -5.142  -1.916  11.677  1.000 22.296 0 82  THR A OG1 1 ? 
ATOM   462  C  CG2 . THR A 1 82  ? -7.171  -2.607  12.718  1.000 21.999 0 82  THR A CG2 1 ? 
ATOM   463  N  N   . PRO A 1 83  ? -3.474  -1.678  14.136  1.000 21.208 0 83  PRO A N   1 ? 
ATOM   464  C  CA  . PRO A 1 83  ? -3.258  -0.468  14.923  1.000 24.076 0 83  PRO A CA  1 ? 
ATOM   465  C  C   . PRO A 1 83  ? -4.348  0.555   14.609  1.000 18.925 0 83  PRO A C   1 ? 
ATOM   466  O  O   . PRO A 1 83  ? -4.572  1.437   15.412  1.000 18.076 0 83  PRO A O   1 ? 
ATOM   467  C  CB  . PRO A 1 83  ? -1.858  0.035   14.567  1.000 24.785 0 83  PRO A CB  1 ? 
ATOM   468  C  CG  . PRO A 1 83  ? -1.451  -0.751  13.329  1.000 24.273 0 83  PRO A CG  1 ? 
ATOM   469  C  CD  . PRO A 1 83  ? -2.436  -1.905  13.134  1.000 22.978 0 83  PRO A CD  1 ? 
ATOM   470  N  N   . GLY A 1 84  ? -5.055  0.401   13.474  1.000 18.429 0 84  GLY A N   1 ? 
ATOM   471  C  CA  . GLY A 1 84  ? -6.165  1.289   13.165  1.000 20.350 0 84  GLY A CA  1 ? 
ATOM   472  C  C   . GLY A 1 84  ? -5.779  2.773   13.265  1.000 21.281 0 84  GLY A C   1 ? 
ATOM   473  O  O   . GLY A 1 84  ? -4.770  3.180   12.692  1.000 19.022 0 84  GLY A O   1 ? 
ATOM   474  N  N   . LEU A 1 85  ? -6.552  3.550   14.052  1.000 20.209 0 85  LEU A N   1 ? 
ATOM   475  C  CA  . LEU A 1 85  ? -6.383  5.005   14.110  1.000 23.269 0 85  LEU A CA  1 ? 
ATOM   476  C  C   . LEU A 1 85  ? -4.997  5.392   14.651  1.000 22.332 0 85  LEU A C   1 ? 
ATOM   477  O  O   . LEU A 1 85  ? -4.516  6.482   14.376  1.000 21.584 0 85  LEU A O   1 ? 
ATOM   478  C  CB  . LEU A 1 85  ? -7.540  5.658   14.868  1.000 25.376 0 85  LEU A CB  1 ? 
ATOM   479  C  CG  . LEU A 1 85  ? -8.896  5.515   14.178  1.000 29.735 0 85  LEU A CG  1 ? 
ATOM   480  C  CD1 . LEU A 1 85  ? -10.028 5.779   15.133  1.000 31.039 0 85  LEU A CD1 1 ? 
ATOM   481  C  CD2 . LEU A 1 85  ? -9.010  6.420   12.948  1.000 32.056 0 85  LEU A CD2 1 ? 
ATOM   482  N  N   . ALA A 1 86  ? -4.291  4.464   15.323  1.000 19.496 0 86  ALA A N   1 ? 
ATOM   483  C  CA  . ALA A 1 86  ? -2.941  4.730   15.809  1.000 18.616 0 86  ALA A CA  1 ? 
ATOM   484  C  C   . ALA A 1 86  ? -1.939  5.100   14.706  1.000 19.272 0 86  ALA A C   1 ? 
ATOM   485  O  O   . ALA A 1 86  ? -0.898  5.681   14.970  1.000 20.013 0 86  ALA A O   1 ? 
ATOM   486  C  CB  . ALA A 1 86  ? -2.482  3.526   16.602  1.000 18.556 0 86  ALA A CB  1 ? 
ATOM   487  N  N   . ILE A 1 87  ? -2.209  4.725   13.448  1.000 19.163 0 87  ILE A N   1 ? 
ATOM   488  C  CA  . ILE A 1 87  ? -1.227  4.937   12.393  1.000 19.123 0 87  ILE A CA  1 ? 
ATOM   489  C  C   . ILE A 1 87  ? -1.142  6.424   12.031  1.000 19.155 0 87  ILE A C   1 ? 
ATOM   490  O  O   . ILE A 1 87  ? -0.106  6.869   11.539  1.000 19.258 0 87  ILE A O   1 ? 
ATOM   491  C  CB  . ILE A 1 87  ? -1.516  4.064   11.160  1.000 22.563 0 87  ILE A CB  1 ? 
ATOM   492  C  CG1 . ILE A 1 87  ? -2.794  4.488   10.448  1.000 22.807 0 87  ILE A CG1 1 ? 
ATOM   493  C  CG2 . ILE A 1 87  ? -1.515  2.581   11.533  1.000 24.011 0 87  ILE A CG2 1 ? 
ATOM   494  C  CD1 . ILE A 1 87  ? -2.714  4.351   8.949   1.000 24.113 0 87  ILE A CD1 1 ? 
ATOM   495  N  N   . ARG A 1 88  ? -2.189  7.193   12.337  1.000 17.994 0 88  ARG A N   1 ? 
ATOM   496  C  CA  . ARG A 1 88  ? -2.213  8.618   12.009  1.000 19.269 0 88  ARG A CA  1 ? 
ATOM   497  C  C   . ARG A 1 88  ? -0.988  9.375   12.548  1.000 20.274 0 88  ARG A C   1 ? 
ATOM   498  O  O   . ARG A 1 88  ? -0.213  9.922   11.785  1.000 20.420 0 88  ARG A O   1 ? 
ATOM   499  C  CB  . ARG A 1 88  ? -3.467  9.280   12.575  1.000 20.675 0 88  ARG A CB  1 ? 
ATOM   500  C  CG  . ARG A 1 88  ? -4.723  8.847   11.839  1.000 21.224 0 88  ARG A CG  1 ? 
ATOM   501  C  CD  . ARG A 1 88  ? -5.957  9.340   12.562  1.000 22.014 0 88  ARG A CD  1 ? 
ATOM   502  N  NE  . ARG A 1 88  ? -7.191  9.243   11.776  1.000 25.449 0 88  ARG A NE  1 ? 
ATOM   503  C  CZ  . ARG A 1 88  ? -8.317  9.845   12.168  1.000 22.210 0 88  ARG A CZ  1 ? 
ATOM   504  N  NH1 . ARG A 1 88  ? -8.323  10.572  13.275  1.000 21.829 0 88  ARG A NH1 1 ? 
ATOM   505  N  NH2 . ARG A 1 88  ? -9.436  9.689   11.496  1.000 25.402 0 88  ARG A NH2 1 ? 
ATOM   506  N  N   . GLU A 1 89  ? -0.835  9.426   13.873  1.000 20.998 0 89  GLU A N   1 ? 
ATOM   507  C  CA  . GLU A 1 89  ? 0.343   10.025  14.488  1.000 22.970 0 89  GLU A CA  1 ? 
ATOM   508  C  C   . GLU A 1 89  ? 1.622   9.278   14.096  1.000 23.238 0 89  GLU A C   1 ? 
ATOM   509  O  O   . GLU A 1 89  ? 2.666   9.884   13.921  1.000 22.958 0 89  GLU A O   1 ? 
ATOM   510  C  CB  . GLU A 1 89  ? 0.170   10.050  16.011  1.000 28.301 0 89  GLU A CB  1 ? 
ATOM   511  C  CG  . GLU A 1 89  ? 1.325   10.716  16.751  1.000 35.804 0 89  GLU A CG  1 ? 
ATOM   512  C  CD  . GLU A 1 89  ? 1.339   10.690  18.281  1.000 42.321 0 89  GLU A CD  1 ? 
ATOM   513  O  OE1 . GLU A 1 89  ? 0.507   9.987   18.925  1.000 39.104 0 89  GLU A OE1 1 ? 
ATOM   514  O  OE2 . GLU A 1 89  ? 2.224   11.404  18.835  1.000 45.469 0 89  GLU A OE2 1 ? 
ATOM   515  N  N   . TYR A 1 90  ? 1.552   7.953   13.914  1.000 21.071 0 90  TYR A N   1 ? 
ATOM   516  C  CA  . TYR A 1 90  ? 2.739   7.153   13.673  1.000 21.235 0 90  TYR A CA  1 ? 
ATOM   517  C  C   . TYR A 1 90  ? 3.435   7.513   12.360  1.000 19.262 0 90  TYR A C   1 ? 
ATOM   518  O  O   . TYR A 1 90  ? 4.664   7.685   12.302  1.000 20.603 0 90  TYR A O   1 ? 
ATOM   519  C  CB  . TYR A 1 90  ? 2.314   5.683   13.698  1.000 20.657 0 90  TYR A CB  1 ? 
ATOM   520  C  CG  . TYR A 1 90  ? 3.439   4.673   13.539  1.000 21.344 0 90  TYR A CG  1 ? 
ATOM   521  C  CD1 . TYR A 1 90  ? 4.311   4.413   14.595  1.000 21.644 0 90  TYR A CD1 1 ? 
ATOM   522  C  CD2 . TYR A 1 90  ? 3.724   4.050   12.320  1.000 21.084 0 90  TYR A CD2 1 ? 
ATOM   523  C  CE1 . TYR A 1 90  ? 5.339   3.497   14.465  1.000 19.542 0 90  TYR A CE1 1 ? 
ATOM   524  C  CE2 . TYR A 1 90  ? 4.750   3.127   12.182  1.000 18.616 0 90  TYR A CE2 1 ? 
ATOM   525  C  CZ  . TYR A 1 90  ? 5.537   2.826   13.278  1.000 20.823 0 90  TYR A CZ  1 ? 
ATOM   526  O  OH  . TYR A 1 90  ? 6.612   1.974   13.230  1.000 26.138 0 90  TYR A OH  1 ? 
ATOM   527  N  N   . TRP A 1 91  ? 2.644   7.633   11.301  1.000 16.240 0 91  TRP A N   1 ? 
ATOM   528  C  CA  . TRP A 1 91  ? 3.161   7.844   9.959   1.000 18.455 0 91  TRP A CA  1 ? 
ATOM   529  C  C   . TRP A 1 91  ? 3.000   9.310   9.562   1.000 18.300 0 91  TRP A C   1 ? 
ATOM   530  O  O   . TRP A 1 91  ? 3.465   9.701   8.500   1.000 20.595 0 91  TRP A O   1 ? 
ATOM   531  C  CB  . TRP A 1 91  ? 2.430   6.939   8.954   1.000 17.943 0 91  TRP A CB  1 ? 
ATOM   532  C  CG  . TRP A 1 91  ? 2.958   5.533   8.871   1.000 18.636 0 91  TRP A CG  1 ? 
ATOM   533  C  CD1 . TRP A 1 91  ? 4.242   5.134   9.124   1.000 19.929 0 91  TRP A CD1 1 ? 
ATOM   534  C  CD2 . TRP A 1 91  ? 2.240   4.335   8.495   1.000 18.495 0 91  TRP A CD2 1 ? 
ATOM   535  N  NE1 . TRP A 1 91  ? 4.379   3.794   8.917   1.000 18.276 0 91  TRP A NE1 1 ? 
ATOM   536  C  CE2 . TRP A 1 91  ? 3.172   3.267   8.534   1.000 17.827 0 91  TRP A CE2 1 ? 
ATOM   537  C  CE3 . TRP A 1 91  ? 0.915   4.053   8.145   1.000 18.540 0 91  TRP A CE3 1 ? 
ATOM   538  C  CZ2 . TRP A 1 91  ? 2.816   1.943   8.243   1.000 17.028 0 91  TRP A CZ2 1 ? 
ATOM   539  C  CZ3 . TRP A 1 91  ? 0.555   2.734   7.923   1.000 19.480 0 91  TRP A CZ3 1 ? 
ATOM   540  C  CH2 . TRP A 1 91  ? 1.506   1.708   7.894   1.000 17.894 0 91  TRP A CH2 1 ? 
ATOM   541  N  N   . GLY A 1 92  ? 2.281   10.069  10.393  1.000 20.232 0 92  GLY A N   1 ? 
ATOM   542  C  CA  . GLY A 1 92  ? 1.934   11.446  10.072  1.000 19.897 0 92  GLY A CA  1 ? 
ATOM   543  C  C   . GLY A 1 92  ? 1.149   11.505  8.766   1.000 18.893 0 92  GLY A C   1 ? 
ATOM   544  O  O   . GLY A 1 92  ? 1.542   12.183  7.816   1.000 21.433 0 92  GLY A O   1 ? 
ATOM   545  N  N   . VAL A 1 93  ? 0.035   10.762  8.734   1.000 21.066 0 93  VAL A N   1 ? 
ATOM   546  C  CA  . VAL A 1 93  ? -0.793  10.624  7.542   1.000 19.793 0 93  VAL A CA  1 ? 
ATOM   547  C  C   . VAL A 1 93  ? -1.299  11.984  7.071   1.000 20.951 0 93  VAL A C   1 ? 
ATOM   548  O  O   . VAL A 1 93  ? -1.928  12.720  7.840   1.000 20.797 0 93  VAL A O   1 ? 
ATOM   549  C  CB  . VAL A 1 93  ? -1.941  9.649   7.844   1.000 22.184 0 93  VAL A CB  1 ? 
ATOM   550  C  CG1 . VAL A 1 93  ? -3.050  9.686   6.790   1.000 22.037 0 93  VAL A CG1 1 ? 
ATOM   551  C  CG2 . VAL A 1 93  ? -1.374  8.248   8.014   1.000 18.191 0 93  VAL A CG2 1 ? 
ATOM   552  N  N   . ASP A 1 94  ? -1.054  12.273  5.781   1.000 17.399 0 94  ASP A N   1 ? 
ATOM   553  C  CA  . ASP A 1 94  ? -1.272  13.599  5.215   1.000 19.468 0 94  ASP A CA  1 ? 
ATOM   554  C  C   . ASP A 1 94  ? -1.596  13.510  3.730   1.000 20.705 0 94  ASP A C   1 ? 
ATOM   555  O  O   . ASP A 1 94  ? -1.856  12.444  3.203   1.000 15.987 0 94  ASP A O   1 ? 
ATOM   556  C  CB  . ASP A 1 94  ? -0.061  14.486  5.438   1.000 22.784 0 94  ASP A CB  1 ? 
ATOM   557  C  CG  . ASP A 1 94  ? 1.180   14.089  4.649   1.000 23.123 0 94  ASP A CG  1 ? 
ATOM   558  O  OD1 . ASP A 1 94  ? 1.083   13.309  3.661   1.000 19.959 0 94  ASP A OD1 1 ? 
ATOM   559  O  OD2 . ASP A 1 94  ? 2.271   14.529  5.039   1.000 28.872 0 94  ASP A OD2 1 ? 
ATOM   560  N  N   . ASP A 1 95  ? -1.589  14.675  3.056   1.000 19.706 0 95  ASP A N   1 ? 
ATOM   561  C  CA  . ASP A 1 95  ? -2.084  14.782  1.688   1.000 20.756 0 95  ASP A CA  1 ? 
ATOM   562  C  C   . ASP A 1 95  ? -1.191  13.981  0.747   1.000 22.113 0 95  ASP A C   1 ? 
ATOM   563  O  O   . ASP A 1 95  ? -1.609  13.626  -0.354  1.000 21.039 0 95  ASP A O   1 ? 
ATOM   564  C  CB  . ASP A 1 95  ? -2.204  16.254  1.302   1.000 18.950 0 95  ASP A CB  1 ? 
ATOM   565  C  CG  . ASP A 1 95  ? -3.312  17.032  1.997   1.000 20.299 0 95  ASP A CG  1 ? 
ATOM   566  O  OD1 . ASP A 1 95  ? -4.238  16.405  2.560   1.000 19.595 0 95  ASP A OD1 1 ? 
ATOM   567  O  OD2 . ASP A 1 95  ? -3.185  18.280  2.064   1.000 21.784 0 95  ASP A OD2 1 ? 
ATOM   568  N  N   . ASN A 1 96  ? 0.048   13.703  1.190   1.000 19.815 0 96  ASN A N   1 ? 
ATOM   569  C  CA  . ASN A 1 96  ? 1.028   13.090  0.321   1.000 19.285 0 96  ASN A CA  1 ? 
ATOM   570  C  C   . ASN A 1 96  ? 1.163   11.609  0.655   1.000 17.984 0 96  ASN A C   1 ? 
ATOM   571  O  O   . ASN A 1 96  ? 2.094   10.978  0.167   1.000 18.783 0 96  ASN A O   1 ? 
ATOM   572  C  CB  . ASN A 1 96  ? 2.375   13.801  0.403   1.000 22.496 0 96  ASN A CB  1 ? 
ATOM   573  C  CG  . ASN A 1 96  ? 2.294   15.212  -0.144  1.000 25.061 0 96  ASN A CG  1 ? 
ATOM   574  O  OD1 . ASN A 1 96  ? 2.703   16.173  0.526   1.000 33.230 0 96  ASN A OD1 1 ? 
ATOM   575  N  ND2 . ASN A 1 96  ? 1.743   15.389  -1.331  1.000 27.380 0 96  ASN A ND2 1 ? 
ATOM   576  N  N   . THR A 1 97  ? 0.188   11.072  1.419   1.000 17.564 0 97  THR A N   1 ? 
ATOM   577  C  CA  . THR A 1 97  ? 0.272   9.693   1.914   1.000 19.116 0 97  THR A CA  1 ? 
ATOM   578  C  C   . THR A 1 97  ? -0.754  8.807   1.225   1.000 18.164 0 97  THR A C   1 ? 
ATOM   579  O  O   . THR A 1 97  ? -1.920  9.178   1.158   1.000 21.630 0 97  THR A O   1 ? 
ATOM   580  C  CB  . THR A 1 97  ? 0.037   9.696   3.429   1.000 19.398 0 97  THR A CB  1 ? 
ATOM   581  O  OG1 . THR A 1 97  ? 1.002   10.559  4.025   1.000 17.739 0 97  THR A OG1 1 ? 
ATOM   582  C  CG2 . THR A 1 97  ? 0.204   8.318   4.038   1.000 18.893 0 97  THR A CG2 1 ? 
ATOM   583  N  N   A VAL A 1 98  ? -0.306  7.637   0.747   0.500 17.167 0 98  VAL A N   1 ? 
ATOM   584  N  N   B VAL A 1 98  ? -0.312  7.631   0.757   0.500 16.352 0 98  VAL A N   1 ? 
ATOM   585  C  CA  A VAL A 1 98  ? -1.165  6.529   0.368   0.500 17.586 0 98  VAL A CA  1 ? 
ATOM   586  C  CA  B VAL A 1 98  ? -1.190  6.543   0.371   0.500 16.119 0 98  VAL A CA  1 ? 
ATOM   587  C  C   A VAL A 1 98  ? -0.912  5.415   1.374   0.500 16.568 0 98  VAL A C   1 ? 
ATOM   588  C  C   B VAL A 1 98  ? -0.924  5.407   1.352   0.500 15.880 0 98  VAL A C   1 ? 
ATOM   589  O  O   A VAL A 1 98  ? 0.213   4.922   1.499   0.500 16.525 0 98  VAL A O   1 ? 
ATOM   590  O  O   B VAL A 1 98  ? 0.202   4.911   1.457   0.500 16.105 0 98  VAL A O   1 ? 
ATOM   591  C  CB  A VAL A 1 98  ? -0.922  5.995   -1.056  0.500 18.593 0 98  VAL A CB  1 ? 
ATOM   592  C  CB  B VAL A 1 98  ? -0.992  6.066   -1.082  0.500 15.717 0 98  VAL A CB  1 ? 
ATOM   593  C  CG1 A VAL A 1 98  ? -1.369  4.545   -1.213  0.500 20.361 0 98  VAL A CG1 1 ? 
ATOM   594  C  CG1 B VAL A 1 98  ? 0.479   5.924   -1.447  0.500 16.119 0 98  VAL A CG1 1 ? 
ATOM   595  C  CG2 A VAL A 1 98  ? -1.593  6.864   -2.110  0.500 20.222 0 98  VAL A CG2 1 ? 
ATOM   596  C  CG2 B VAL A 1 98  ? -1.755  4.776   -1.391  0.500 16.277 0 98  VAL A CG2 1 ? 
ATOM   597  N  N   . VAL A 1 99  ? -1.970  5.037   2.085   1.000 16.314 0 99  VAL A N   1 ? 
ATOM   598  C  CA  . VAL A 1 99  ? -1.912  3.900   2.988   1.000 17.326 0 99  VAL A CA  1 ? 
ATOM   599  C  C   . VAL A 1 99  ? -2.460  2.680   2.253   1.000 16.972 0 99  VAL A C   1 ? 
ATOM   600  O  O   . VAL A 1 99  ? -3.642  2.648   1.867   1.000 17.173 0 99  VAL A O   1 ? 
ATOM   601  C  CB  . VAL A 1 99  ? -2.684  4.139   4.299   1.000 18.022 0 99  VAL A CB  1 ? 
ATOM   602  C  CG1 . VAL A 1 99  ? -2.649  2.892   5.190   1.000 17.917 0 99  VAL A CG1 1 ? 
ATOM   603  C  CG2 . VAL A 1 99  ? -2.191  5.384   5.034   1.000 21.210 0 99  VAL A CG2 1 ? 
ATOM   604  N  N   . PHE A 1 100 ? -1.595  1.685   2.026   1.000 16.974 0 100 PHE A N   1 ? 
ATOM   605  C  CA  . PHE A 1 100 ? -1.984  0.431   1.432   1.000 15.353 0 100 PHE A CA  1 ? 
ATOM   606  C  C   . PHE A 1 100 ? -2.305  -0.581  2.530   1.000 17.721 0 100 PHE A C   1 ? 
ATOM   607  O  O   . PHE A 1 100 ? -1.383  -1.099  3.159   1.000 16.528 0 100 PHE A O   1 ? 
ATOM   608  C  CB  . PHE A 1 100 ? -0.856  -0.006  0.487   1.000 15.670 0 100 PHE A CB  1 ? 
ATOM   609  C  CG  . PHE A 1 100 ? -0.942  -1.403  -0.087  1.000 17.169 0 100 PHE A CG  1 ? 
ATOM   610  C  CD1 . PHE A 1 100 ? -2.139  -2.117  -0.119  1.000 17.229 0 100 PHE A CD1 1 ? 
ATOM   611  C  CD2 . PHE A 1 100 ? 0.210   -2.002  -0.579  1.000 18.338 0 100 PHE A CD2 1 ? 
ATOM   612  C  CE1 . PHE A 1 100 ? -2.175  -3.428  -0.591  1.000 16.559 0 100 PHE A CE1 1 ? 
ATOM   613  C  CE2 . PHE A 1 100 ? 0.163   -3.265  -1.110  1.000 17.052 0 100 PHE A CE2 1 ? 
ATOM   614  C  CZ  . PHE A 1 100 ? -1.015  -3.992  -1.100  1.000 16.593 0 100 PHE A CZ  1 ? 
ATOM   615  N  N   . VAL A 1 101 ? -3.600  -0.884  2.722   1.000 15.091 0 101 VAL A N   1 ? 
ATOM   616  C  CA  . VAL A 1 101 ? -3.986  -1.943  3.646   1.000 16.337 0 101 VAL A CA  1 ? 
ATOM   617  C  C   . VAL A 1 101 ? -4.213  -3.225  2.857   1.000 16.241 0 101 VAL A C   1 ? 
ATOM   618  O  O   . VAL A 1 101 ? -5.088  -3.293  1.996   1.000 16.691 0 101 VAL A O   1 ? 
ATOM   619  C  CB  . VAL A 1 101 ? -5.247  -1.546  4.440   1.000 18.133 0 101 VAL A CB  1 ? 
ATOM   620  C  CG1 . VAL A 1 101 ? -5.781  -2.632  5.364   1.000 19.908 0 101 VAL A CG1 1 ? 
ATOM   621  C  CG2 . VAL A 1 101 ? -5.013  -0.272  5.219   1.000 18.795 0 101 VAL A CG2 1 ? 
ATOM   622  N  N   . ALA A 1 102 ? -3.466  -4.260  3.223   1.000 17.419 0 102 ALA A N   1 ? 
ATOM   623  C  CA  . ALA A 1 102 ? -3.665  -5.577  2.642   1.000 17.017 0 102 ALA A CA  1 ? 
ATOM   624  C  C   . ALA A 1 102 ? -4.294  -6.476  3.711   1.000 17.336 0 102 ALA A C   1 ? 
ATOM   625  O  O   . ALA A 1 102 ? -3.675  -6.789  4.717   1.000 20.445 0 102 ALA A O   1 ? 
ATOM   626  C  CB  . ALA A 1 102 ? -2.341  -6.073  2.117   1.000 16.649 0 102 ALA A CB  1 ? 
ATOM   627  N  N   . ASP A 1 103 ? -5.556  -6.798  3.520   1.000 18.672 0 103 ASP A N   1 ? 
ATOM   628  C  CA  . ASP A 1 103 ? -6.346  -7.481  4.526   1.000 20.867 0 103 ASP A CA  1 ? 
ATOM   629  C  C   . ASP A 1 103 ? -7.385  -8.318  3.819   1.000 19.085 0 103 ASP A C   1 ? 
ATOM   630  O  O   . ASP A 1 103 ? -8.279  -7.762  3.215   1.000 21.057 0 103 ASP A O   1 ? 
ATOM   631  C  CB  . ASP A 1 103 ? -7.008  -6.485  5.458   1.000 19.170 0 103 ASP A CB  1 ? 
ATOM   632  C  CG  . ASP A 1 103 ? -7.858  -7.045  6.594   1.000 23.509 0 103 ASP A CG  1 ? 
ATOM   633  O  OD1 . ASP A 1 103 ? -8.347  -8.207  6.494   1.000 20.235 0 103 ASP A OD1 1 ? 
ATOM   634  O  OD2 . ASP A 1 103 ? -8.035  -6.294  7.566   1.000 19.723 0 103 ASP A OD2 1 ? 
ATOM   635  N  N   . PRO A 1 104 ? -7.308  -9.665  3.903   1.000 21.544 0 104 PRO A N   1 ? 
ATOM   636  C  CA  . PRO A 1 104 ? -8.281  -10.522 3.224   1.000 22.099 0 104 PRO A CA  1 ? 
ATOM   637  C  C   . PRO A 1 104 ? -9.672  -10.557 3.844   1.000 26.507 0 104 PRO A C   1 ? 
ATOM   638  O  O   . PRO A 1 104 ? -10.575 -11.131 3.256   1.000 29.590 0 104 PRO A O   1 ? 
ATOM   639  C  CB  . PRO A 1 104 ? -7.582  -11.909 3.241   1.000 22.963 0 104 PRO A CB  1 ? 
ATOM   640  C  CG  . PRO A 1 104 ? -6.712  -11.880 4.477   1.000 22.999 0 104 PRO A CG  1 ? 
ATOM   641  C  CD  . PRO A 1 104 ? -6.216  -10.434 4.546   1.000 21.528 0 104 PRO A CD  1 ? 
ATOM   642  N  N   . THR A 1 105 ? -9.862  -9.968  5.020   1.000 27.284 0 105 THR A N   1 ? 
ATOM   643  C  CA  . THR A 1 105 ? -11.191 -9.937  5.604   1.000 30.106 0 105 THR A CA  1 ? 
ATOM   644  C  C   . THR A 1 105 ? -12.054 -8.855  4.936   1.000 30.539 0 105 THR A C   1 ? 
ATOM   645  O  O   . THR A 1 105 ? -13.275 -8.921  5.043   1.000 30.539 0 105 THR A O   1 ? 
ATOM   646  C  CB  . THR A 1 105 ? -11.099 -9.753  7.120   1.000 27.898 0 105 THR A CB  1 ? 
ATOM   647  O  OG1 . THR A 1 105 ? -10.607 -8.443  7.326   1.000 29.272 0 105 THR A OG1 1 ? 
ATOM   648  C  CG2 . THR A 1 105 ? -10.185 -10.774 7.772   1.000 31.976 0 105 THR A CG2 1 ? 
ATOM   649  N  N   . PHE A 1 106 ? -11.459 -7.842  4.274   1.000 35.598 0 106 PHE A N   1 ? 
ATOM   650  C  CA  . PHE A 1 106 ? -12.275 -6.732  3.777   1.000 47.209 0 106 PHE A CA  1 ? 
ATOM   651  C  C   . PHE A 1 106 ? -12.262 -6.712  2.254   1.000 50.190 0 106 PHE A C   1 ? 
ATOM   652  O  O   . PHE A 1 106 ? -11.228 -6.408  1.642   1.000 43.769 0 106 PHE A O   1 ? 
ATOM   653  C  CB  . PHE A 1 106 ? -11.965 -5.229  3.886   1.000 52.171 0 106 PHE A CB  1 ? 
ATOM   654  C  CG  . PHE A 1 106 ? -11.018 -4.718  4.953   1.000 53.511 0 106 PHE A CG  1 ? 
ATOM   655  C  CD1 . PHE A 1 106 ? -11.175 -5.065  6.283   1.000 62.195 0 106 PHE A CD1 1 ? 
ATOM   656  C  CD2 . PHE A 1 106 ? -9.999  -3.837  4.610   1.000 56.556 0 106 PHE A CD2 1 ? 
ATOM   657  C  CE1 . PHE A 1 106 ? -10.324 -4.544  7.241   1.000 64.192 0 106 PHE A CE1 1 ? 
ATOM   658  C  CE2 . PHE A 1 106 ? -9.144  -3.335  5.569   1.000 52.009 0 106 PHE A CE2 1 ? 
ATOM   659  C  CZ  . PHE A 1 106 ? -9.309  -3.689  6.883   1.000 58.549 0 106 PHE A CZ  1 ? 
ATOM   660  N  N   . GLY A 1 107 ? -13.445 -6.997  1.694   1.000 52.590 0 107 GLY A N   1 ? 
ATOM   661  C  CA  . GLY A 1 107 ? -13.809 -6.586  0.350   1.000 51.036 0 107 GLY A CA  1 ? 
ATOM   662  C  C   . GLY A 1 107 ? -12.736 -6.933  -0.673  1.000 43.102 0 107 GLY A C   1 ? 
ATOM   663  O  O   . GLY A 1 107 ? -12.646 -8.096  -1.073  1.000 53.055 0 107 GLY A O   1 ? 
ATOM   664  N  N   . ASP A 1 108 ? -11.909 -5.939  -1.043  1.000 35.132 0 108 ASP A N   1 ? 
ATOM   665  C  CA  . ASP A 1 108 ? -11.045 -6.062  -2.215  1.000 34.286 0 108 ASP A CA  1 ? 
ATOM   666  C  C   . ASP A 1 108 ? -9.669  -6.658  -1.914  1.000 28.481 0 108 ASP A C   1 ? 
ATOM   667  O  O   . ASP A 1 108 ? -8.855  -6.740  -2.847  1.000 29.422 0 108 ASP A O   1 ? 
ATOM   668  C  CB  . ASP A 1 108 ? -10.878 -4.744  -2.955  1.000 32.228 0 108 ASP A CB  1 ? 
ATOM   669  C  CG  . ASP A 1 108 ? -12.116 -4.234  -3.683  1.000 32.921 0 108 ASP A CG  1 ? 
ATOM   670  O  OD1 . ASP A 1 108 ? -12.295 -3.014  -3.725  1.000 33.811 0 108 ASP A OD1 1 ? 
ATOM   671  O  OD2 . ASP A 1 108 ? -12.869 -5.076  -4.208  1.000 30.548 0 108 ASP A OD2 1 ? 
ATOM   672  N  N   . ILE A 1 109 ? -9.443  -7.050  -0.649  1.000 26.110 0 109 ILE A N   1 ? 
ATOM   673  C  CA  . ILE A 1 109 ? -8.172  -7.521  -0.106  1.000 25.700 0 109 ILE A CA  1 ? 
ATOM   674  C  C   . ILE A 1 109 ? -7.144  -6.384  -0.108  1.000 23.656 0 109 ILE A C   1 ? 
ATOM   675  O  O   . ILE A 1 109 ? -6.554  -6.066  0.936   1.000 23.781 0 109 ILE A O   1 ? 
ATOM   676  C  CB  . ILE A 1 109 ? -7.702  -8.805  -0.811  1.000 21.509 0 109 ILE A CB  1 ? 
ATOM   677  C  CG1 . ILE A 1 109 ? -8.827  -9.874  -0.774  1.000 21.608 0 109 ILE A CG1 1 ? 
ATOM   678  C  CG2 . ILE A 1 109 ? -6.394  -9.305  -0.193  1.000 21.646 0 109 ILE A CG2 1 ? 
ATOM   679  C  CD1 . ILE A 1 109 ? -8.442  -11.263 -1.252  1.000 22.608 0 109 ILE A CD1 1 ? 
ATOM   680  N  N   . LEU A 1 110 ? -6.932  -5.783  -1.279  1.000 21.266 0 110 LEU A N   1 ? 
ATOM   681  C  CA  . LEU A 1 110 ? -5.980  -4.699  -1.437  1.000 21.089 0 110 LEU A CA  1 ? 
ATOM   682  C  C   . LEU A 1 110 ? -6.767  -3.398  -1.454  1.000 23.166 0 110 LEU A C   1 ? 
ATOM   683  O  O   . LEU A 1 110 ? -7.595  -3.153  -2.335  1.000 25.310 0 110 LEU A O   1 ? 
ATOM   684  C  CB  . LEU A 1 110 ? -5.097  -4.860  -2.664  1.000 21.855 0 110 LEU A CB  1 ? 
ATOM   685  C  CG  . LEU A 1 110 ? -4.319  -6.175  -2.783  1.000 22.267 0 110 LEU A CG  1 ? 
ATOM   686  C  CD1 . LEU A 1 110 ? -3.348  -6.023  -3.897  1.000 23.354 0 110 LEU A CD1 1 ? 
ATOM   687  C  CD2 . LEU A 1 110 ? -3.624  -6.640  -1.531  1.000 22.977 0 110 LEU A CD2 1 ? 
ATOM   688  N  N   . ASN A 1 111 ? -6.521  -2.614  -0.414  1.000 18.586 0 111 ASN A N   1 ? 
ATOM   689  C  CA  . ASN A 1 111 ? -7.284  -1.446  -0.068  1.000 20.512 0 111 ASN A CA  1 ? 
ATOM   690  C  C   . ASN A 1 111 ? -6.312  -0.274  -0.095  1.000 22.241 0 111 ASN A C   1 ? 
ATOM   691  O  O   . ASN A 1 111 ? -5.224  -0.353  0.492   1.000 22.753 0 111 ASN A O   1 ? 
ATOM   692  C  CB  . ASN A 1 111 ? -7.892  -1.608  1.309   1.000 24.193 0 111 ASN A CB  1 ? 
ATOM   693  C  CG  . ASN A 1 111 ? -9.386  -1.694  1.241   1.000 35.638 0 111 ASN A CG  1 ? 
ATOM   694  O  OD1 . ASN A 1 111 ? -9.948  -2.561  0.552   1.000 31.111 0 111 ASN A OD1 1 ? 
ATOM   695  N  ND2 . ASN A 1 111 ? -10.024 -0.735  1.900   1.000 43.138 0 111 ASN A ND2 1 ? 
ATOM   696  N  N   . PHE A 1 112 ? -6.659  0.778   -0.832  1.000 21.199 0 112 PHE A N   1 ? 
ATOM   697  C  CA  . PHE A 1 112 ? -5.723  1.896   -0.947  1.000 22.185 0 112 PHE A CA  1 ? 
ATOM   698  C  C   . PHE A 1 112 ? -6.385  3.163   -0.449  1.000 22.738 0 112 PHE A C   1 ? 
ATOM   699  O  O   . PHE A 1 112 ? -7.418  3.554   -0.990  1.000 23.703 0 112 PHE A O   1 ? 
ATOM   700  C  CB  . PHE A 1 112 ? -5.213  2.093   -2.368  1.000 20.804 0 112 PHE A CB  1 ? 
ATOM   701  C  CG  . PHE A 1 112 ? -4.686  0.803   -2.973  1.000 22.704 0 112 PHE A CG  1 ? 
ATOM   702  C  CD1 . PHE A 1 112 ? -3.438  0.321   -2.630  1.000 18.191 0 112 PHE A CD1 1 ? 
ATOM   703  C  CD2 . PHE A 1 112 ? -5.443  0.079   -3.881  1.000 22.650 0 112 PHE A CD2 1 ? 
ATOM   704  C  CE1 . PHE A 1 112 ? -2.947  -0.834  -3.201  1.000 19.061 0 112 PHE A CE1 1 ? 
ATOM   705  C  CE2 . PHE A 1 112 ? -4.949  -1.094  -4.432  1.000 20.005 0 112 PHE A CE2 1 ? 
ATOM   706  C  CZ  . PHE A 1 112 ? -3.689  -1.531  -4.101  1.000 19.512 0 112 PHE A CZ  1 ? 
ATOM   707  N  N   . ASN A 1 113 ? -5.767  3.789   0.572   1.000 18.228 0 113 ASN A N   1 ? 
ATOM   708  C  CA  . ASN A 1 113 ? -6.320  4.968   1.198   1.000 19.114 0 113 ASN A CA  1 ? 
ATOM   709  C  C   . ASN A 1 113 ? -5.502  6.168   0.691   1.000 18.643 0 113 ASN A C   1 ? 
ATOM   710  O  O   . ASN A 1 113 ? -4.331  6.346   1.049   1.000 18.893 0 113 ASN A O   1 ? 
ATOM   711  C  CB  . ASN A 1 113 ? -6.424  4.767   2.705   1.000 22.908 0 113 ASN A CB  1 ? 
ATOM   712  C  CG  . ASN A 1 113 ? -7.161  3.483   3.066   1.000 22.592 0 113 ASN A CG  1 ? 
ATOM   713  O  OD1 . ASN A 1 113 ? -8.071  3.039   2.349   1.000 22.264 0 113 ASN A OD1 1 ? 
ATOM   714  N  ND2 . ASN A 1 113 ? -6.764  2.842   4.151   1.000 20.820 0 113 ASN A ND2 1 ? 
ATOM   715  N  N   . VAL A 1 114 ? -6.087  6.951   -0.204  1.000 16.067 0 114 VAL A N   1 ? 
ATOM   716  C  CA  . VAL A 1 114 ? -5.297  7.823   -1.078  1.000 17.394 0 114 VAL A CA  1 ? 
ATOM   717  C  C   . VAL A 1 114 ? -5.415  9.276   -0.611  1.000 19.760 0 114 VAL A C   1 ? 
ATOM   718  O  O   . VAL A 1 114 ? -6.496  9.897   -0.685  1.000 17.133 0 114 VAL A O   1 ? 
ATOM   719  C  CB  . VAL A 1 114 ? -5.762  7.633   -2.535  1.000 17.847 0 114 VAL A CB  1 ? 
ATOM   720  C  CG1 . VAL A 1 114 ? -5.150  8.669   -3.465  1.000 19.634 0 114 VAL A CG1 1 ? 
ATOM   721  C  CG2 . VAL A 1 114 ? -5.518  6.190   -3.031  1.000 19.171 0 114 VAL A CG2 1 ? 
ATOM   722  N  N   . GLY A 1 115 ? -4.281  9.822   -0.145  1.000 17.947 0 115 GLY A N   1 ? 
ATOM   723  C  CA  . GLY A 1 115 ? -4.203  11.252  0.154   1.000 20.924 0 115 GLY A CA  1 ? 
ATOM   724  C  C   . GLY A 1 115 ? -4.665  12.176  -0.982  1.000 21.720 0 115 GLY A C   1 ? 
ATOM   725  O  O   . GLY A 1 115 ? -4.513  11.906  -2.173  1.000 18.995 0 115 GLY A O   1 ? 
ATOM   726  N  N   . ALA A 1 116 ? -5.206  13.353  -0.607  1.000 22.997 0 116 ALA A N   1 ? 
ATOM   727  C  CA  . ALA A 1 116 ? -5.743  14.291  -1.577  1.000 23.217 0 116 ALA A CA  1 ? 
ATOM   728  C  C   . ALA A 1 116 ? -4.676  14.761  -2.574  1.000 22.723 0 116 ALA A C   1 ? 
ATOM   729  O  O   . ALA A 1 116 ? -4.975  15.045  -3.728  1.000 24.792 0 116 ALA A O   1 ? 
ATOM   730  C  CB  . ALA A 1 116 ? -6.401  15.456  -0.831  1.000 23.181 0 116 ALA A CB  1 ? 
ATOM   731  N  N   . GLY A 1 117 ? -3.399  14.744  -2.182  1.000 24.245 0 117 GLY A N   1 ? 
ATOM   732  C  CA  . GLY A 1 117 ? -2.330  15.199  -3.043  1.000 24.535 0 117 GLY A CA  1 ? 
ATOM   733  C  C   . GLY A 1 117 ? -1.969  14.197  -4.128  1.000 25.636 0 117 GLY A C   1 ? 
ATOM   734  O  O   . GLY A 1 117 ? -1.740  14.564  -5.284  1.000 24.962 0 117 GLY A O   1 ? 
ATOM   735  N  N   . ILE A 1 118 ? -1.952  12.917  -3.750  1.000 20.556 0 118 ILE A N   1 ? 
ATOM   736  C  CA  . ILE A 1 118 ? -1.831  11.867  -4.719  1.000 24.096 0 118 ILE A CA  1 ? 
ATOM   737  C  C   . ILE A 1 118 ? -3.037  11.851  -5.659  1.000 21.585 0 118 ILE A C   1 ? 
ATOM   738  O  O   . ILE A 1 118 ? -2.855  11.684  -6.845  1.000 18.668 0 118 ILE A O   1 ? 
ATOM   739  C  CB  . ILE A 1 118 ? -1.611  10.529  -3.992  1.000 26.711 0 118 ILE A CB  1 ? 
ATOM   740  C  CG1 . ILE A 1 118 ? -0.171  10.531  -3.378  1.000 27.089 0 118 ILE A CG1 1 ? 
ATOM   741  C  CG2 . ILE A 1 118 ? -1.835  9.349   -4.933  1.000 24.672 0 118 ILE A CG2 1 ? 
ATOM   742  C  CD1 . ILE A 1 118 ? 0.024   9.671   -2.144  1.000 26.616 0 118 ILE A CD1 1 ? 
ATOM   743  N  N   . ASP A 1 119 ? -4.248  11.996  -5.092  1.000 22.167 0 119 ASP A N   1 ? 
ATOM   744  C  CA  . ASP A 1 119 ? -5.481  11.901  -5.842  1.000 24.332 0 119 ASP A CA  1 ? 
ATOM   745  C  C   . ASP A 1 119 ? -5.428  12.861  -7.030  1.000 24.428 0 119 ASP A C   1 ? 
ATOM   746  O  O   . ASP A 1 119 ? -5.990  12.568  -8.070  1.000 24.114 0 119 ASP A O   1 ? 
ATOM   747  C  CB  . ASP A 1 119 ? -6.664  12.150  -4.923  1.000 27.831 0 119 ASP A CB  1 ? 
ATOM   748  C  CG  . ASP A 1 119 ? -8.024  11.901  -5.536  1.000 30.021 0 119 ASP A CG  1 ? 
ATOM   749  O  OD1 . ASP A 1 119 ? -8.271  10.744  -5.960  1.000 28.228 0 119 ASP A OD1 1 ? 
ATOM   750  O  OD2 . ASP A 1 119 ? -8.830  12.855  -5.592  1.000 29.987 0 119 ASP A OD2 1 ? 
ATOM   751  N  N   . LEU A 1 120 ? -4.700  13.977  -6.891  1.000 24.784 0 120 LEU A N   1 ? 
ATOM   752  C  CA  . LEU A 1 120 ? -4.590  14.983  -7.937  1.000 24.947 0 120 LEU A CA  1 ? 
ATOM   753  C  C   . LEU A 1 120 ? -3.776  14.501  -9.136  1.000 27.520 0 120 LEU A C   1 ? 
ATOM   754  O  O   . LEU A 1 120 ? -3.971  15.006  -10.252 1.000 30.848 0 120 LEU A O   1 ? 
ATOM   755  C  CB  . LEU A 1 120 ? -3.981  16.266  -7.378  1.000 28.238 0 120 LEU A CB  1 ? 
ATOM   756  C  CG  . LEU A 1 120 ? -4.807  16.982  -6.308  1.000 31.373 0 120 LEU A CG  1 ? 
ATOM   757  C  CD1 . LEU A 1 120 ? -4.003  18.058  -5.606  1.000 33.514 0 120 LEU A CD1 1 ? 
ATOM   758  C  CD2 . LEU A 1 120 ? -6.066  17.589  -6.901  1.000 31.864 0 120 LEU A CD2 1 ? 
ATOM   759  N  N   . GLU A 1 121 ? -2.843  13.561  -8.928  1.000 27.267 0 121 GLU A N   1 ? 
ATOM   760  C  CA  . GLU A 1 121 ? -1.921  13.137  -9.977  1.000 26.380 0 121 GLU A CA  1 ? 
ATOM   761  C  C   . GLU A 1 121 ? -2.281  11.787  -10.605 1.000 28.665 0 121 GLU A C   1 ? 
ATOM   762  O  O   . GLU A 1 121 ? -1.868  11.519  -11.743 1.000 30.693 0 121 GLU A O   1 ? 
ATOM   763  C  CB  . GLU A 1 121 ? -0.539  13.099  -9.343  1.000 26.999 0 121 GLU A CB  1 ? 
ATOM   764  C  CG  . GLU A 1 121 ? -0.196  14.445  -8.691  1.000 29.239 0 121 GLU A CG  1 ? 
ATOM   765  C  CD  . GLU A 1 121 ? 1.300   14.696  -8.615  1.000 32.809 0 121 GLU A CD  1 ? 
ATOM   766  O  OE1 . GLU A 1 121 ? 2.036   13.799  -9.092  1.000 28.772 0 121 GLU A OE1 1 ? 
ATOM   767  O  OE2 . GLU A 1 121 ? 1.734   15.733  -8.062  1.000 32.205 0 121 GLU A OE2 1 ? 
ATOM   768  N  N   . VAL A 1 122 ? -3.045  10.950  -9.889  1.000 22.896 0 122 VAL A N   1 ? 
ATOM   769  C  CA  . VAL A 1 122 ? -3.331  9.583   -10.305 1.000 21.734 0 122 VAL A CA  1 ? 
ATOM   770  C  C   . VAL A 1 122 ? -4.801  9.444   -10.719 1.000 21.682 0 122 VAL A C   1 ? 
ATOM   771  O  O   . VAL A 1 122 ? -5.698  9.803   -9.966  1.000 19.492 0 122 VAL A O   1 ? 
ATOM   772  C  CB  . VAL A 1 122 ? -2.994  8.624   -9.152  1.000 19.867 0 122 VAL A CB  1 ? 
ATOM   773  C  CG1 . VAL A 1 122 ? -3.242  7.172   -9.544  1.000 21.010 0 122 VAL A CG1 1 ? 
ATOM   774  C  CG2 . VAL A 1 122 ? -1.543  8.796   -8.723  1.000 20.836 0 122 VAL A CG2 1 ? 
ATOM   775  N  N   . PRO A 1 123 ? -5.106  8.889   -11.916 1.000 19.043 0 123 PRO A N   1 ? 
ATOM   776  C  CA  . PRO A 1 123 ? -6.489  8.557   -12.266 1.000 22.641 0 123 PRO A CA  1 ? 
ATOM   777  C  C   . PRO A 1 123 ? -7.081  7.579   -11.250 1.000 20.966 0 123 PRO A C   1 ? 
ATOM   778  O  O   . PRO A 1 123 ? -6.433  6.584   -10.886 1.000 21.311 0 123 PRO A O   1 ? 
ATOM   779  C  CB  . PRO A 1 123 ? -6.390  7.940   -13.666 1.000 21.458 0 123 PRO A CB  1 ? 
ATOM   780  C  CG  . PRO A 1 123 ? -4.944  7.466   -13.745 1.000 24.029 0 123 PRO A CG  1 ? 
ATOM   781  C  CD  . PRO A 1 123 ? -4.129  8.449   -12.922 1.000 21.899 0 123 PRO A CD  1 ? 
ATOM   782  N  N   . ARG A 1 124 ? -8.320  7.856   -10.801 1.000 21.336 0 124 ARG A N   1 ? 
ATOM   783  C  CA  . ARG A 1 124 ? -8.929  7.020   -9.791  1.000 24.560 0 124 ARG A CA  1 ? 
ATOM   784  C  C   . ARG A 1 124 ? -8.988  5.556   -10.239 1.000 24.290 0 124 ARG A C   1 ? 
ATOM   785  O  O   . ARG A 1 124 ? -8.870  4.678   -9.399  1.000 24.375 0 124 ARG A O   1 ? 
ATOM   786  C  CB  . ARG A 1 124 ? -10.341 7.487   -9.435  1.000 31.959 0 124 ARG A CB  1 ? 
ATOM   787  C  CG  . ARG A 1 124 ? -10.751 7.106   -8.018  1.000 38.065 0 124 ARG A CG  1 ? 
ATOM   788  C  CD  . ARG A 1 124 ? -10.744 8.291   -7.058  1.000 40.847 0 124 ARG A CD  1 ? 
ATOM   789  N  NE  . ARG A 1 124 ? -9.603  8.482   -6.153  1.000 48.363 0 124 ARG A NE  1 ? 
ATOM   790  C  CZ  . ARG A 1 124 ? -9.623  8.290   -4.835  1.000 45.553 0 124 ARG A CZ  1 ? 
ATOM   791  N  NH1 . ARG A 1 124 ? -10.411 7.382   -4.289  1.000 46.878 0 124 ARG A NH1 1 ? 
ATOM   792  N  NH2 . ARG A 1 124 ? -8.758  8.923   -4.074  1.000 49.828 0 124 ARG A NH2 1 ? 
ATOM   793  N  N   . SER A 1 125 ? -9.177  5.291   -11.543 1.000 19.296 0 125 SER A N   1 ? 
ATOM   794  C  CA  . SER A 1 125 ? -9.314  3.923   -12.040 1.000 20.872 0 125 SER A CA  1 ? 
ATOM   795  C  C   . SER A 1 125 ? -8.082  3.076   -11.742 1.000 18.373 0 125 SER A C   1 ? 
ATOM   796  O  O   . SER A 1 125 ? -8.141  1.861   -11.825 1.000 21.495 0 125 SER A O   1 ? 
ATOM   797  C  CB  . SER A 1 125 ? -9.548  3.916   -13.530 1.000 20.926 0 125 SER A CB  1 ? 
ATOM   798  O  OG  . SER A 1 125 ? -8.477  4.551   -14.198 1.000 19.949 0 125 SER A OG  1 ? 
ATOM   799  N  N   . PHE A 1 126 ? -6.939  3.713   -11.513 1.000 20.950 0 126 PHE A N   1 ? 
ATOM   800  C  CA  . PHE A 1 126 ? -5.706  3.000   -11.272 1.000 19.221 0 126 PHE A CA  1 ? 
ATOM   801  C  C   . PHE A 1 126 ? -5.818  2.064   -10.071 1.000 19.805 0 126 PHE A C   1 ? 
ATOM   802  O  O   . PHE A 1 126 ? -5.370  0.919   -10.131 1.000 18.855 0 126 PHE A O   1 ? 
ATOM   803  C  CB  . PHE A 1 126 ? -4.580  3.982   -10.998 1.000 19.155 0 126 PHE A CB  1 ? 
ATOM   804  C  CG  . PHE A 1 126 ? -3.314  3.262   -10.572 1.000 18.607 0 126 PHE A CG  1 ? 
ATOM   805  C  CD1 . PHE A 1 126 ? -2.536  2.583   -11.498 1.000 17.320 0 126 PHE A CD1 1 ? 
ATOM   806  C  CD2 . PHE A 1 126 ? -2.898  3.265   -9.252  1.000 18.515 0 126 PHE A CD2 1 ? 
ATOM   807  C  CE1 . PHE A 1 126 ? -1.370  1.937   -11.097 1.000 18.819 0 126 PHE A CE1 1 ? 
ATOM   808  C  CE2 . PHE A 1 126 ? -1.715  2.656   -8.872  1.000 18.519 0 126 PHE A CE2 1 ? 
ATOM   809  C  CZ  . PHE A 1 126 ? -0.966  1.969   -9.804  1.000 17.511 0 126 PHE A CZ  1 ? 
ATOM   810  N  N   . TRP A 1 127 ? -6.417  2.552   -8.971  1.000 19.829 0 127 TRP A N   1 ? 
ATOM   811  C  CA  . TRP A 1 127 ? -6.423  1.787   -7.734  1.000 18.423 0 127 TRP A CA  1 ? 
ATOM   812  C  C   . TRP A 1 127 ? -7.270  0.532   -7.896  1.000 20.176 0 127 TRP A C   1 ? 
ATOM   813  O  O   . TRP A 1 127 ? -6.923  -0.519  -7.372  1.000 17.927 0 127 TRP A O   1 ? 
ATOM   814  C  CB  . TRP A 1 127 ? -6.943  2.654   -6.568  1.000 19.568 0 127 TRP A CB  1 ? 
ATOM   815  C  CG  . TRP A 1 127 ? -6.183  3.949   -6.433  1.000 18.994 0 127 TRP A CG  1 ? 
ATOM   816  C  CD1 . TRP A 1 127 ? -6.607  5.175   -6.853  1.000 22.409 0 127 TRP A CD1 1 ? 
ATOM   817  C  CD2 . TRP A 1 127 ? -4.801  4.122   -6.056  1.000 21.266 0 127 TRP A CD2 1 ? 
ATOM   818  N  NE1 . TRP A 1 127 ? -5.613  6.098   -6.706  1.000 22.084 0 127 TRP A NE1 1 ? 
ATOM   819  C  CE2 . TRP A 1 127 ? -4.495  5.491   -6.213  1.000 19.084 0 127 TRP A CE2 1 ? 
ATOM   820  C  CE3 . TRP A 1 127 ? -3.817  3.262   -5.571  1.000 18.483 0 127 TRP A CE3 1 ? 
ATOM   821  C  CZ2 . TRP A 1 127 ? -3.246  5.999   -5.905  1.000 24.206 0 127 TRP A CZ2 1 ? 
ATOM   822  C  CZ3 . TRP A 1 127 ? -2.578  3.760   -5.274  1.000 20.697 0 127 TRP A CZ3 1 ? 
ATOM   823  C  CH2 . TRP A 1 127 ? -2.290  5.116   -5.450  1.000 21.587 0 127 TRP A CH2 1 ? 
ATOM   824  N  N   . GLY A 1 128 ? -8.417  0.653   -8.598  1.000 19.111 0 128 GLY A N   1 ? 
ATOM   825  C  CA  . GLY A 1 128 ? -9.270  -0.500  -8.848  1.000 22.780 0 128 GLY A CA  1 ? 
ATOM   826  C  C   . GLY A 1 128 ? -8.633  -1.502  -9.817  1.000 22.581 0 128 GLY A C   1 ? 
ATOM   827  O  O   . GLY A 1 128 ? -8.773  -2.716  -9.652  1.000 22.124 0 128 GLY A O   1 ? 
ATOM   828  N  N   . ARG A 1 129 ? -7.929  -0.992  -10.831 1.000 21.045 0 129 ARG A N   1 ? 
ATOM   829  C  CA  . ARG A 1 129 ? -7.203  -1.838  -11.745 1.000 22.483 0 129 ARG A CA  1 ? 
ATOM   830  C  C   . ARG A 1 129 ? -6.076  -2.548  -11.011 1.000 19.249 0 129 ARG A C   1 ? 
ATOM   831  O  O   . ARG A 1 129 ? -5.900  -3.749  -11.220 1.000 16.335 0 129 ARG A O   1 ? 
ATOM   832  C  CB  . ARG A 1 129 ? -6.731  -1.049  -12.956 1.000 24.017 0 129 ARG A CB  1 ? 
ATOM   833  C  CG  . ARG A 1 129 ? -7.905  -0.746  -13.868 1.000 22.742 0 129 ARG A CG  1 ? 
ATOM   834  C  CD  . ARG A 1 129 ? -7.436  -0.120  -15.174 1.000 23.928 0 129 ARG A CD  1 ? 
ATOM   835  N  NE  . ARG A 1 129 ? -7.164  1.314   -15.002 1.000 23.158 0 129 ARG A NE  1 ? 
ATOM   836  C  CZ  . ARG A 1 129 ? -5.975  1.912   -14.966 1.000 21.810 0 129 ARG A CZ  1 ? 
ATOM   837  N  NH1 . ARG A 1 129 ? -4.848  1.228   -15.028 1.000 24.895 0 129 ARG A NH1 1 ? 
ATOM   838  N  NH2 . ARG A 1 129 ? -5.950  3.226   -14.772 1.000 20.420 0 129 ARG A NH2 1 ? 
ATOM   839  N  N   . LEU A 1 130 ? -5.361  -1.828  -10.121 1.000 20.048 0 130 LEU A N   1 ? 
ATOM   840  C  CA  . LEU A 1 130 ? -4.288  -2.437  -9.364  1.000 18.669 0 130 LEU A CA  1 ? 
ATOM   841  C  C   . LEU A 1 130 ? -4.856  -3.538  -8.468  1.000 18.931 0 130 LEU A C   1 ? 
ATOM   842  O  O   . LEU A 1 130 ? -4.281  -4.622  -8.384  1.000 20.438 0 130 LEU A O   1 ? 
ATOM   843  C  CB  . LEU A 1 130 ? -3.507  -1.390  -8.559  1.000 19.208 0 130 LEU A CB  1 ? 
ATOM   844  C  CG  . LEU A 1 130 ? -2.433  -1.912  -7.603  1.000 20.226 0 130 LEU A CG  1 ? 
ATOM   845  C  CD1 . LEU A 1 130 ? -1.431  -2.640  -8.398  1.000 21.686 0 130 LEU A CD1 1 ? 
ATOM   846  C  CD2 . LEU A 1 130 ? -1.778  -0.732  -6.842  1.000 21.013 0 130 LEU A CD2 1 ? 
ATOM   847  N  N   . ALA A 1 131 ? -6.024  -3.286  -7.854  1.000 18.902 0 131 ALA A N   1 ? 
ATOM   848  C  CA  . ALA A 1 131 ? -6.660  -4.238  -6.950  1.000 20.668 0 131 ALA A CA  1 ? 
ATOM   849  C  C   . ALA A 1 131 ? -7.162  -5.474  -7.691  1.000 20.585 0 131 ALA A C   1 ? 
ATOM   850  O  O   . ALA A 1 131 ? -7.239  -6.591  -7.144  1.000 22.861 0 131 ALA A O   1 ? 
ATOM   851  C  CB  . ALA A 1 131 ? -7.781  -3.541  -6.219  1.000 20.386 0 131 ALA A CB  1 ? 
ATOM   852  N  N   . GLY A 1 132 ? -7.572  -5.252  -8.923  1.000 21.197 0 132 GLY A N   1 ? 
ATOM   853  C  CA  . GLY A 1 132 ? -8.074  -6.365  -9.703  1.000 21.179 0 132 GLY A CA  1 ? 
ATOM   854  C  C   . GLY A 1 132 ? -6.943  -7.299  -10.074 1.000 21.648 0 132 GLY A C   1 ? 
ATOM   855  O  O   . GLY A 1 132 ? -7.149  -8.511  -10.109 1.000 23.539 0 132 GLY A O   1 ? 
ATOM   856  N  N   . LYS A 1 133 ? -5.786  -6.698  -10.396 1.000 18.715 0 133 LYS A N   1 ? 
ATOM   857  C  CA  . LYS A 1 133 ? -4.693  -7.420  -11.002 1.000 18.993 0 133 LYS A CA  1 ? 
ATOM   858  C  C   . LYS A 1 133 ? -3.992  -8.249  -9.943  1.000 19.122 0 133 LYS A C   1 ? 
ATOM   859  O  O   . LYS A 1 133 ? -3.798  -9.445  -10.149 1.000 17.733 0 133 LYS A O   1 ? 
ATOM   860  C  CB  . LYS A 1 133 ? -3.708  -6.491  -11.682 1.000 19.824 0 133 LYS A CB  1 ? 
ATOM   861  C  CG  . LYS A 1 133 ? -2.682  -7.185  -12.553 1.000 23.018 0 133 LYS A CG  1 ? 
ATOM   862  C  CD  . LYS A 1 133 ? -1.741  -6.181  -13.178 1.000 27.468 0 133 LYS A CD  1 ? 
ATOM   863  C  CE  . LYS A 1 133 ? -0.954  -6.809  -14.298 1.000 32.143 0 133 LYS A CE  1 ? 
ATOM   864  N  NZ  . LYS A 1 133 ? 0.423   -6.344  -14.391 1.000 31.318 0 133 LYS A NZ  1 ? 
ATOM   865  N  N   . TYR A 1 134 ? -3.674  -7.627  -8.791  1.000 16.908 0 134 TYR A N   1 ? 
ATOM   866  C  CA  . TYR A 1 134 ? -2.818  -8.306  -7.819  1.000 20.140 0 134 TYR A CA  1 ? 
ATOM   867  C  C   . TYR A 1 134 ? -3.608  -8.676  -6.565  1.000 20.553 0 134 TYR A C   1 ? 
ATOM   868  O  O   . TYR A 1 134 ? -3.037  -9.321  -5.672  1.000 23.665 0 134 TYR A O   1 ? 
ATOM   869  C  CB  . TYR A 1 134 ? -1.599  -7.445  -7.454  1.000 21.624 0 134 TYR A CB  1 ? 
ATOM   870  C  CG  . TYR A 1 134 ? -0.628  -7.250  -8.601  1.000 23.912 0 134 TYR A CG  1 ? 
ATOM   871  C  CD1 . TYR A 1 134 ? -0.156  -8.320  -9.346  1.000 21.301 0 134 TYR A CD1 1 ? 
ATOM   872  C  CD2 . TYR A 1 134 ? -0.256  -5.985  -9.006  1.000 24.859 0 134 TYR A CD2 1 ? 
ATOM   873  C  CE1 . TYR A 1 134 ? 0.727   -8.134  -10.390 1.000 23.172 0 134 TYR A CE1 1 ? 
ATOM   874  C  CE2 . TYR A 1 134 ? 0.636   -5.786  -10.035 1.000 23.606 0 134 TYR A CE2 1 ? 
ATOM   875  C  CZ  . TYR A 1 134 ? 1.120   -6.859  -10.754 1.000 25.033 0 134 TYR A CZ  1 ? 
ATOM   876  O  OH  . TYR A 1 134 ? 1.924   -6.653  -11.842 1.000 25.008 0 134 TYR A OH  1 ? 
ATOM   877  N  N   . GLY A 1 135 ? -4.907  -8.335  -6.514  1.000 19.917 0 135 GLY A N   1 ? 
ATOM   878  C  CA  . GLY A 1 135 ? -5.703  -8.404  -5.301  1.000 20.803 0 135 GLY A CA  1 ? 
ATOM   879  C  C   . GLY A 1 135 ? -6.921  -9.329  -5.355  1.000 23.969 0 135 GLY A C   1 ? 
ATOM   880  O  O   . GLY A 1 135 ? -7.553  -9.591  -4.324  1.000 24.934 0 135 GLY A O   1 ? 
ATOM   881  N  N   . ASN A 1 136 ? -7.283  -9.793  -6.547  1.000 20.561 0 136 ASN A N   1 ? 
ATOM   882  C  CA  . ASN A 1 136 ? -8.431  -10.674 -6.702  1.000 22.199 0 136 ASN A CA  1 ? 
ATOM   883  C  C   . ASN A 1 136 ? -8.121  -11.966 -5.931  1.000 24.900 0 136 ASN A C   1 ? 
ATOM   884  O  O   . ASN A 1 136 ? -6.949  -12.318 -5.726  1.000 24.128 0 136 ASN A O   1 ? 
ATOM   885  C  CB  . ASN A 1 136 ? -8.775  -10.803 -8.189  1.000 22.144 0 136 ASN A CB  1 ? 
ATOM   886  C  CG  . ASN A 1 136 ? -7.883  -11.773 -8.913  1.000 21.976 0 136 ASN A CG  1 ? 
ATOM   887  O  OD1 . ASN A 1 136 ? -7.864  -12.957 -8.556  1.000 21.115 0 136 ASN A OD1 1 ? 
ATOM   888  N  ND2 . ASN A 1 136 ? -7.152  -11.309 -9.914  1.000 24.184 0 136 ASN A ND2 1 ? 
ATOM   889  N  N   . LYS A 1 137 ? -9.157  -12.663 -5.452  1.000 23.547 0 137 LYS A N   1 ? 
ATOM   890  C  CA  . LYS A 1 137 ? -8.916  -13.710 -4.460  1.000 27.604 0 137 LYS A CA  1 ? 
ATOM   891  C  C   . LYS A 1 137 ? -8.198  -14.931 -5.058  1.000 25.626 0 137 LYS A C   1 ? 
ATOM   892  O  O   . LYS A 1 137 ? -7.596  -15.715 -4.329  1.000 23.850 0 137 LYS A O   1 ? 
ATOM   893  C  CB  . LYS A 1 137 ? -10.204 -14.120 -3.745  1.000 28.522 0 137 LYS A CB  1 ? 
ATOM   894  C  CG  . LYS A 1 137 ? -11.267 -14.756 -4.592  1.000 32.263 0 137 LYS A CG  1 ? 
ATOM   895  C  CD  . LYS A 1 137 ? -12.377 -15.326 -3.715  1.000 36.852 0 137 LYS A CD  1 ? 
ATOM   896  C  CE  . LYS A 1 137 ? -13.632 -15.556 -4.486  1.000 43.339 0 137 LYS A CE  1 ? 
ATOM   897  N  NZ  . LYS A 1 137 ? -14.701 -15.999 -3.586  1.000 42.937 0 137 LYS A NZ  1 ? 
ATOM   898  N  N   . PHE A 1 138 ? -8.221  -15.065 -6.375  1.000 26.751 0 138 PHE A N   1 ? 
ATOM   899  C  CA  . PHE A 1 138 ? -7.571  -16.165 -7.058  1.000 25.722 0 138 PHE A CA  1 ? 
ATOM   900  C  C   . PHE A 1 138 ? -6.062  -15.912 -7.105  1.000 24.142 0 138 PHE A C   1 ? 
ATOM   901  O  O   . PHE A 1 138 ? -5.253  -16.802 -6.810  1.000 21.042 0 138 PHE A O   1 ? 
ATOM   902  C  CB  . PHE A 1 138 ? -8.212  -16.328 -8.439  1.000 26.027 0 138 PHE A CB  1 ? 
ATOM   903  C  CG  . PHE A 1 138 ? -9.729  -16.314 -8.376  1.000 27.083 0 138 PHE A CG  1 ? 
ATOM   904  C  CD1 . PHE A 1 138 ? -10.411 -17.313 -7.685  1.000 27.200 0 138 PHE A CD1 1 ? 
ATOM   905  C  CD2 . PHE A 1 138 ? -10.464 -15.301 -8.991  1.000 27.942 0 138 PHE A CD2 1 ? 
ATOM   906  C  CE1 . PHE A 1 138 ? -11.801 -17.308 -7.615  1.000 25.805 0 138 PHE A CE1 1 ? 
ATOM   907  C  CE2 . PHE A 1 138 ? -11.853 -15.304 -8.934  1.000 26.105 0 138 PHE A CE2 1 ? 
ATOM   908  C  CZ  . PHE A 1 138 ? -12.519 -16.307 -8.247  1.000 26.003 0 138 PHE A CZ  1 ? 
ATOM   909  N  N   . TYR A 1 139 ? -5.693  -14.680 -7.478  1.000 24.090 0 139 TYR A N   1 ? 
ATOM   910  C  CA  . TYR A 1 139 ? -4.304  -14.264 -7.481  1.000 22.451 0 139 TYR A CA  1 ? 
ATOM   911  C  C   . TYR A 1 139 ? -3.721  -14.327 -6.062  1.000 21.777 0 139 TYR A C   1 ? 
ATOM   912  O  O   . TYR A 1 139 ? -2.610  -14.821 -5.871  1.000 23.254 0 139 TYR A O   1 ? 
ATOM   913  C  CB  . TYR A 1 139 ? -4.183  -12.850 -8.065  1.000 21.831 0 139 TYR A CB  1 ? 
ATOM   914  C  CG  . TYR A 1 139 ? -2.725  -12.473 -8.262  1.000 19.159 0 139 TYR A CG  1 ? 
ATOM   915  C  CD1 . TYR A 1 139 ? -1.937  -12.054 -7.197  1.000 21.461 0 139 TYR A CD1 1 ? 
ATOM   916  C  CD2 . TYR A 1 139 ? -2.138  -12.538 -9.520  1.000 20.764 0 139 TYR A CD2 1 ? 
ATOM   917  C  CE1 . TYR A 1 139 ? -0.600  -11.724 -7.375  1.000 21.284 0 139 TYR A CE1 1 ? 
ATOM   918  C  CE2 . TYR A 1 139 ? -0.795  -12.239 -9.704  1.000 22.019 0 139 TYR A CE2 1 ? 
ATOM   919  C  CZ  . TYR A 1 139 ? -0.042  -11.787 -8.633  1.000 20.123 0 139 TYR A CZ  1 ? 
ATOM   920  O  OH  . TYR A 1 139 ? 1.261   -11.464 -8.755  1.000 23.171 0 139 TYR A OH  1 ? 
ATOM   921  N  N   . TRP A 1 140 ? -4.517  -13.904 -5.066  1.000 19.983 0 140 TRP A N   1 ? 
ATOM   922  C  CA  . TRP A 1 140 ? -4.035  -13.813 -3.688  1.000 22.923 0 140 TRP A CA  1 ? 
ATOM   923  C  C   . TRP A 1 140 ? -3.732  -15.212 -3.141  1.000 23.351 0 140 TRP A C   1 ? 
ATOM   924  O  O   . TRP A 1 140 ? -2.693  -15.437 -2.523  1.000 22.929 0 140 TRP A O   1 ? 
ATOM   925  C  CB  . TRP A 1 140 ? -5.078  -13.077 -2.844  1.000 23.619 0 140 TRP A CB  1 ? 
ATOM   926  C  CG  . TRP A 1 140 ? -4.843  -13.013 -1.365  1.000 22.653 0 140 TRP A CG  1 ? 
ATOM   927  C  CD1 . TRP A 1 140 ? -5.346  -13.825 -0.388  1.000 25.221 0 140 TRP A CD1 1 ? 
ATOM   928  C  CD2 . TRP A 1 140 ? -4.114  -11.973 -0.689  1.000 22.194 0 140 TRP A CD2 1 ? 
ATOM   929  N  NE1 . TRP A 1 140 ? -4.967  -13.366 0.841   1.000 25.010 0 140 TRP A NE1 1 ? 
ATOM   930  C  CE2 . TRP A 1 140 ? -4.209  -12.237 0.684   1.000 21.553 0 140 TRP A CE2 1 ? 
ATOM   931  C  CE3 . TRP A 1 140 ? -3.411  -10.854 -1.130  1.000 20.475 0 140 TRP A CE3 1 ? 
ATOM   932  C  CZ2 . TRP A 1 140 ? -3.616  -11.408 1.629   1.000 21.704 0 140 TRP A CZ2 1 ? 
ATOM   933  C  CZ3 . TRP A 1 140 ? -2.795  -10.051 -0.206  1.000 23.024 0 140 TRP A CZ3 1 ? 
ATOM   934  C  CH2 . TRP A 1 140 ? -2.920  -10.315 1.159   1.000 24.458 0 140 TRP A CH2 1 ? 
ATOM   935  N  N   . GLN A 1 141 ? -4.657  -16.148 -3.378  1.000 23.127 0 141 GLN A N   1 ? 
ATOM   936  C  CA  . GLN A 1 141 ? -4.490  -17.538 -2.966  1.000 26.986 0 141 GLN A CA  1 ? 
ATOM   937  C  C   . GLN A 1 141 ? -3.391  -18.258 -3.768  1.000 22.632 0 141 GLN A C   1 ? 
ATOM   938  O  O   . GLN A 1 141 ? -2.608  -19.028 -3.209  1.000 27.267 0 141 GLN A O   1 ? 
ATOM   939  C  CB  . GLN A 1 141 ? -5.853  -18.223 -3.068  1.000 30.107 0 141 GLN A CB  1 ? 
ATOM   940  C  CG  . GLN A 1 141 ? -6.716  -18.046 -1.818  1.000 37.597 0 141 GLN A CG  1 ? 
ATOM   941  C  CD  . GLN A 1 141 ? -8.211  -18.082 -2.064  1.000 43.113 0 141 GLN A CD  1 ? 
ATOM   942  O  OE1 . GLN A 1 141 ? -8.701  -18.140 -3.200  1.000 46.544 0 141 GLN A OE1 1 ? 
ATOM   943  N  NE2 . GLN A 1 141 ? -8.975  -17.969 -0.987  1.000 51.391 0 141 GLN A NE2 1 ? 
ATOM   944  N  N   . GLU A 1 142 ? -3.292  -18.008 -5.071  1.000 23.647 0 142 GLU A N   1 ? 
ATOM   945  C  CA  . GLU A 1 142 ? -2.371  -18.754 -5.931  1.000 24.859 0 142 GLU A CA  1 ? 
ATOM   946  C  C   . GLU A 1 142 ? -0.923  -18.338 -5.668  1.000 26.858 0 142 GLU A C   1 ? 
ATOM   947  O  O   . GLU A 1 142 ? -0.027  -19.184 -5.543  1.000 21.712 0 142 GLU A O   1 ? 
ATOM   948  C  CB  . GLU A 1 142 ? -2.682  -18.546 -7.417  1.000 27.743 0 142 GLU A CB  1 ? 
ATOM   949  C  CG  . GLU A 1 142 ? -1.615  -19.113 -8.354  1.000 31.070 0 142 GLU A CG  1 ? 
ATOM   950  C  CD  . GLU A 1 142 ? -1.916  -19.079 -9.849  1.000 36.134 0 142 GLU A CD  1 ? 
ATOM   951  O  OE1 . GLU A 1 142 ? -1.009  -19.429 -10.639 1.000 45.940 0 142 GLU A OE1 1 ? 
ATOM   952  O  OE2 . GLU A 1 142 ? -3.042  -18.713 -10.238 1.000 39.308 0 142 GLU A OE2 1 ? 
ATOM   953  N  N   . ASN A 1 143 ? -0.718  -17.016 -5.612  1.000 23.401 0 143 ASN A N   1 ? 
ATOM   954  C  CA  . ASN A 1 143 ? 0.602   -16.426 -5.556  1.000 22.345 0 143 ASN A CA  1 ? 
ATOM   955  C  C   . ASN A 1 143 ? 1.008   -16.117 -4.123  1.000 21.447 0 143 ASN A C   1 ? 
ATOM   956  O  O   . ASN A 1 143 ? 2.187   -15.917 -3.882  1.000 22.637 0 143 ASN A O   1 ? 
ATOM   957  C  CB  . ASN A 1 143 ? 0.649   -15.207 -6.447  1.000 22.685 0 143 ASN A CB  1 ? 
ATOM   958  C  CG  . ASN A 1 143 ? 0.486   -15.592 -7.900  1.000 26.058 0 143 ASN A CG  1 ? 
ATOM   959  O  OD1 . ASN A 1 143 ? 1.414   -16.158 -8.489  1.000 30.198 0 143 ASN A OD1 1 ? 
ATOM   960  N  ND2 . ASN A 1 143 ? -0.676  -15.329 -8.477  1.000 24.089 0 143 ASN A ND2 1 ? 
ATOM   961  N  N   . GLY A 1 144 ? 0.058   -16.095 -3.183  1.000 20.445 0 144 GLY A N   1 ? 
ATOM   962  C  CA  . GLY A 1 144 ? 0.421   -15.843 -1.791  1.000 21.220 0 144 GLY A CA  1 ? 
ATOM   963  C  C   . GLY A 1 144 ? 0.391   -14.349 -1.480  1.000 20.448 0 144 GLY A C   1 ? 
ATOM   964  O  O   . GLY A 1 144 ? 0.372   -13.517 -2.382  1.000 19.602 0 144 GLY A O   1 ? 
ATOM   965  N  N   . GLU A 1 145 ? 0.383   -14.023 -0.195  1.000 19.883 0 145 GLU A N   1 ? 
ATOM   966  C  CA  . GLU A 1 145 ? 0.135   -12.658 0.246   1.000 19.766 0 145 GLU A CA  1 ? 
ATOM   967  C  C   . GLU A 1 145 ? 1.320   -11.766 -0.110  1.000 18.198 0 145 GLU A C   1 ? 
ATOM   968  O  O   . GLU A 1 145 ? 1.140   -10.633 -0.574  1.000 17.568 0 145 GLU A O   1 ? 
ATOM   969  C  CB  . GLU A 1 145 ? -0.141  -12.574 1.743   1.000 19.537 0 145 GLU A CB  1 ? 
ATOM   970  C  CG  . GLU A 1 145 ? -1.265  -13.428 2.301   1.000 20.414 0 145 GLU A CG  1 ? 
ATOM   971  C  CD  . GLU A 1 145 ? -0.890  -14.868 2.683   1.000 19.863 0 145 GLU A CD  1 ? 
ATOM   972  O  OE1 . GLU A 1 145 ? -1.644  -15.493 3.412   1.000 22.982 0 145 GLU A OE1 1 ? 
ATOM   973  O  OE2 . GLU A 1 145 ? 0.097   -15.408 2.172   1.000 24.322 0 145 GLU A OE2 1 ? 
ATOM   974  N  N   . ALA A 1 146 ? 2.541   -12.287 0.093   1.000 19.446 0 146 ALA A N   1 ? 
ATOM   975  C  CA  . ALA A 1 146 ? 3.747   -11.503 -0.100  1.000 19.648 0 146 ALA A CA  1 ? 
ATOM   976  C  C   . ALA A 1 146 ? 3.860   -11.032 -1.549  1.000 18.915 0 146 ALA A C   1 ? 
ATOM   977  O  O   . ALA A 1 146 ? 4.182   -9.871  -1.835  1.000 16.961 0 146 ALA A O   1 ? 
ATOM   978  C  CB  . ALA A 1 146 ? 4.945   -12.346 0.271   1.000 22.917 0 146 ALA A CB  1 ? 
ATOM   979  N  N   . ALA A 1 147 ? 3.649   -11.984 -2.486  1.000 19.090 0 147 ALA A N   1 ? 
ATOM   980  C  CA  . ALA A 1 147 ? 3.788   -11.667 -3.891  1.000 20.134 0 147 ALA A CA  1 ? 
ATOM   981  C  C   . ALA A 1 147 ? 2.781   -10.587 -4.297  1.000 21.290 0 147 ALA A C   1 ? 
ATOM   982  O  O   . ALA A 1 147 ? 3.145   -9.671  -5.045  1.000 20.586 0 147 ALA A O   1 ? 
ATOM   983  C  CB  . ALA A 1 147 ? 3.651   -12.915 -4.742  1.000 21.314 0 147 ALA A CB  1 ? 
ATOM   984  N  N   . SER A 1 148 ? 1.555   -10.686 -3.779  1.000 18.322 0 148 SER A N   1 ? 
ATOM   985  C  CA  . SER A 1 148 ? 0.516   -9.706  -4.075  1.000 21.409 0 148 SER A CA  1 ? 
ATOM   986  C  C   . SER A 1 148 ? 0.909   -8.315  -3.590  1.000 20.903 0 148 SER A C   1 ? 
ATOM   987  O  O   . SER A 1 148 ? 0.878   -7.321  -4.309  1.000 22.309 0 148 SER A O   1 ? 
ATOM   988  C  CB  . SER A 1 148 ? -0.773  -10.143 -3.525  1.000 25.086 0 148 SER A CB  1 ? 
ATOM   989  O  OG  . SER A 1 148 ? -1.220  -11.291 -4.246  1.000 26.732 0 148 SER A OG  1 ? 
ATOM   990  N  N   . ILE A 1 149 ? 1.349   -8.254  -2.356  1.000 21.026 0 149 ILE A N   1 ? 
ATOM   991  C  CA  . ILE A 1 149 ? 1.741   -6.991  -1.764  1.000 19.025 0 149 ILE A CA  1 ? 
ATOM   992  C  C   . ILE A 1 149 ? 2.950   -6.409  -2.508  1.000 18.974 0 149 ILE A C   1 ? 
ATOM   993  O  O   . ILE A 1 149 ? 2.979   -5.216  -2.857  1.000 17.306 0 149 ILE A O   1 ? 
ATOM   994  C  CB  . ILE A 1 149 ? 2.028   -7.239  -0.272  1.000 17.465 0 149 ILE A CB  1 ? 
ATOM   995  C  CG1 . ILE A 1 149 ? 0.780   -7.647  0.508   1.000 18.113 0 149 ILE A CG1 1 ? 
ATOM   996  C  CG2 . ILE A 1 149 ? 2.696   -5.989  0.323   1.000 19.063 0 149 ILE A CG2 1 ? 
ATOM   997  C  CD1 . ILE A 1 149 ? 1.043   -8.209  1.897   1.000 18.981 0 149 ILE A CD1 1 ? 
ATOM   998  N  N   . LEU A 1 150 ? 3.995   -7.235  -2.714  1.000 19.491 0 150 LEU A N   1 ? 
ATOM   999  C  CA  . LEU A 1 150 ? 5.227   -6.755  -3.323  1.000 19.956 0 150 LEU A CA  1 ? 
ATOM   1000 C  C   . LEU A 1 150 ? 4.930   -6.192  -4.719  1.000 19.693 0 150 LEU A C   1 ? 
ATOM   1001 O  O   . LEU A 1 150 ? 5.445   -5.151  -5.122  1.000 17.757 0 150 LEU A O   1 ? 
ATOM   1002 C  CB  . LEU A 1 150 ? 6.234   -7.898  -3.366  1.000 19.991 0 150 LEU A CB  1 ? 
ATOM   1003 C  CG  . LEU A 1 150 ? 7.019   -8.184  -2.077  1.000 20.744 0 150 LEU A CG  1 ? 
ATOM   1004 C  CD1 . LEU A 1 150 ? 7.620   -9.580  -2.107  1.000 20.362 0 150 LEU A CD1 1 ? 
ATOM   1005 C  CD2 . LEU A 1 150 ? 8.107   -7.166  -1.864  1.000 22.260 0 150 LEU A CD2 1 ? 
ATOM   1006 N  N   . ASN A 1 151 ? 4.103   -6.925  -5.482  1.000 19.309 0 151 ASN A N   1 ? 
ATOM   1007 C  CA  . ASN A 1 151 ? 3.770   -6.560  -6.840  1.000 20.110 0 151 ASN A CA  1 ? 
ATOM   1008 C  C   . ASN A 1 151 ? 2.947   -5.291  -6.841  1.000 17.265 0 151 ASN A C   1 ? 
ATOM   1009 O  O   . ASN A 1 151 ? 3.166   -4.422  -7.699  1.000 20.127 0 151 ASN A O   1 ? 
ATOM   1010 C  CB  . ASN A 1 151 ? 3.064   -7.697  -7.545  1.000 22.547 0 151 ASN A CB  1 ? 
ATOM   1011 C  CG  . ASN A 1 151 ? 4.075   -8.706  -8.029  1.000 23.487 0 151 ASN A CG  1 ? 
ATOM   1012 O  OD1 . ASN A 1 151 ? 5.263   -8.373  -8.121  1.000 25.107 0 151 ASN A OD1 1 ? 
ATOM   1013 N  ND2 . ASN A 1 151 ? 3.623   -9.908  -8.367  1.000 27.303 0 151 ASN A ND2 1 ? 
ATOM   1014 N  N   . ALA A 1 152 ? 2.089   -5.156  -5.834  1.000 14.902 0 152 ALA A N   1 ? 
ATOM   1015 C  CA  . ALA A 1 152 ? 1.293   -3.935  -5.760  1.000 15.438 0 152 ALA A CA  1 ? 
ATOM   1016 C  C   . ALA A 1 152 ? 2.157   -2.735  -5.362  1.000 16.185 0 152 ALA A C   1 ? 
ATOM   1017 O  O   . ALA A 1 152 ? 1.971   -1.657  -5.933  1.000 16.672 0 152 ALA A O   1 ? 
ATOM   1018 C  CB  . ALA A 1 152 ? 0.093   -4.091  -4.904  1.000 16.235 0 152 ALA A CB  1 ? 
ATOM   1019 N  N   . VAL A 1 153 ? 3.097   -2.913  -4.426  1.000 16.806 0 153 VAL A N   1 ? 
ATOM   1020 C  CA  . VAL A 1 153 ? 3.989   -1.821  -4.029  1.000 16.634 0 153 VAL A CA  1 ? 
ATOM   1021 C  C   . VAL A 1 153 ? 4.751   -1.295  -5.241  1.000 18.376 0 153 VAL A C   1 ? 
ATOM   1022 O  O   . VAL A 1 153 ? 4.831   -0.072  -5.448  1.000 16.791 0 153 VAL A O   1 ? 
ATOM   1023 C  CB  . VAL A 1 153 ? 4.930   -2.254  -2.890  1.000 17.556 0 153 VAL A CB  1 ? 
ATOM   1024 C  CG1 . VAL A 1 153 ? 6.122   -1.304  -2.745  1.000 18.084 0 153 VAL A CG1 1 ? 
ATOM   1025 C  CG2 . VAL A 1 153 ? 4.170   -2.392  -1.570  1.000 16.978 0 153 VAL A CG2 1 ? 
ATOM   1026 N  N   A SER A 1 154 ? 5.270   -2.212  -6.063  0.500 18.287 0 154 SER A N   1 ? 
ATOM   1027 N  N   B SER A 1 154 ? 5.270   -2.229  -6.045  0.500 17.565 0 154 SER A N   1 ? 
ATOM   1028 C  CA  A SER A 1 154 ? 6.080   -1.824  -7.207  0.500 19.225 0 154 SER A CA  1 ? 
ATOM   1029 C  CA  B SER A 1 154 ? 6.083   -1.868  -7.193  0.500 17.936 0 154 SER A CA  1 ? 
ATOM   1030 C  C   A SER A 1 154 ? 5.251   -1.058  -8.217  0.500 18.042 0 154 SER A C   1 ? 
ATOM   1031 C  C   B SER A 1 154 ? 5.260   -1.080  -8.199  0.500 17.358 0 154 SER A C   1 ? 
ATOM   1032 O  O   A SER A 1 154 ? 5.739   -0.081  -8.782  0.500 21.069 0 154 SER A O   1 ? 
ATOM   1033 O  O   B SER A 1 154 ? 5.759   -0.097  -8.742  0.500 20.489 0 154 SER A O   1 ? 
ATOM   1034 C  CB  A SER A 1 154 ? 6.719   -3.025  -7.840  0.500 19.467 0 154 SER A CB  1 ? 
ATOM   1035 C  CB  B SER A 1 154 ? 6.707   -3.086  -7.840  0.500 17.029 0 154 SER A CB  1 ? 
ATOM   1036 O  OG  A SER A 1 154 ? 7.493   -3.651  -6.837  0.500 22.187 0 154 SER A OG  1 ? 
ATOM   1037 O  OG  B SER A 1 154 ? 7.566   -2.661  -8.881  0.500 17.361 0 154 SER A OG  1 ? 
ATOM   1038 N  N   . ALA A 1 155 ? 4.022   -1.528  -8.457  1.000 16.435 0 155 ALA A N   1 ? 
ATOM   1039 C  CA  . ALA A 1 155 ? 3.135   -0.863  -9.398  1.000 16.981 0 155 ALA A CA  1 ? 
ATOM   1040 C  C   . ALA A 1 155 ? 2.769   0.530   -8.903  1.000 16.839 0 155 ALA A C   1 ? 
ATOM   1041 O  O   . ALA A 1 155 ? 2.656   1.442   -9.722  1.000 19.214 0 155 ALA A O   1 ? 
ATOM   1042 C  CB  . ALA A 1 155 ? 1.911   -1.697  -9.656  1.000 18.254 0 155 ALA A CB  1 ? 
ATOM   1043 N  N   . ILE A 1 156 ? 2.605   0.695   -7.600  1.000 16.102 0 156 ILE A N   1 ? 
ATOM   1044 C  CA  . ILE A 1 156 ? 2.302   2.025   -7.073  1.000 16.719 0 156 ILE A CA  1 ? 
ATOM   1045 C  C   . ILE A 1 156 ? 3.508   2.947   -7.292  1.000 16.487 0 156 ILE A C   1 ? 
ATOM   1046 O  O   . ILE A 1 156 ? 3.368   4.089   -7.727  1.000 17.509 0 156 ILE A O   1 ? 
ATOM   1047 C  CB  . ILE A 1 156 ? 1.922   1.937   -5.571  1.000 18.953 0 156 ILE A CB  1 ? 
ATOM   1048 C  CG1 . ILE A 1 156 ? 0.673   1.082   -5.345  1.000 20.185 0 156 ILE A CG1 1 ? 
ATOM   1049 C  CG2 . ILE A 1 156 ? 1.774   3.321   -4.945  1.000 18.196 0 156 ILE A CG2 1 ? 
ATOM   1050 C  CD1 . ILE A 1 156 ? 0.348   0.781   -3.878  1.000 19.839 0 156 ILE A CD1 1 ? 
ATOM   1051 N  N   . ASP A 1 157 ? 4.698   2.447   -6.968  1.000 17.735 0 157 ASP A N   1 ? 
ATOM   1052 C  CA  . ASP A 1 157 ? 5.936   3.194   -7.157  1.000 20.266 0 157 ASP A CA  1 ? 
ATOM   1053 C  C   . ASP A 1 157 ? 6.047   3.670   -8.605  1.000 22.011 0 157 ASP A C   1 ? 
ATOM   1054 O  O   . ASP A 1 157 ? 6.206   4.862   -8.903  1.000 20.847 0 157 ASP A O   1 ? 
ATOM   1055 C  CB  . ASP A 1 157 ? 7.107   2.342   -6.698  1.000 22.177 0 157 ASP A CB  1 ? 
ATOM   1056 C  CG  . ASP A 1 157 ? 8.484   2.989   -6.663  1.000 25.126 0 157 ASP A CG  1 ? 
ATOM   1057 O  OD1 . ASP A 1 157 ? 9.485   2.229   -6.609  1.000 29.255 0 157 ASP A OD1 1 ? 
ATOM   1058 O  OD2 . ASP A 1 157 ? 8.557   4.223   -6.667  1.000 27.002 0 157 ASP A OD2 1 ? 
ATOM   1059 N  N   . THR A 1 158 ? 5.864   2.741   -9.529  1.000 22.223 0 158 THR A N   1 ? 
ATOM   1060 C  CA  . THR A 1 158 ? 5.973   3.064   -10.952 1.000 21.801 0 158 THR A CA  1 ? 
ATOM   1061 C  C   . THR A 1 158 ? 4.983   4.150   -11.361 1.000 21.101 0 158 THR A C   1 ? 
ATOM   1062 O  O   . THR A 1 158 ? 5.365   5.065   -12.102 1.000 18.111 0 158 THR A O   1 ? 
ATOM   1063 C  CB  . THR A 1 158 ? 5.699   1.849   -11.826 1.000 25.069 0 158 THR A CB  1 ? 
ATOM   1064 O  OG1 . THR A 1 158 ? 6.551   0.767   -11.439 1.000 27.616 0 158 THR A OG1 1 ? 
ATOM   1065 C  CG2 . THR A 1 158 ? 5.927   2.199   -13.288 1.000 29.175 0 158 THR A CG2 1 ? 
ATOM   1066 N  N   . CYS A 1 159 ? 3.710   3.947   -10.970 1.000 19.612 0 159 CYS A N   1 ? 
ATOM   1067 C  CA  . CYS A 1 159 ? 2.618   4.883   -11.269 1.000 18.332 0 159 CYS A CA  1 ? 
ATOM   1068 C  C   . CYS A 1 159 ? 2.958   6.292   -10.771 1.000 18.429 0 159 CYS A C   1 ? 
ATOM   1069 O  O   . CYS A 1 159 ? 2.925   7.254   -11.542 1.000 19.686 0 159 CYS A O   1 ? 
ATOM   1070 C  CB  . CYS A 1 159 ? 1.273   4.374   -10.741 1.000 19.933 0 159 CYS A CB  1 ? 
ATOM   1071 S  SG  . CYS A 1 159 ? -0.043  5.626   -10.750 1.000 22.955 0 159 CYS A SG  1 ? 
ATOM   1072 N  N   . LEU A 1 160 ? 3.320   6.405   -9.498  1.000 16.704 0 160 LEU A N   1 ? 
ATOM   1073 C  CA  . LEU A 1 160 ? 3.524   7.711   -8.880  1.000 17.068 0 160 LEU A CA  1 ? 
ATOM   1074 C  C   . LEU A 1 160 ? 4.692   8.443   -9.544  1.000 17.348 0 160 LEU A C   1 ? 
ATOM   1075 O  O   . LEU A 1 160 ? 4.733   9.675   -9.568  1.000 21.620 0 160 LEU A O   1 ? 
ATOM   1076 C  CB  . LEU A 1 160 ? 3.747   7.548   -7.379  1.000 18.252 0 160 LEU A CB  1 ? 
ATOM   1077 C  CG  . LEU A 1 160 ? 2.509   7.228   -6.531  1.000 22.579 0 160 LEU A CG  1 ? 
ATOM   1078 C  CD1 . LEU A 1 160 ? 2.760   7.207   -5.019  1.000 21.879 0 160 LEU A CD1 1 ? 
ATOM   1079 C  CD2 . LEU A 1 160 ? 1.345   8.147   -6.817  1.000 26.247 0 160 LEU A CD2 1 ? 
ATOM   1080 N  N   . ARG A 1 161 ? 5.674   7.692   -10.020 1.000 20.022 0 161 ARG A N   1 ? 
ATOM   1081 C  CA  . ARG A 1 161 ? 6.835   8.282   -10.674 1.000 21.490 0 161 ARG A CA  1 ? 
ATOM   1082 C  C   . ARG A 1 161 ? 6.561   8.690   -12.118 1.000 23.887 0 161 ARG A C   1 ? 
ATOM   1083 O  O   . ARG A 1 161 ? 7.439   9.286   -12.723 1.000 28.243 0 161 ARG A O   1 ? 
ATOM   1084 C  CB  . ARG A 1 161 ? 8.033   7.335   -10.653 1.000 22.404 0 161 ARG A CB  1 ? 
ATOM   1085 C  CG  . ARG A 1 161 ? 8.594   7.019   -9.273  1.000 20.969 0 161 ARG A CG  1 ? 
ATOM   1086 C  CD  . ARG A 1 161 ? 9.602   5.866   -9.336  1.000 23.309 0 161 ARG A CD  1 ? 
ATOM   1087 N  NE  . ARG A 1 161 ? 10.225  5.633   -8.025  1.000 24.182 0 161 ARG A NE  1 ? 
ATOM   1088 C  CZ  . ARG A 1 161 ? 11.366  6.195   -7.581  1.000 26.683 0 161 ARG A CZ  1 ? 
ATOM   1089 N  NH1 . ARG A 1 161 ? 11.950  5.745   -6.472  1.000 25.208 0 161 ARG A NH1 1 ? 
ATOM   1090 N  NH2 . ARG A 1 161 ? 11.947  7.189   -8.265  1.000 27.184 0 161 ARG A NH2 1 ? 
ATOM   1091 N  N   . GLU A 1 162 ? 5.386   8.393   -12.692 1.000 20.773 0 162 GLU A N   1 ? 
ATOM   1092 C  CA  . GLU A 1 162 ? 5.148   8.727   -14.090 1.000 21.820 0 162 GLU A CA  1 ? 
ATOM   1093 C  C   . GLU A 1 162 ? 5.003   10.227  -14.271 1.000 22.902 0 162 GLU A C   1 ? 
ATOM   1094 O  O   . GLU A 1 162 ? 4.390   10.908  -13.446 1.000 25.723 0 162 GLU A O   1 ? 
ATOM   1095 C  CB  . GLU A 1 162 ? 3.913   8.050   -14.694 1.000 19.703 0 162 GLU A CB  1 ? 
ATOM   1096 C  CG  . GLU A 1 162 ? 4.015   6.528   -14.848 1.000 20.635 0 162 GLU A CG  1 ? 
ATOM   1097 C  CD  . GLU A 1 162 ? 2.838   5.787   -15.510 1.000 21.325 0 162 GLU A CD  1 ? 
ATOM   1098 O  OE1 . GLU A 1 162 ? 2.756   4.537   -15.469 1.000 21.533 0 162 GLU A OE1 1 ? 
ATOM   1099 O  OE2 . GLU A 1 162 ? 2.013   6.467   -16.147 1.000 24.325 0 162 GLU A OE2 1 ? 
ATOM   1100 N  N   . GLU A 1 163 ? 5.515   10.728  -15.400 1.000 27.183 0 163 GLU A N   1 ? 
ATOM   1101 C  CA  . GLU A 1 163 ? 5.254   12.103  -15.789 1.000 31.292 0 163 GLU A CA  1 ? 
ATOM   1102 C  C   . GLU A 1 163 ? 3.762   12.299  -16.009 1.000 32.617 0 163 GLU A C   1 ? 
ATOM   1103 O  O   . GLU A 1 163 ? 3.062   11.384  -16.451 1.000 28.702 0 163 GLU A O   1 ? 
ATOM   1104 C  CB  . GLU A 1 163 ? 6.029   12.523  -17.030 1.000 36.551 0 163 GLU A CB  1 ? 
ATOM   1105 C  CG  . GLU A 1 163 ? 7.276   13.323  -16.663 1.000 43.190 0 163 GLU A CG  1 ? 
ATOM   1106 C  CD  . GLU A 1 163 ? 8.350   13.222  -17.714 1.000 47.611 0 163 GLU A CD  1 ? 
ATOM   1107 O  OE1 . GLU A 1 163 ? 8.018   13.517  -18.881 1.000 52.905 0 163 GLU A OE1 1 ? 
ATOM   1108 O  OE2 . GLU A 1 163 ? 9.485   12.832  -17.364 1.000 55.407 0 163 GLU A OE2 1 ? 
ATOM   1109 N  N   . PRO A 1 164 ? 3.270   13.538  -15.784 1.000 35.742 0 164 PRO A N   1 ? 
ATOM   1110 C  CA  . PRO A 1 164 ? 1.862   13.870  -15.986 1.000 36.609 0 164 PRO A CA  1 ? 
ATOM   1111 C  C   . PRO A 1 164 ? 1.534   13.631  -17.451 1.000 33.853 0 164 PRO A C   1 ? 
ATOM   1112 O  O   . PRO A 1 164 ? 2.441   13.651  -18.275 1.000 35.098 0 164 PRO A O   1 ? 
ATOM   1113 C  CB  . PRO A 1 164 ? 1.794   15.366  -15.581 1.000 38.488 0 164 PRO A CB  1 ? 
ATOM   1114 C  CG  . PRO A 1 164 ? 3.199   15.881  -15.806 1.000 39.511 0 164 PRO A CG  1 ? 
ATOM   1115 C  CD  . PRO A 1 164 ? 4.080   14.713  -15.403 1.000 39.379 0 164 PRO A CD  1 ? 
ATOM   1116 N  N   . GLY A 1 165 ? 0.259   13.345  -17.747 1.000 31.363 0 165 GLY A N   1 ? 
ATOM   1117 C  CA  . GLY A 1 165 ? -0.183  13.110  -19.116 1.000 32.828 0 165 GLY A CA  1 ? 
ATOM   1118 C  C   . GLY A 1 165 ? -1.505  12.351  -19.168 1.000 32.838 0 165 GLY A C   1 ? 
ATOM   1119 O  O   . GLY A 1 165 ? -1.881  11.669  -18.211 1.000 27.985 0 165 GLY A O   1 ? 
ATOM   1120 N  N   . ARG A 1 166 ? -2.179  12.429  -20.329 1.000 31.610 0 166 ARG A N   1 ? 
ATOM   1121 C  CA  . ARG A 1 166 ? -3.557  11.991  -20.448 1.000 35.735 0 166 ARG A CA  1 ? 
ATOM   1122 C  C   . ARG A 1 166 ? -3.653  10.476  -20.263 1.000 30.822 0 166 ARG A C   1 ? 
ATOM   1123 O  O   . ARG A 1 166 ? -4.720  10.000  -19.915 1.000 30.232 0 166 ARG A O   1 ? 
ATOM   1124 C  CB  . ARG A 1 166 ? -4.271  12.459  -21.729 1.000 41.662 0 166 ARG A CB  1 ? 
ATOM   1125 C  CG  . ARG A 1 166 ? -3.915  13.880  -22.173 1.000 52.031 0 166 ARG A CG  1 ? 
ATOM   1126 C  CD  . ARG A 1 166 ? -5.066  14.880  -22.395 1.000 51.226 0 166 ARG A CD  1 ? 
ATOM   1127 N  NE  . ARG A 1 166 ? -6.259  14.428  -23.120 1.000 54.530 0 166 ARG A NE  1 ? 
ATOM   1128 C  CZ  . ARG A 1 166 ? -6.319  13.935  -24.361 1.000 56.492 0 166 ARG A CZ  1 ? 
ATOM   1129 N  NH1 . ARG A 1 166 ? -5.228  13.558  -25.006 1.000 59.215 0 166 ARG A NH1 1 ? 
ATOM   1130 N  NH2 . ARG A 1 166 ? -7.498  13.776  -24.949 1.000 53.775 0 166 ARG A NH2 1 ? 
ATOM   1131 N  N   . PHE A 1 167 ? -2.534  9.746   -20.432 1.000 27.554 0 167 PHE A N   1 ? 
ATOM   1132 C  CA  . PHE A 1 167 ? -2.543  8.302   -20.297 1.000 24.730 0 167 PHE A CA  1 ? 
ATOM   1133 C  C   . PHE A 1 167 ? -1.752  7.852   -19.065 1.000 25.889 0 167 PHE A C   1 ? 
ATOM   1134 O  O   . PHE A 1 167 ? -1.390  6.668   -18.979 1.000 22.050 0 167 PHE A O   1 ? 
ATOM   1135 C  CB  . PHE A 1 167 ? -2.073  7.654   -21.605 1.000 25.456 0 167 PHE A CB  1 ? 
ATOM   1136 C  CG  . PHE A 1 167 ? -3.070  7.878   -22.729 1.000 25.105 0 167 PHE A CG  1 ? 
ATOM   1137 C  CD1 . PHE A 1 167 ? -4.273  7.177   -22.751 1.000 25.643 0 167 PHE A CD1 1 ? 
ATOM   1138 C  CD2 . PHE A 1 167 ? -2.860  8.852   -23.698 1.000 28.268 0 167 PHE A CD2 1 ? 
ATOM   1139 C  CE1 . PHE A 1 167 ? -5.236  7.446   -23.706 1.000 26.364 0 167 PHE A CE1 1 ? 
ATOM   1140 C  CE2 . PHE A 1 167 ? -3.819  9.078   -24.684 1.000 28.796 0 167 PHE A CE2 1 ? 
ATOM   1141 C  CZ  . PHE A 1 167 ? -4.989  8.361   -24.697 1.000 25.668 0 167 PHE A CZ  1 ? 
ATOM   1142 N  N   . LYS A 1 168 ? -1.549  8.771   -18.097 1.000 24.359 0 168 LYS A N   1 ? 
ATOM   1143 C  CA  . LYS A 1 168 ? -0.822  8.450   -16.876 1.000 24.508 0 168 LYS A CA  1 ? 
ATOM   1144 C  C   . LYS A 1 168 ? -1.483  7.286   -16.138 1.000 22.645 0 168 LYS A C   1 ? 
ATOM   1145 O  O   . LYS A 1 168 ? -2.668  7.329   -15.858 1.000 22.944 0 168 LYS A O   1 ? 
ATOM   1146 C  CB  . LYS A 1 168 ? -0.754  9.623   -15.894 1.000 27.935 0 168 LYS A CB  1 ? 
ATOM   1147 C  CG  . LYS A 1 168 ? 0.189   9.329   -14.721 1.000 25.851 0 168 LYS A CG  1 ? 
ATOM   1148 C  CD  . LYS A 1 168 ? 0.789   10.546  -14.042 1.000 29.467 0 168 LYS A CD  1 ? 
ATOM   1149 C  CE  . LYS A 1 168 ? 1.586   10.316  -12.784 1.000 32.848 0 168 LYS A CE  1 ? 
ATOM   1150 N  NZ  . LYS A 1 168 ? 1.095   9.245   -11.912 1.000 35.830 0 168 LYS A NZ  1 ? 
ATOM   1151 N  N   . CYS A 1 169 ? -0.695  6.262   -15.796 1.000 20.194 0 169 CYS A N   1 ? 
ATOM   1152 C  CA  . CYS A 1 169 ? -1.167  5.089   -15.076 1.000 19.556 0 169 CYS A CA  1 ? 
ATOM   1153 C  C   . CYS A 1 169 ? -2.379  4.406   -15.731 1.000 22.316 0 169 CYS A C   1 ? 
ATOM   1154 O  O   . CYS A 1 169 ? -3.200  3.817   -14.994 1.000 21.436 0 169 CYS A O   1 ? 
ATOM   1155 C  CB  . CYS A 1 169 ? -1.488  5.475   -13.628 1.000 19.104 0 169 CYS A CB  1 ? 
ATOM   1156 S  SG  . CYS A 1 169 ? -0.127  6.316   -12.781 1.000 21.459 0 169 CYS A SG  1 ? 
ATOM   1157 N  N   A SER A 1 170 ? -2.529  4.528   -17.067 0.500 21.449 0 170 SER A N   1 ? 
ATOM   1158 N  N   B SER A 1 170 ? -2.513  4.533   -17.070 0.500 19.371 0 170 SER A N   1 ? 
ATOM   1159 C  CA  A SER A 1 170 ? -3.621  3.873   -17.781 0.500 23.544 0 170 SER A CA  1 ? 
ATOM   1160 C  CA  B SER A 1 170 ? -3.590  3.888   -17.814 0.500 19.760 0 170 SER A CA  1 ? 
ATOM   1161 C  C   A SER A 1 170 ? -3.351  2.375   -17.922 0.500 23.356 0 170 SER A C   1 ? 
ATOM   1162 C  C   B SER A 1 170 ? -3.348  2.382   -17.906 0.500 21.423 0 170 SER A C   1 ? 
ATOM   1163 O  O   A SER A 1 170 ? -4.277  1.597   -18.169 0.500 25.786 0 170 SER A O   1 ? 
ATOM   1164 O  O   B SER A 1 170 ? -4.292  1.607   -18.093 0.500 24.492 0 170 SER A O   1 ? 
ATOM   1165 C  CB  A SER A 1 170 ? -3.890  4.482   -19.137 0.500 25.431 0 170 SER A CB  1 ? 
ATOM   1166 C  CB  B SER A 1 170 ? -3.777  4.473   -19.200 0.500 18.957 0 170 SER A CB  1 ? 
ATOM   1167 O  OG  A SER A 1 170 ? -4.663  5.672   -19.037 0.500 27.170 0 170 SER A OG  1 ? 
ATOM   1168 O  OG  B SER A 1 170 ? -2.602  4.359   -20.002 0.500 15.032 0 170 SER A OG  1 ? 
ATOM   1169 N  N   . THR A 1 171 ? -2.074  1.993   -17.792 1.000 22.515 0 171 THR A N   1 ? 
ATOM   1170 C  CA  . THR A 1 171 ? -1.667  0.599   -17.708 1.000 23.590 0 171 THR A CA  1 ? 
ATOM   1171 C  C   . THR A 1 171 ? -0.894  0.438   -16.404 1.000 24.545 0 171 THR A C   1 ? 
ATOM   1172 O  O   . THR A 1 171 ? -0.407  1.426   -15.842 1.000 23.066 0 171 THR A O   1 ? 
ATOM   1173 C  CB  . THR A 1 171 ? -0.812  0.207   -18.908 1.000 23.907 0 171 THR A CB  1 ? 
ATOM   1174 O  OG1 . THR A 1 171 ? 0.429   0.919   -18.826 1.000 25.109 0 171 THR A OG1 1 ? 
ATOM   1175 C  CG2 . THR A 1 171 ? -1.542  0.426   -20.212 1.000 24.603 0 171 THR A CG2 1 ? 
ATOM   1176 N  N   A VAL A 1 172 ? -0.755  -0.807  -15.957 0.500 25.326 0 172 VAL A N   1 ? 
ATOM   1177 N  N   B VAL A 1 172 ? -0.756  -0.820  -15.972 0.500 22.471 0 172 VAL A N   1 ? 
ATOM   1178 C  CA  A VAL A 1 172 ? -0.163  -1.082  -14.662 0.500 27.354 0 172 VAL A CA  1 ? 
ATOM   1179 C  CA  B VAL A 1 172 ? -0.209  -1.178  -14.669 0.500 22.038 0 172 VAL A CA  1 ? 
ATOM   1180 C  C   A VAL A 1 172 ? 1.099   -1.903  -14.876 0.500 25.898 0 172 VAL A C   1 ? 
ATOM   1181 C  C   B VAL A 1 172 ? 1.112   -1.906  -14.895 0.500 23.213 0 172 VAL A C   1 ? 
ATOM   1182 O  O   A VAL A 1 172 ? 1.202   -2.680  -15.819 0.500 27.673 0 172 VAL A O   1 ? 
ATOM   1183 O  O   B VAL A 1 172 ? 1.272   -2.621  -15.880 0.500 25.150 0 172 VAL A O   1 ? 
ATOM   1184 C  CB  A VAL A 1 172 ? -1.137  -1.789  -13.702 0.500 29.727 0 172 VAL A CB  1 ? 
ATOM   1185 C  CB  B VAL A 1 172 ? -1.194  -2.036  -13.842 0.500 19.828 0 172 VAL A CB  1 ? 
ATOM   1186 C  CG1 A VAL A 1 172 ? -2.377  -0.955  -13.407 0.500 32.480 0 172 VAL A CG1 1 ? 
ATOM   1187 C  CG1 B VAL A 1 172 ? -0.581  -2.569  -12.542 0.500 17.784 0 172 VAL A CG1 1 ? 
ATOM   1188 C  CG2 A VAL A 1 172 ? -1.538  -3.149  -14.231 0.500 33.300 0 172 VAL A CG2 1 ? 
ATOM   1189 C  CG2 B VAL A 1 172 ? -2.498  -1.309  -13.556 0.500 21.379 0 172 VAL A CG2 1 ? 
ATOM   1190 N  N   . GLN A 1 173 ? 2.080   -1.675  -14.007 1.000 25.069 0 173 GLN A N   1 ? 
ATOM   1191 C  CA  . GLN A 1 173 ? 3.327   -2.409  -14.051 1.000 27.216 0 173 GLN A CA  1 ? 
ATOM   1192 C  C   . GLN A 1 173 ? 3.054   -3.911  -14.086 1.000 25.843 0 173 GLN A C   1 ? 
ATOM   1193 O  O   . GLN A 1 173 ? 2.165   -4.393  -13.388 1.000 24.348 0 173 GLN A O   1 ? 
ATOM   1194 C  CB  . GLN A 1 173 ? 4.185   -2.164  -12.819 1.000 26.865 0 173 GLN A CB  1 ? 
ATOM   1195 C  CG  . GLN A 1 173 ? 5.605   -2.648  -13.053 1.000 32.460 0 173 GLN A CG  1 ? 
ATOM   1196 C  CD  . GLN A 1 173 ? 6.502   -2.306  -11.898 1.000 32.401 0 173 GLN A CD  1 ? 
ATOM   1197 O  OE1 . GLN A 1 173 ? 6.027   -2.021  -10.791 1.000 41.421 0 173 GLN A OE1 1 ? 
ATOM   1198 N  NE2 . GLN A 1 173 ? 7.807   -2.321  -12.140 1.000 36.720 0 173 GLN A NE2 1 ? 
ATOM   1199 N  N   . GLY A 1 174 ? 3.822   -4.604  -14.929 1.000 28.785 0 174 GLY A N   1 ? 
ATOM   1200 C  CA  . GLY A 1 174 ? 3.635   -6.022  -15.210 1.000 29.395 0 174 GLY A CA  1 ? 
ATOM   1201 C  C   . GLY A 1 174 ? 2.734   -6.273  -16.430 1.000 30.744 0 174 GLY A C   1 ? 
ATOM   1202 O  O   . GLY A 1 174 ? 2.640   -7.411  -16.915 1.000 29.875 0 174 GLY A O   1 ? 
ATOM   1203 N  N   . ASP A 1 175 ? 2.024   -5.240  -16.913 1.000 28.783 0 175 ASP A N   1 ? 
ATOM   1204 C  CA  . ASP A 1 175 ? 1.053   -5.439  -17.987 1.000 26.285 0 175 ASP A CA  1 ? 
ATOM   1205 C  C   . ASP A 1 175 ? 1.742   -6.072  -19.199 1.000 26.291 0 175 ASP A C   1 ? 
ATOM   1206 O  O   . ASP A 1 175 ? 1.125   -6.847  -19.946 1.000 27.097 0 175 ASP A O   1 ? 
ATOM   1207 C  CB  . ASP A 1 175 ? 0.312   -4.160  -18.334 1.000 25.327 0 175 ASP A CB  1 ? 
ATOM   1208 C  CG  . ASP A 1 175 ? -0.951  -3.866  -17.523 1.000 21.096 0 175 ASP A CG  1 ? 
ATOM   1209 O  OD1 . ASP A 1 175 ? -1.343  -4.673  -16.685 1.000 25.266 0 175 ASP A OD1 1 ? 
ATOM   1210 O  OD2 . ASP A 1 175 ? -1.554  -2.792  -17.724 1.000 25.343 0 175 ASP A OD2 1 ? 
ATOM   1211 N  N   . PHE A 1 176 ? 3.008   -5.702  -19.378 1.000 28.095 0 176 PHE A N   1 ? 
ATOM   1212 C  CA  . PHE A 1 176 ? 3.862   -6.153  -20.452 1.000 32.000 0 176 PHE A CA  1 ? 
ATOM   1213 C  C   . PHE A 1 176 ? 5.053   -6.799  -19.751 1.000 41.523 0 176 PHE A C   1 ? 
ATOM   1214 O  O   . PHE A 1 176 ? 5.187   -8.010  -19.780 1.000 52.782 0 176 PHE A O   1 ? 
ATOM   1215 C  CB  . PHE A 1 176 ? 4.248   -4.996  -21.390 1.000 30.291 0 176 PHE A CB  1 ? 
ATOM   1216 C  CG  . PHE A 1 176 ? 3.154   -3.960  -21.639 1.000 30.331 0 176 PHE A CG  1 ? 
ATOM   1217 C  CD1 . PHE A 1 176 ? 2.143   -4.170  -22.577 1.000 29.579 0 176 PHE A CD1 1 ? 
ATOM   1218 C  CD2 . PHE A 1 176 ? 3.167   -2.753  -20.953 1.000 26.147 0 176 PHE A CD2 1 ? 
ATOM   1219 C  CE1 . PHE A 1 176 ? 1.160   -3.205  -22.787 1.000 30.731 0 176 PHE A CE1 1 ? 
ATOM   1220 C  CE2 . PHE A 1 176 ? 2.189   -1.794  -21.164 1.000 27.853 0 176 PHE A CE2 1 ? 
ATOM   1221 C  CZ  . PHE A 1 176 ? 1.190   -2.013  -22.085 1.000 26.974 0 176 PHE A CZ  1 ? 
ATOM   1222 N  N   . GLY A 1 177 ? 5.856   -5.978  -19.048 1.000 48.237 0 177 GLY A N   1 ? 
ATOM   1223 C  CA  . GLY A 1 177 ? 7.077   -6.423  -18.388 1.000 42.921 0 177 GLY A CA  1 ? 
ATOM   1224 C  C   . GLY A 1 177 ? 6.839   -7.542  -17.395 1.000 42.280 0 177 GLY A C   1 ? 
ATOM   1225 O  O   . GLY A 1 177 ? 7.441   -8.625  -17.623 1.000 39.614 0 177 GLY A O   1 ? 
HETATM 1226 CA CA  . CA  B 2 .   ? 6.730   -10.054 8.881   1.000 24.568 0 201 CA  A CA  1 ? 
HETATM 1227 O  O   . HOH C 3 .   ? 3.028   12.181  -20.187 1.000 34.915 0 301 HOH A O   1 ? 
HETATM 1228 O  O   . HOH C 3 .   ? 3.607   0.011   19.683  1.000 35.319 0 302 HOH A O   1 ? 
HETATM 1229 O  O   . HOH C 3 .   ? 4.013   -4.091  18.715  1.000 32.768 0 303 HOH A O   1 ? 
HETATM 1230 O  O   . HOH C 3 .   ? 3.792   15.362  3.152   1.000 34.926 0 304 HOH A O   1 ? 
HETATM 1231 O  O   . HOH C 3 .   ? -11.085 11.707  -6.129  1.000 35.608 0 305 HOH A O   1 ? 
HETATM 1232 O  O   . HOH C 3 .   ? 6.374   9.367   11.303  1.000 45.509 0 306 HOH A O   1 ? 
HETATM 1233 O  O   . HOH C 3 .   ? -9.362  -1.459  -3.219  1.000 32.050 0 307 HOH A O   1 ? 
HETATM 1234 O  O   . HOH C 3 .   ? -4.112  -14.590 3.492   1.000 29.479 0 308 HOH A O   1 ? 
HETATM 1235 O  O   . HOH C 3 .   ? 8.003   1.793   15.455  1.000 26.672 0 309 HOH A O   1 ? 
HETATM 1236 O  O   . HOH C 3 .   ? -7.206  -5.102  -13.065 1.000 22.833 0 310 HOH A O   1 ? 
HETATM 1237 O  O   . HOH C 3 .   ? 10.091  -3.575  -7.305  1.000 31.258 0 311 HOH A O   1 ? 
HETATM 1238 O  O   . HOH C 3 .   ? 6.046   14.788  1.531   1.000 39.874 0 312 HOH A O   1 ? 
HETATM 1239 O  O   . HOH C 3 .   ? 0.114   -17.968 2.849   1.000 32.159 0 313 HOH A O   1 ? 
HETATM 1240 O  O   . HOH C 3 .   ? 2.356   -0.693  -17.964 1.000 23.642 0 314 HOH A O   1 ? 
HETATM 1241 O  O   . HOH C 3 .   ? 8.784   -0.398  -9.590  1.000 30.089 0 315 HOH A O   1 ? 
HETATM 1242 O  O   . HOH C 3 .   ? 2.387   10.931  -9.349  1.000 28.093 0 316 HOH A O   1 ? 
HETATM 1243 O  O   . HOH C 3 .   ? 2.688   16.234  7.092   1.000 37.897 0 317 HOH A O   1 ? 
HETATM 1244 O  O   . HOH C 3 .   ? 12.060  -13.792 1.907   1.000 28.550 0 318 HOH A O   1 ? 
HETATM 1245 O  O   . HOH C 3 .   ? 2.771   -14.422 2.326   1.000 22.909 0 319 HOH A O   1 ? 
HETATM 1246 O  O   . HOH C 3 .   ? 5.593   12.959  -12.153 1.000 35.014 0 320 HOH A O   1 ? 
HETATM 1247 O  O   . HOH C 3 .   ? 0.210   6.614   17.257  1.000 27.948 0 321 HOH A O   1 ? 
HETATM 1248 O  O   . HOH C 3 .   ? -9.182  6.152   -16.273 1.000 37.962 0 322 HOH A O   1 ? 
HETATM 1249 O  O   . HOH C 3 .   ? -6.540  8.925   -7.531  1.000 21.807 0 323 HOH A O   1 ? 
HETATM 1250 O  O   . HOH C 3 .   ? 7.958   -4.687  -4.150  1.000 30.782 0 324 HOH A O   1 ? 
HETATM 1251 O  O   . HOH C 3 .   ? 5.651   8.319   7.542   1.000 24.859 0 325 HOH A O   1 ? 
HETATM 1252 O  O   . HOH C 3 .   ? 2.389   -5.343  14.908  1.000 39.251 0 326 HOH A O   1 ? 
HETATM 1253 O  O   . HOH C 3 .   ? 7.026   6.533   -0.234  1.000 17.814 0 327 HOH A O   1 ? 
HETATM 1254 O  O   . HOH C 3 .   ? -15.378 -7.465  6.069   1.000 29.158 0 328 HOH A O   1 ? 
HETATM 1255 O  O   . HOH C 3 .   ? -0.083  10.810  -21.130 1.000 41.913 0 329 HOH A O   1 ? 
HETATM 1256 O  O   . HOH C 3 .   ? 1.814   0.758   -12.263 1.000 18.699 0 330 HOH A O   1 ? 
HETATM 1257 O  O   . HOH C 3 .   ? 1.323   2.583   -14.020 1.000 23.848 0 331 HOH A O   1 ? 
HETATM 1258 O  O   . HOH C 3 .   ? -3.516  -8.487  11.892  1.000 18.251 0 332 HOH A O   1 ? 
HETATM 1259 O  O   . HOH C 3 .   ? -7.460  16.074  -4.390  1.000 26.116 0 333 HOH A O   1 ? 
HETATM 1260 O  O   . HOH C 3 .   ? -8.885  6.740   -0.033  1.000 25.100 0 334 HOH A O   1 ? 
HETATM 1261 O  O   . HOH C 3 .   ? 9.984   -12.414 -2.122  1.000 31.388 0 335 HOH A O   1 ? 
HETATM 1262 O  O   . HOH C 3 .   ? -19.482 -4.891  13.888  1.000 36.415 0 336 HOH A O   1 ? 
HETATM 1263 O  O   . HOH C 3 .   ? -10.656 2.532   -9.024  1.000 28.388 0 337 HOH A O   1 ? 
HETATM 1264 O  O   . HOH C 3 .   ? -8.691  3.042   -3.454  1.000 26.752 0 338 HOH A O   1 ? 
HETATM 1265 O  O   . HOH C 3 .   ? 10.644  2.702   7.054   1.000 25.813 0 339 HOH A O   1 ? 
HETATM 1266 O  O   . HOH C 3 .   ? -9.295  0.052   19.778  1.000 30.958 0 340 HOH A O   1 ? 
HETATM 1267 O  O   . HOH C 3 .   ? 4.352   -16.627 -5.564  1.000 31.474 0 341 HOH A O   1 ? 
HETATM 1268 O  O   . HOH C 3 .   ? 12.970  2.016   10.848  1.000 29.549 0 342 HOH A O   1 ? 
HETATM 1269 O  O   . HOH C 3 .   ? -9.246  0.762   -2.018  1.000 28.730 0 343 HOH A O   1 ? 
HETATM 1270 O  O   . HOH C 3 .   ? 10.674  3.208   4.093   1.000 28.176 0 344 HOH A O   1 ? 
HETATM 1271 O  O   . HOH C 3 .   ? 6.289   -14.279 3.190   1.000 27.594 0 345 HOH A O   1 ? 
HETATM 1272 O  O   . HOH C 3 .   ? 5.416   9.417   14.510  1.000 37.330 0 346 HOH A O   1 ? 
HETATM 1273 O  O   . HOH C 3 .   ? -14.736 -18.584 -4.793  1.000 30.069 0 347 HOH A O   1 ? 
HETATM 1274 O  O   . HOH C 3 .   ? -10.468 7.212   -13.244 1.000 23.495 0 348 HOH A O   1 ? 
HETATM 1275 O  O   . HOH C 3 .   ? -10.039 3.953   0.136   1.000 18.861 0 349 HOH A O   1 ? 
HETATM 1276 O  O   . HOH C 3 .   ? -3.906  -3.745  -15.707 1.000 24.993 0 350 HOH A O   1 ? 
HETATM 1277 O  O   . HOH C 3 .   ? -9.052  -4.808  18.122  1.000 32.280 0 351 HOH A O   1 ? 
HETATM 1278 O  O   . HOH C 3 .   ? -6.579  11.717  15.312  1.000 31.158 0 352 HOH A O   1 ? 
HETATM 1279 O  O   . HOH C 3 .   ? -2.578  -13.820 9.553   1.000 30.351 0 353 HOH A O   1 ? 
HETATM 1280 O  O   . HOH C 3 .   ? -6.907  11.796  -19.207 1.000 39.045 0 354 HOH A O   1 ? 
HETATM 1281 O  O   . HOH C 3 .   ? 6.255   -12.249 9.338   1.000 22.602 0 355 HOH A O   1 ? 
HETATM 1282 O  O   . HOH C 3 .   ? 8.974   10.161  -15.081 1.000 40.851 0 356 HOH A O   1 ? 
HETATM 1283 O  O   . HOH C 3 .   ? 5.681   -9.597  10.802  1.000 26.538 0 357 HOH A O   1 ? 
HETATM 1284 O  O   . HOH C 3 .   ? -11.326 5.095   19.004  1.000 40.542 0 358 HOH A O   1 ? 
HETATM 1285 O  O   . HOH C 3 .   ? -1.516  -16.031 -11.266 1.000 29.750 0 359 HOH A O   1 ? 
HETATM 1286 O  O   . HOH C 3 .   ? -5.395  -12.984 -11.680 1.000 28.689 0 360 HOH A O   1 ? 
HETATM 1287 O  O   . HOH C 3 .   ? -14.527 3.704   22.022  1.000 45.789 0 361 HOH A O   1 ? 
HETATM 1288 O  O   . HOH C 3 .   ? 13.813  2.517   -5.828  1.000 27.721 0 362 HOH A O   1 ? 
HETATM 1289 O  O   . HOH C 3 .   ? 14.734  1.156   15.412  1.000 38.968 0 363 HOH A O   1 ? 
HETATM 1290 O  O   . HOH C 3 .   ? 11.404  -5.099  8.807   1.000 36.056 0 364 HOH A O   1 ? 
HETATM 1291 O  O   . HOH C 3 .   ? 5.357   -12.490 -8.588  1.000 30.143 0 365 HOH A O   1 ? 
HETATM 1292 O  O   . HOH C 3 .   ? 13.838  -9.721  -7.986  1.000 39.185 0 366 HOH A O   1 ? 
HETATM 1293 O  O   . HOH C 3 .   ? -0.236  -15.294 7.981   1.000 40.395 0 367 HOH A O   1 ? 
HETATM 1294 O  O   . HOH C 3 .   ? 10.707  -2.735  10.208  1.000 35.852 0 368 HOH A O   1 ? 
HETATM 1295 O  O   . HOH C 3 .   ? 8.972   -10.480 9.788   1.000 24.341 0 369 HOH A O   1 ? 
HETATM 1296 O  O   . HOH C 3 .   ? 0.046   -9.502  16.929  1.000 30.866 0 370 HOH A O   1 ? 
HETATM 1297 O  O   . HOH C 3 .   ? 9.962   -7.712  11.101  1.000 36.584 0 371 HOH A O   1 ? 
HETATM 1298 O  O   . HOH C 3 .   ? 11.262  15.307  -4.533  1.000 35.097 0 372 HOH A O   1 ? 
HETATM 1299 O  O   . HOH C 3 .   ? 2.692   -6.474  19.064  1.000 27.467 0 373 HOH A O   1 ? 
HETATM 1300 O  O   . HOH C 3 .   ? 1.381   -16.220 5.964   1.000 42.322 0 374 HOH A O   1 ? 
HETATM 1301 O  O   . HOH C 3 .   ? 11.404  -10.233 -2.508  1.000 37.400 0 375 HOH A O   1 ? 
HETATM 1302 O  O   . HOH C 3 .   ? -2.206  7.756   18.229  1.000 32.115 0 376 HOH A O   1 ? 
HETATM 1303 O  O   . HOH C 3 .   ? -4.812  -16.923 1.476   1.000 27.089 0 377 HOH A O   1 ? 
HETATM 1304 O  O   . HOH C 3 .   ? -10.760 4.155   -2.616  1.000 33.686 0 378 HOH A O   1 ? 
HETATM 1305 O  O   . HOH C 3 .   ? 16.749  13.768  -2.259  1.000 38.326 0 379 HOH A O   1 ? 
HETATM 1306 O  O   . HOH C 3 .   ? -11.673 0.276   -11.153 1.000 32.408 0 380 HOH A O   1 ? 
HETATM 1307 O  O   . HOH C 3 .   ? 6.490   -14.619 -3.292  1.000 34.959 0 381 HOH A O   1 ? 
HETATM 1308 O  O   . HOH C 3 .   ? 3.787   -12.300 12.782  1.000 38.053 0 382 HOH A O   1 ? 
HETATM 1309 O  O   . HOH C 3 .   ? 5.500   16.948  -2.399  1.000 40.481 0 383 HOH A O   1 ? 
HETATM 1310 O  O   . HOH C 3 .   ? 5.577   4.155   18.141  1.000 45.408 0 384 HOH A O   1 ? 
HETATM 1311 O  O   . HOH C 3 .   ? 15.626  -1.679  5.683   1.000 37.013 0 385 HOH A O   1 ? 
HETATM 1312 O  O   . HOH C 3 .   ? 10.348  -2.077  13.144  1.000 36.784 0 386 HOH A O   1 ? 
HETATM 1313 O  O   . HOH C 3 .   ? -0.975  -11.123 -13.376 1.000 30.957 0 387 HOH A O   1 ? 
HETATM 1314 O  O   . HOH C 3 .   ? -10.494 3.845   21.697  1.000 33.204 0 388 HOH A O   1 ? 
HETATM 1315 O  O   . HOH C 3 .   ? 15.886  -9.261  -10.116 1.000 41.153 0 389 HOH A O   1 ? 
HETATM 1316 O  O   . HOH C 3 .   ? -18.077 -7.919  5.868   1.000 32.957 0 390 HOH A O   1 ? 
HETATM 1317 O  O   . HOH C 3 .   ? 1.897   -7.727  16.744  1.000 31.367 0 391 HOH A O   1 ? 
HETATM 1318 O  O   . HOH C 3 .   ? 13.469  9.524   -17.277 1.000 34.384 0 392 HOH A O   1 ? 
HETATM 1319 O  O   . HOH C 3 .   ? 1.441   20.346  -10.622 1.000 35.288 0 393 HOH A O   1 ? 
HETATM 1320 O  O   . HOH C 3 .   ? 19.855  10.411  -0.799  0.500 41.450 0 394 HOH A O   1 ? 
HETATM 1321 O  O   . HOH C 3 .   ? -2.109  -18.997 9.560   1.000 36.306 0 395 HOH A O   1 ? 
# 
